data_3ZWY
#
_entry.id   3ZWY
#
_cell.length_a   60.286
_cell.length_b   77.013
_cell.length_c   140.338
_cell.angle_alpha   87.50
_cell.angle_beta   89.27
_cell.angle_gamma   88.99
#
_symmetry.space_group_name_H-M   'P 1'
#
loop_
_entity.id
_entity.type
_entity.pdbx_description
1 polymer 'ADP-RIBOSYL CYCLASE'
2 non-polymer '[(2R,3S,4R,5R)-5-(6-amino-8-bromo-9H-purin-9-yl)-3,4-dihydroxytetrahydrofuran-2-yl]methyl [(2R,3S,4S)-3,4-dihydroxytetrahydrofuran-2-yl]methyl dihydrogen diphosphate'
3 non-polymer '(2R,3R,4S,5R,13R,14S,15R,16R)-24-amino-18-bromo-3,4,14,15-tetrahydroxy-7,9,11,25,26-pentaoxa-17,19,22-triaza-1-azonia-8 ,10-diphosphapentacyclo[18.3.1.1^2,5^.1^13,16^.0^17,21^]hexacosa-1(24),18,20,22-tetraene-8,10-diolate 8,10-dioxide'
4 water water
#
_entity_poly.entity_id   1
_entity_poly.type   'polypeptide(L)'
_entity_poly.pdbx_seq_one_letter_code
;AAIVPTRELENVFLGRCKDYEITRYLDILPRVRSDCSALWKDFFKAFSFKNPCDLDLGSYKDFFTSAQQQLPKNKVMFWS
GVYDEAHDYANTGRKYITLEDTLPGYMLNSLVWCGQRANPGFNEKVCPDFKTCPVQARESFWGMASSSYAHSAEGEVTYM
VDGSNPKVPAYRPDSFFGKYELPNLTNKVTRVKVIVLHRLGEKIIEKCGAGSLLDLEKLVKAKHFAFDCVENPRAVLFLL
CSDNPNARECRLAKRFYRIA
;
_entity_poly.pdbx_strand_id   A,B,C,D,E,F,G,H
#
loop_
_chem_comp.id
_chem_comp.type
_chem_comp.name
_chem_comp.formula
AV1 non-polymer '[(2R,3S,4R,5R)-5-(6-amino-8-bromo-9H-purin-9-yl)-3,4-dihydroxytetrahydrofuran-2-yl]methyl [(2R,3S,4S)-3,4-dihydroxytetrahydrofuran-2-yl]methyl dihydrogen diphosphate' 'C15 H22 Br N5 O13 P2'
CV1 non-polymer '(2R,3R,4S,5R,13R,14S,15R,16R)-24-amino-18-bromo-3,4,14,15-tetrahydroxy-7,9,11,25,26-pentaoxa-17,19,22-triaza-1-azonia-8 ,10-diphosphapentacyclo[18.3.1.1^2,5^.1^13,16^.0^17,21^]hexacosa-1(24),18,20,22-tetraene-8,10-diolate 8,10-dioxide' 'C15 H21 Br N5 O13 P2 1'
#
# COMPACT_ATOMS: atom_id res chain seq x y z
N ILE A 3 23.86 -1.18 -14.68
CA ILE A 3 22.89 -0.12 -15.10
C ILE A 3 21.40 -0.55 -15.01
N VAL A 4 20.50 0.35 -14.57
CA VAL A 4 19.05 0.02 -14.42
C VAL A 4 18.15 0.56 -15.54
N PRO A 5 17.41 -0.32 -16.22
CA PRO A 5 16.52 0.26 -17.25
C PRO A 5 15.36 1.05 -16.62
N THR A 6 14.86 2.03 -17.35
CA THR A 6 13.59 2.66 -17.09
C THR A 6 12.47 1.63 -16.93
N ARG A 7 11.73 1.77 -15.84
CA ARG A 7 10.52 0.94 -15.68
C ARG A 7 9.39 1.34 -16.60
N GLU A 8 8.59 0.37 -16.98
CA GLU A 8 7.39 0.61 -17.76
C GLU A 8 7.79 1.38 -19.02
N LEU A 9 8.68 0.78 -19.80
CA LEU A 9 9.25 1.46 -20.93
C LEU A 9 8.18 1.85 -21.94
N GLU A 10 7.30 0.92 -22.26
CA GLU A 10 6.18 1.25 -23.17
C GLU A 10 5.25 2.37 -22.62
N ASN A 11 4.88 2.29 -21.35
CA ASN A 11 4.04 3.33 -20.76
C ASN A 11 4.76 4.68 -20.78
N VAL A 12 6.06 4.73 -20.51
CA VAL A 12 6.75 6.01 -20.54
C VAL A 12 6.81 6.57 -21.95
N PHE A 13 7.14 5.71 -22.91
CA PHE A 13 7.26 6.11 -24.33
C PHE A 13 5.94 6.69 -24.84
N LEU A 14 4.89 5.89 -24.70
CA LEU A 14 3.53 6.26 -25.10
C LEU A 14 3.03 7.51 -24.41
N GLY A 15 3.21 7.58 -23.11
CA GLY A 15 2.89 8.79 -22.38
C GLY A 15 3.64 10.04 -22.86
N ARG A 16 4.94 10.01 -23.03
CA ARG A 16 5.60 11.18 -23.56
C ARG A 16 5.11 11.48 -24.99
N CYS A 17 4.80 10.44 -25.78
CA CYS A 17 4.56 10.66 -27.18
C CYS A 17 3.21 11.41 -27.26
N LYS A 18 2.22 10.91 -26.53
CA LYS A 18 0.95 11.54 -26.50
C LYS A 18 1.06 12.94 -25.86
N ASP A 19 1.76 13.08 -24.73
CA ASP A 19 1.95 14.46 -24.17
C ASP A 19 2.49 15.39 -25.31
N TYR A 20 3.61 14.98 -25.92
CA TYR A 20 4.24 15.73 -27.00
C TYR A 20 3.35 16.09 -28.18
N GLU A 21 2.68 15.06 -28.71
CA GLU A 21 1.77 15.16 -29.86
C GLU A 21 0.71 16.23 -29.69
N ILE A 22 0.10 16.24 -28.50
CA ILE A 22 -1.04 17.15 -28.22
C ILE A 22 -0.66 18.53 -27.68
N THR A 23 0.44 18.63 -26.94
CA THR A 23 0.64 19.87 -26.20
C THR A 23 2.03 20.46 -26.34
N ARG A 24 2.97 19.79 -26.95
CA ARG A 24 4.35 20.28 -26.88
C ARG A 24 4.88 20.76 -28.20
N TYR A 25 5.53 21.92 -28.18
CA TYR A 25 6.11 22.58 -29.37
C TYR A 25 5.14 22.88 -30.52
N LEU A 26 3.89 23.16 -30.16
CA LEU A 26 2.85 23.27 -31.16
C LEU A 26 3.15 24.34 -32.22
N ASP A 27 3.72 25.48 -31.83
CA ASP A 27 3.99 26.56 -32.81
C ASP A 27 5.38 26.49 -33.41
N ILE A 28 6.14 25.44 -33.09
CA ILE A 28 7.56 25.36 -33.41
C ILE A 28 7.98 24.15 -34.28
N LEU A 29 7.35 23.02 -34.02
CA LEU A 29 7.68 21.77 -34.68
C LEU A 29 6.39 21.10 -35.09
N PRO A 30 6.40 20.53 -36.31
CA PRO A 30 5.26 19.89 -36.95
C PRO A 30 4.96 18.60 -36.23
N ARG A 31 3.71 18.17 -36.20
CA ARG A 31 3.42 16.79 -35.82
C ARG A 31 3.71 15.83 -36.97
N VAL A 32 4.11 14.65 -36.57
CA VAL A 32 4.40 13.52 -37.45
C VAL A 32 3.09 12.78 -37.87
N ARG A 33 3.15 12.01 -38.97
CA ARG A 33 2.02 11.29 -39.57
C ARG A 33 1.61 10.13 -38.69
N SER A 34 2.60 9.28 -38.35
CA SER A 34 2.39 8.05 -37.56
C SER A 34 1.83 8.36 -36.20
N ASP A 35 0.95 7.50 -35.75
CA ASP A 35 0.44 7.62 -34.42
C ASP A 35 1.39 6.92 -33.40
N CYS A 36 1.16 7.20 -32.12
CA CYS A 36 2.04 6.73 -31.03
C CYS A 36 2.21 5.21 -30.98
N SER A 37 1.13 4.46 -31.20
CA SER A 37 1.31 3.01 -31.19
C SER A 37 2.20 2.51 -32.35
N ALA A 38 2.04 3.03 -33.54
CA ALA A 38 2.95 2.70 -34.66
C ALA A 38 4.40 3.13 -34.41
N LEU A 39 4.61 4.30 -33.81
CA LEU A 39 5.96 4.74 -33.47
C LEU A 39 6.64 3.85 -32.44
N TRP A 40 5.84 3.30 -31.53
CA TRP A 40 6.34 2.30 -30.57
C TRP A 40 6.79 1.01 -31.25
N LYS A 41 5.99 0.52 -32.20
CA LYS A 41 6.35 -0.71 -32.92
C LYS A 41 7.69 -0.60 -33.64
N ASP A 42 7.88 0.48 -34.40
CA ASP A 42 9.19 0.71 -35.05
C ASP A 42 10.31 0.80 -34.06
N PHE A 43 10.06 1.50 -32.98
CA PHE A 43 11.05 1.64 -31.93
C PHE A 43 11.38 0.29 -31.32
N PHE A 44 10.35 -0.47 -30.97
CA PHE A 44 10.55 -1.77 -30.36
C PHE A 44 11.20 -2.77 -31.29
N LYS A 45 10.71 -2.83 -32.53
CA LYS A 45 11.31 -3.75 -33.53
C LYS A 45 12.82 -3.67 -33.49
N ALA A 46 13.28 -2.46 -33.30
CA ALA A 46 14.67 -2.09 -33.57
C ALA A 46 15.62 -2.84 -32.66
N PHE A 47 15.28 -2.96 -31.38
CA PHE A 47 16.16 -3.66 -30.43
C PHE A 47 15.60 -4.97 -29.80
N SER A 48 14.30 -5.26 -29.95
CA SER A 48 13.70 -6.39 -29.21
C SER A 48 14.02 -7.78 -29.75
N PHE A 49 14.12 -8.76 -28.86
CA PHE A 49 14.43 -10.19 -29.24
C PHE A 49 15.76 -10.30 -29.95
N LYS A 50 16.69 -9.41 -29.58
CA LYS A 50 18.11 -9.47 -29.95
C LYS A 50 18.94 -9.36 -28.66
N ASN A 51 20.21 -9.75 -28.72
CA ASN A 51 21.14 -9.46 -27.66
C ASN A 51 21.16 -7.97 -27.50
N PRO A 52 21.32 -7.49 -26.27
CA PRO A 52 21.39 -6.06 -26.04
C PRO A 52 22.62 -5.42 -26.65
N CYS A 53 23.33 -6.17 -27.48
CA CYS A 53 24.53 -5.71 -28.16
C CYS A 53 24.53 -5.88 -29.69
N ASP A 54 23.56 -6.60 -30.27
CA ASP A 54 23.55 -6.82 -31.76
C ASP A 54 22.95 -5.65 -32.63
N LEU A 55 23.19 -4.43 -32.18
CA LEU A 55 22.62 -3.25 -32.77
C LEU A 55 23.67 -2.55 -33.62
N ASP A 56 23.22 -1.82 -34.63
CA ASP A 56 24.10 -1.12 -35.56
C ASP A 56 23.47 0.20 -36.02
N LEU A 57 24.22 1.00 -36.77
CA LEU A 57 23.71 2.29 -37.22
C LEU A 57 22.30 2.21 -37.83
N GLY A 58 21.92 1.04 -38.36
CA GLY A 58 20.64 0.89 -39.01
C GLY A 58 19.49 0.34 -38.19
N SER A 59 19.75 -0.05 -36.95
CA SER A 59 18.72 -0.78 -36.24
C SER A 59 17.44 0.03 -36.17
N TYR A 60 17.54 1.32 -35.86
CA TYR A 60 16.41 2.23 -35.68
C TYR A 60 16.04 3.11 -36.90
N LYS A 61 16.50 2.77 -38.10
CA LYS A 61 16.27 3.56 -39.31
C LYS A 61 14.79 3.80 -39.44
N ASP A 62 14.01 2.72 -39.47
CA ASP A 62 12.55 2.81 -39.56
C ASP A 62 11.99 3.77 -38.54
N PHE A 63 12.36 3.58 -37.28
CA PHE A 63 11.88 4.47 -36.25
C PHE A 63 12.16 5.94 -36.59
N PHE A 64 13.43 6.25 -36.89
CA PHE A 64 13.79 7.65 -37.16
C PHE A 64 13.13 8.24 -38.38
N THR A 65 12.80 7.38 -39.35
CA THR A 65 12.06 7.79 -40.54
C THR A 65 10.59 8.07 -40.19
N SER A 66 9.88 7.20 -39.45
CA SER A 66 8.55 7.63 -38.97
C SER A 66 8.65 8.93 -38.14
N ALA A 67 9.72 9.11 -37.40
CA ALA A 67 9.70 10.08 -36.30
C ALA A 67 10.31 11.40 -36.70
N GLN A 68 10.85 11.52 -37.90
CA GLN A 68 11.58 12.74 -38.23
C GLN A 68 10.64 13.89 -38.57
N GLN A 69 10.91 15.05 -38.01
CA GLN A 69 10.11 16.19 -38.26
C GLN A 69 10.93 17.14 -39.14
N GLN A 70 10.29 17.88 -40.03
CA GLN A 70 10.99 19.07 -40.60
C GLN A 70 11.30 20.08 -39.48
N LEU A 71 12.37 20.83 -39.71
CA LEU A 71 13.02 21.59 -38.69
C LEU A 71 13.17 22.99 -39.10
N PRO A 72 12.93 23.94 -38.17
CA PRO A 72 12.93 25.36 -38.50
C PRO A 72 14.28 25.85 -38.94
N LYS A 73 14.23 26.57 -40.03
CA LYS A 73 15.40 26.97 -40.73
C LYS A 73 16.18 27.98 -39.87
N ASN A 74 17.50 27.83 -39.86
CA ASN A 74 18.32 28.65 -39.00
C ASN A 74 18.26 28.34 -37.48
N LYS A 75 17.33 27.48 -37.02
CA LYS A 75 17.11 27.25 -35.58
C LYS A 75 17.85 26.04 -34.94
N VAL A 76 18.45 25.22 -35.80
CA VAL A 76 19.04 23.98 -35.37
C VAL A 76 20.37 24.19 -34.66
N MET A 77 20.44 23.70 -33.43
CA MET A 77 21.64 23.76 -32.67
C MET A 77 22.10 22.42 -32.25
N PHE A 78 23.43 22.26 -32.29
CA PHE A 78 24.13 21.08 -31.83
C PHE A 78 25.03 21.46 -30.66
N TRP A 79 25.25 20.53 -29.75
CA TRP A 79 26.02 20.81 -28.56
C TRP A 79 27.05 19.74 -28.21
N SER A 80 28.18 20.14 -27.61
CA SER A 80 29.09 19.14 -26.97
C SER A 80 29.52 19.56 -25.57
N GLY A 81 29.24 18.68 -24.60
CA GLY A 81 29.82 18.80 -23.29
C GLY A 81 29.36 20.01 -22.53
N VAL A 82 28.20 20.55 -22.92
CA VAL A 82 27.49 21.60 -22.21
C VAL A 82 25.96 21.43 -22.15
N TYR A 83 25.45 20.23 -21.89
CA TYR A 83 23.99 20.02 -21.88
C TYR A 83 23.25 21.17 -21.24
N ASP A 84 23.57 21.44 -19.98
CA ASP A 84 22.77 22.43 -19.24
C ASP A 84 22.82 23.84 -19.86
N GLU A 85 23.97 24.29 -20.30
CA GLU A 85 24.08 25.63 -20.87
C GLU A 85 23.46 25.84 -22.27
N ALA A 86 23.73 24.89 -23.19
CA ALA A 86 23.09 24.87 -24.46
C ALA A 86 21.58 24.70 -24.25
N HIS A 87 21.12 23.88 -23.29
CA HIS A 87 19.65 23.78 -23.12
C HIS A 87 18.96 25.00 -22.55
N ASP A 88 19.52 25.58 -21.49
CA ASP A 88 18.98 26.84 -21.02
C ASP A 88 19.03 27.93 -22.12
N TYR A 89 20.13 27.99 -22.87
CA TYR A 89 20.26 29.03 -23.87
C TYR A 89 19.20 28.92 -24.98
N ALA A 90 19.00 27.70 -25.48
CA ALA A 90 18.05 27.42 -26.55
C ALA A 90 16.64 27.60 -26.05
N ASN A 91 16.49 27.44 -24.75
CA ASN A 91 15.26 27.86 -24.11
C ASN A 91 13.99 27.18 -24.62
N THR A 92 13.86 25.87 -24.43
CA THR A 92 12.65 25.09 -24.88
C THR A 92 12.18 25.38 -26.32
N GLY A 93 13.14 25.48 -27.24
CA GLY A 93 12.82 25.75 -28.63
C GLY A 93 12.39 27.19 -28.91
N ARG A 94 12.32 28.06 -27.90
CA ARG A 94 12.14 29.47 -28.24
C ARG A 94 13.36 30.13 -28.96
N LYS A 95 14.60 29.89 -28.51
CA LYS A 95 15.70 30.51 -29.25
C LYS A 95 16.30 29.57 -30.28
N TYR A 96 16.60 28.34 -29.87
CA TYR A 96 16.91 27.29 -30.80
C TYR A 96 16.17 26.05 -30.49
N ILE A 97 16.19 25.17 -31.48
CA ILE A 97 15.84 23.75 -31.35
C ILE A 97 17.09 22.90 -30.99
N THR A 98 16.95 21.97 -30.05
CA THR A 98 17.98 20.94 -29.88
C THR A 98 17.32 19.60 -30.21
N LEU A 99 18.11 18.53 -30.12
CA LEU A 99 17.59 17.23 -30.49
C LEU A 99 16.52 16.81 -29.47
N GLU A 100 16.63 17.32 -28.24
CA GLU A 100 15.87 16.86 -27.09
C GLU A 100 14.52 17.52 -27.10
N ASP A 101 14.43 18.51 -27.99
CA ASP A 101 13.16 19.15 -28.35
C ASP A 101 12.37 18.39 -29.39
N THR A 102 13.04 17.60 -30.23
CA THR A 102 12.31 16.93 -31.34
C THR A 102 11.59 15.70 -30.83
N LEU A 103 10.65 15.17 -31.59
CA LEU A 103 9.78 14.08 -31.07
C LEU A 103 10.58 12.93 -30.54
N PRO A 104 11.58 12.48 -31.32
CA PRO A 104 12.31 11.31 -30.78
C PRO A 104 13.23 11.68 -29.63
N GLY A 105 13.85 12.85 -29.71
CA GLY A 105 14.75 13.24 -28.63
C GLY A 105 13.95 13.33 -27.37
N TYR A 106 12.83 14.04 -27.41
CA TYR A 106 11.99 14.20 -26.26
C TYR A 106 11.54 12.88 -25.65
N MET A 107 11.15 11.91 -26.49
CA MET A 107 10.57 10.67 -25.99
C MET A 107 11.63 9.83 -25.29
N LEU A 108 12.83 9.79 -25.84
CA LEU A 108 13.87 8.90 -25.30
C LEU A 108 14.88 9.56 -24.37
N ASN A 109 14.82 10.87 -24.20
CA ASN A 109 15.81 11.55 -23.36
C ASN A 109 15.88 10.95 -22.00
N SER A 110 17.10 10.66 -21.56
CA SER A 110 17.37 10.02 -20.25
C SER A 110 17.01 8.55 -20.13
N LEU A 111 16.22 8.01 -21.04
CA LEU A 111 15.69 6.66 -20.78
C LEU A 111 16.75 5.58 -20.94
N VAL A 112 16.63 4.54 -20.12
CA VAL A 112 17.51 3.40 -20.25
C VAL A 112 16.72 2.12 -20.65
N TRP A 113 17.18 1.47 -21.71
CA TRP A 113 16.55 0.23 -22.24
C TRP A 113 17.56 -0.60 -23.04
N CYS A 114 17.28 -1.89 -23.23
CA CYS A 114 18.11 -2.88 -23.95
C CYS A 114 17.25 -4.12 -24.27
N GLY A 115 17.59 -4.78 -25.39
CA GLY A 115 16.91 -6.01 -25.77
C GLY A 115 17.49 -7.24 -25.07
N GLN A 116 16.71 -8.32 -25.08
CA GLN A 116 17.16 -9.65 -24.70
C GLN A 116 16.52 -10.55 -25.73
N ARG A 117 17.01 -11.78 -25.82
CA ARG A 117 16.59 -12.72 -26.87
C ARG A 117 15.40 -13.53 -26.42
N ALA A 118 15.37 -13.87 -25.15
CA ALA A 118 14.22 -14.56 -24.56
C ALA A 118 13.04 -13.62 -24.34
N ASN A 119 11.84 -14.19 -24.29
CA ASN A 119 10.62 -13.42 -24.00
C ASN A 119 10.84 -12.66 -22.69
N PRO A 120 10.43 -11.40 -22.63
CA PRO A 120 9.64 -10.68 -23.61
C PRO A 120 10.46 -9.81 -24.53
N GLY A 121 11.75 -10.10 -24.68
CA GLY A 121 12.60 -9.45 -25.70
C GLY A 121 13.29 -8.18 -25.24
N PHE A 122 13.10 -7.83 -23.98
CA PHE A 122 13.79 -6.67 -23.45
C PHE A 122 14.08 -6.92 -21.98
N ASN A 123 15.26 -6.50 -21.54
CA ASN A 123 15.63 -6.72 -20.15
C ASN A 123 15.11 -5.60 -19.29
N GLU A 124 14.13 -5.96 -18.49
CA GLU A 124 13.41 -5.05 -17.63
C GLU A 124 14.20 -4.77 -16.35
N LYS A 125 15.32 -5.48 -16.20
CA LYS A 125 16.05 -5.49 -14.94
C LYS A 125 17.53 -5.08 -15.00
N VAL A 126 18.19 -5.36 -16.11
CA VAL A 126 19.61 -5.08 -16.19
C VAL A 126 20.12 -4.88 -17.63
N CYS A 127 20.88 -3.81 -17.81
CA CYS A 127 21.41 -3.51 -19.11
C CYS A 127 22.91 -3.42 -19.07
N PRO A 128 23.57 -4.11 -19.99
CA PRO A 128 24.99 -3.98 -20.32
C PRO A 128 25.53 -2.57 -20.12
N ASP A 129 26.84 -2.46 -19.95
CA ASP A 129 27.46 -1.14 -19.76
C ASP A 129 28.23 -0.60 -20.96
N PHE A 130 28.61 0.68 -20.84
CA PHE A 130 29.45 1.45 -21.77
C PHE A 130 30.53 0.60 -22.45
N LYS A 131 31.68 0.43 -21.82
CA LYS A 131 32.82 -0.17 -22.53
C LYS A 131 32.62 -1.63 -22.93
N THR A 132 31.42 -2.18 -22.74
CA THR A 132 31.28 -3.62 -22.97
C THR A 132 30.83 -3.99 -24.38
N CYS A 133 30.08 -3.09 -24.99
CA CYS A 133 29.34 -3.37 -26.19
C CYS A 133 30.09 -2.62 -27.31
N PRO A 134 30.09 -3.14 -28.56
CA PRO A 134 30.85 -2.48 -29.66
C PRO A 134 30.42 -1.02 -29.97
N VAL A 135 31.34 -0.21 -30.51
CA VAL A 135 31.07 1.21 -30.73
C VAL A 135 29.82 1.46 -31.56
N GLN A 136 29.62 0.69 -32.63
CA GLN A 136 28.42 0.86 -33.46
C GLN A 136 27.10 0.59 -32.72
N ALA A 137 27.14 -0.20 -31.64
CA ALA A 137 25.93 -0.56 -30.91
C ALA A 137 25.69 0.38 -29.71
N ARG A 138 26.78 0.91 -29.15
CA ARG A 138 26.76 2.01 -28.17
C ARG A 138 25.96 3.21 -28.74
N GLU A 139 26.21 3.54 -29.99
CA GLU A 139 25.76 4.78 -30.61
C GLU A 139 24.64 4.50 -31.62
N SER A 140 24.11 3.29 -31.59
CA SER A 140 23.06 2.90 -32.53
C SER A 140 21.82 3.77 -32.42
N PHE A 141 21.40 4.10 -31.23
CA PHE A 141 20.29 4.99 -31.10
C PHE A 141 20.65 6.51 -31.22
N TRP A 142 21.32 7.09 -30.24
CA TRP A 142 21.59 8.52 -30.32
C TRP A 142 22.40 8.89 -31.55
N GLY A 143 23.23 7.96 -32.02
CA GLY A 143 23.98 8.14 -33.30
C GLY A 143 23.03 8.39 -34.46
N MET A 144 21.94 7.62 -34.49
CA MET A 144 20.98 7.72 -35.60
C MET A 144 20.02 8.88 -35.46
N ALA A 145 19.55 9.17 -34.24
CA ALA A 145 18.93 10.43 -33.94
C ALA A 145 19.74 11.63 -34.48
N SER A 146 21.03 11.68 -34.17
CA SER A 146 21.86 12.82 -34.56
C SER A 146 21.98 12.89 -36.03
N SER A 147 22.24 11.76 -36.69
CA SER A 147 22.25 11.73 -38.13
C SER A 147 20.96 12.28 -38.74
N SER A 148 19.82 11.71 -38.38
CA SER A 148 18.54 12.08 -38.96
C SER A 148 18.27 13.58 -38.65
N TYR A 149 18.45 13.97 -37.40
CA TYR A 149 18.34 15.36 -36.98
C TYR A 149 19.29 16.24 -37.78
N ALA A 150 20.57 15.92 -37.80
CA ALA A 150 21.47 16.74 -38.58
C ALA A 150 21.03 16.82 -40.03
N HIS A 151 20.43 15.75 -40.53
CA HIS A 151 20.17 15.61 -41.96
C HIS A 151 19.00 16.55 -42.32
N SER A 152 18.13 16.82 -41.35
CA SER A 152 17.01 17.74 -41.54
C SER A 152 17.39 19.21 -41.31
N ALA A 153 18.64 19.52 -40.97
CA ALA A 153 18.97 20.93 -40.68
C ALA A 153 18.97 21.75 -41.94
N GLU A 154 18.47 22.98 -41.86
CA GLU A 154 18.47 23.92 -42.98
C GLU A 154 18.89 25.30 -42.56
N GLY A 155 19.54 25.99 -43.50
CA GLY A 155 20.10 27.32 -43.31
C GLY A 155 21.27 27.29 -42.37
N GLU A 156 21.21 28.15 -41.34
CA GLU A 156 22.25 28.28 -40.28
C GLU A 156 22.05 27.30 -39.14
N VAL A 157 23.14 26.67 -38.72
CA VAL A 157 23.21 25.72 -37.62
C VAL A 157 24.16 26.26 -36.60
N THR A 158 23.81 26.07 -35.33
CA THR A 158 24.62 26.55 -34.26
C THR A 158 25.23 25.42 -33.44
N TYR A 159 26.53 25.58 -33.16
CA TYR A 159 27.21 24.54 -32.39
C TYR A 159 27.84 25.13 -31.13
N MET A 160 27.36 24.65 -30.01
CA MET A 160 27.90 24.99 -28.71
C MET A 160 28.76 23.90 -28.11
N VAL A 161 29.98 24.33 -27.77
CA VAL A 161 31.05 23.48 -27.23
C VAL A 161 31.64 24.01 -25.91
N ASP A 162 32.32 23.13 -25.18
CA ASP A 162 33.07 23.49 -23.97
C ASP A 162 34.49 23.95 -24.32
N GLY A 163 34.85 25.18 -23.92
CA GLY A 163 36.15 25.74 -24.25
C GLY A 163 37.06 25.66 -23.05
N SER A 164 36.57 24.99 -22.02
CA SER A 164 37.26 24.95 -20.73
C SER A 164 37.53 23.53 -20.23
N ASN A 165 37.50 22.57 -21.16
CA ASN A 165 37.92 21.20 -20.77
C ASN A 165 39.42 20.89 -21.09
N PRO A 166 40.28 20.89 -20.06
CA PRO A 166 41.68 20.61 -20.41
C PRO A 166 41.91 19.16 -20.89
N LYS A 167 40.94 18.25 -20.65
CA LYS A 167 41.11 16.86 -21.13
C LYS A 167 40.30 16.50 -22.38
N VAL A 168 39.39 17.38 -22.80
CA VAL A 168 38.56 17.12 -23.98
C VAL A 168 38.64 18.29 -24.90
N PRO A 169 39.03 18.05 -26.16
CA PRO A 169 39.07 19.19 -27.07
C PRO A 169 37.66 19.69 -27.46
N ALA A 170 37.46 21.00 -27.63
CA ALA A 170 36.17 21.54 -28.12
C ALA A 170 35.52 20.82 -29.32
N TYR A 171 36.29 20.61 -30.40
CA TYR A 171 35.87 19.72 -31.46
C TYR A 171 36.68 18.41 -31.57
N ARG A 172 35.96 17.30 -31.75
CA ARG A 172 36.51 15.92 -31.81
C ARG A 172 35.83 15.09 -32.90
N PRO A 173 36.57 14.63 -33.95
CA PRO A 173 35.97 13.78 -35.00
C PRO A 173 35.11 12.65 -34.42
N ASP A 174 35.52 12.11 -33.29
CA ASP A 174 34.86 10.96 -32.68
C ASP A 174 33.77 11.33 -31.66
N SER A 175 33.28 12.57 -31.72
CA SER A 175 32.17 13.00 -30.89
C SER A 175 30.98 12.77 -31.76
N PHE A 176 29.77 12.75 -31.18
CA PHE A 176 28.55 12.72 -31.99
C PHE A 176 28.54 13.75 -33.05
N PHE A 177 28.95 14.95 -32.67
CA PHE A 177 29.04 16.04 -33.61
C PHE A 177 29.88 15.70 -34.83
N GLY A 178 31.12 15.29 -34.61
CA GLY A 178 32.06 15.06 -35.71
C GLY A 178 31.76 13.72 -36.40
N LYS A 179 31.17 12.78 -35.63
CA LYS A 179 30.85 11.45 -36.16
C LYS A 179 29.59 11.50 -36.96
N TYR A 180 28.52 12.01 -36.36
CA TYR A 180 27.16 11.86 -36.91
C TYR A 180 26.43 13.12 -37.38
N GLU A 181 26.87 14.28 -36.89
CA GLU A 181 26.20 15.50 -37.24
C GLU A 181 26.96 16.34 -38.27
N LEU A 182 28.19 16.75 -37.99
CA LEU A 182 28.93 17.46 -39.03
C LEU A 182 28.90 16.76 -40.41
N PRO A 183 29.15 15.44 -40.47
CA PRO A 183 29.11 14.81 -41.82
C PRO A 183 27.72 14.68 -42.45
N ASN A 184 26.66 14.83 -41.68
CA ASN A 184 25.32 14.59 -42.20
C ASN A 184 24.59 15.88 -42.61
N LEU A 185 25.26 17.02 -42.51
CA LEU A 185 24.65 18.27 -42.94
C LEU A 185 24.55 18.32 -44.48
N THR A 186 23.37 18.67 -44.98
CA THR A 186 23.10 18.55 -46.41
C THR A 186 23.33 19.92 -47.05
N ASN A 187 23.27 19.98 -48.39
CA ASN A 187 23.45 21.29 -49.04
C ASN A 187 22.53 22.41 -48.54
N LYS A 188 21.39 22.08 -47.92
CA LYS A 188 20.43 23.12 -47.42
C LYS A 188 21.05 24.03 -46.33
N VAL A 189 22.12 23.56 -45.69
CA VAL A 189 22.89 24.27 -44.68
C VAL A 189 23.88 25.17 -45.40
N THR A 190 24.02 26.39 -44.92
CA THR A 190 24.84 27.41 -45.59
C THR A 190 25.86 27.96 -44.64
N ARG A 191 25.56 27.77 -43.36
CA ARG A 191 26.45 28.26 -42.33
C ARG A 191 26.49 27.44 -41.02
N VAL A 192 27.71 27.29 -40.52
CA VAL A 192 28.00 26.86 -39.17
C VAL A 192 28.45 28.02 -38.23
N LYS A 193 27.64 28.26 -37.20
CA LYS A 193 27.96 29.22 -36.15
C LYS A 193 28.45 28.49 -34.88
N VAL A 194 29.68 28.78 -34.44
CA VAL A 194 30.19 28.17 -33.20
C VAL A 194 30.04 29.14 -32.02
N ILE A 195 29.75 28.61 -30.85
CA ILE A 195 29.67 29.37 -29.60
C ILE A 195 30.46 28.58 -28.58
N VAL A 196 31.59 29.14 -28.19
CA VAL A 196 32.52 28.49 -27.32
C VAL A 196 32.27 28.98 -25.92
N LEU A 197 32.07 28.05 -25.01
CA LEU A 197 31.63 28.41 -23.71
C LEU A 197 32.81 28.41 -22.80
N HIS A 198 33.07 29.56 -22.17
CA HIS A 198 34.18 29.59 -21.23
C HIS A 198 33.69 29.61 -19.80
N ARG A 199 33.77 28.46 -19.16
CA ARG A 199 33.19 28.31 -17.80
C ARG A 199 33.73 29.33 -16.82
N LEU A 200 32.85 29.83 -15.98
CA LEU A 200 33.23 30.87 -15.02
C LEU A 200 34.18 30.31 -13.97
N GLY A 201 35.24 31.06 -13.70
CA GLY A 201 36.22 30.74 -12.65
C GLY A 201 37.35 29.82 -13.11
N GLU A 202 37.20 29.29 -14.32
CA GLU A 202 38.08 28.27 -14.82
C GLU A 202 38.88 28.77 -15.99
N LYS A 203 39.99 28.11 -16.23
CA LYS A 203 40.95 28.56 -17.18
C LYS A 203 40.43 28.38 -18.60
N ILE A 204 40.50 29.45 -19.36
CA ILE A 204 40.18 29.41 -20.76
C ILE A 204 41.15 28.48 -21.49
N ILE A 205 40.61 27.44 -22.11
CA ILE A 205 41.46 26.49 -22.83
C ILE A 205 41.39 26.75 -24.33
N GLU A 206 40.20 26.60 -24.92
CA GLU A 206 40.08 26.63 -26.37
C GLU A 206 39.55 27.98 -26.91
N LYS A 207 40.19 28.46 -27.96
CA LYS A 207 39.90 29.77 -28.54
C LYS A 207 39.55 29.68 -30.05
N CYS A 208 38.68 30.59 -30.53
CA CYS A 208 38.37 30.65 -31.96
C CYS A 208 39.69 30.83 -32.74
N GLY A 209 39.82 30.11 -33.86
CA GLY A 209 41.00 30.24 -34.71
C GLY A 209 42.25 29.50 -34.25
N ALA A 210 42.13 28.59 -33.28
CA ALA A 210 43.28 27.83 -32.75
C ALA A 210 42.88 26.37 -32.44
N GLY A 211 43.84 25.45 -32.43
CA GLY A 211 43.58 24.05 -32.05
C GLY A 211 42.41 23.35 -32.74
N SER A 212 41.57 22.68 -31.97
CA SER A 212 40.51 21.87 -32.59
C SER A 212 39.51 22.75 -33.35
N LEU A 213 39.33 23.97 -32.85
CA LEU A 213 38.42 24.94 -33.46
C LEU A 213 38.89 25.37 -34.85
N LEU A 214 40.20 25.58 -35.01
CA LEU A 214 40.76 25.89 -36.33
C LEU A 214 40.63 24.67 -37.27
N ASP A 215 40.89 23.46 -36.78
CA ASP A 215 40.52 22.24 -37.55
C ASP A 215 39.07 22.32 -38.04
N LEU A 216 38.15 22.66 -37.13
CA LEU A 216 36.73 22.66 -37.46
C LEU A 216 36.47 23.63 -38.59
N GLU A 217 36.89 24.88 -38.36
CA GLU A 217 36.81 25.96 -39.31
C GLU A 217 37.25 25.50 -40.70
N LYS A 218 38.33 24.75 -40.79
CA LYS A 218 38.84 24.32 -42.10
C LYS A 218 37.89 23.27 -42.65
N LEU A 219 37.55 22.29 -41.80
CA LEU A 219 36.62 21.24 -42.18
C LEU A 219 35.31 21.81 -42.72
N VAL A 220 34.87 22.90 -42.11
CA VAL A 220 33.63 23.57 -42.48
C VAL A 220 33.70 24.32 -43.82
N LYS A 221 34.77 25.10 -44.01
CA LYS A 221 34.94 25.86 -45.24
C LYS A 221 35.12 24.90 -46.41
N ALA A 222 35.68 23.73 -46.10
CA ALA A 222 35.86 22.60 -47.02
C ALA A 222 34.53 22.04 -47.51
N LYS A 223 33.51 22.03 -46.64
CA LYS A 223 32.18 21.61 -47.08
C LYS A 223 31.47 22.80 -47.77
N HIS A 224 32.19 23.90 -47.89
CA HIS A 224 31.66 25.17 -48.42
C HIS A 224 30.52 25.76 -47.58
N PHE A 225 30.46 25.45 -46.29
CA PHE A 225 29.59 26.24 -45.38
C PHE A 225 30.37 27.47 -44.92
N ALA A 226 29.76 28.63 -44.87
CA ALA A 226 30.39 29.67 -44.10
C ALA A 226 30.53 29.23 -42.61
N PHE A 227 31.31 30.01 -41.85
CA PHE A 227 31.72 29.63 -40.48
C PHE A 227 31.89 30.83 -39.59
N ASP A 228 31.30 30.83 -38.40
CA ASP A 228 31.79 31.81 -37.40
C ASP A 228 31.84 31.26 -36.02
N CYS A 229 32.33 32.07 -35.10
CA CYS A 229 32.73 31.58 -33.83
C CYS A 229 32.87 32.73 -32.86
N VAL A 230 32.24 32.57 -31.71
CA VAL A 230 32.33 33.51 -30.63
C VAL A 230 32.57 32.76 -29.32
N GLU A 231 33.23 33.45 -28.43
CA GLU A 231 33.49 32.98 -27.09
C GLU A 231 32.61 33.78 -26.14
N ASN A 232 31.82 33.08 -25.34
CA ASN A 232 30.99 33.77 -24.34
C ASN A 232 30.34 35.08 -24.87
N PRO A 233 29.56 35.00 -25.96
CA PRO A 233 28.85 36.20 -26.36
C PRO A 233 27.90 36.61 -25.21
N ARG A 234 27.54 37.88 -25.19
CA ARG A 234 26.93 38.46 -24.01
C ARG A 234 25.67 37.69 -23.52
N ALA A 235 24.85 37.15 -24.43
CA ALA A 235 23.60 36.49 -23.96
C ALA A 235 23.91 35.30 -23.09
N VAL A 236 25.04 34.64 -23.42
CA VAL A 236 25.39 33.34 -22.87
C VAL A 236 26.12 33.55 -21.56
N LEU A 237 27.16 34.40 -21.59
CA LEU A 237 27.79 34.90 -20.36
C LEU A 237 26.74 35.27 -19.34
N PHE A 238 25.68 35.97 -19.74
CA PHE A 238 24.65 36.38 -18.74
C PHE A 238 23.91 35.21 -18.14
N LEU A 239 23.59 34.25 -19.00
CA LEU A 239 23.09 32.98 -18.54
C LEU A 239 23.95 32.36 -17.41
N LEU A 240 25.26 32.24 -17.70
CA LEU A 240 26.28 31.65 -16.81
C LEU A 240 26.43 32.43 -15.51
N CYS A 241 26.34 33.76 -15.59
CA CYS A 241 26.44 34.64 -14.40
C CYS A 241 25.25 34.51 -13.43
N SER A 242 24.05 34.20 -13.91
CA SER A 242 22.91 33.96 -13.01
C SER A 242 23.20 32.94 -11.90
N ASP A 243 23.89 31.88 -12.24
CA ASP A 243 24.16 30.84 -11.26
C ASP A 243 25.45 31.16 -10.50
N ASN A 244 26.19 32.17 -10.94
CA ASN A 244 27.37 32.53 -10.20
C ASN A 244 27.74 34.01 -10.28
N PRO A 245 26.91 34.87 -9.65
CA PRO A 245 26.93 36.33 -9.80
C PRO A 245 28.23 37.01 -9.40
N ASN A 246 29.00 36.37 -8.53
CA ASN A 246 30.19 37.02 -7.97
C ASN A 246 31.45 36.73 -8.75
N ALA A 247 31.35 35.83 -9.73
CA ALA A 247 32.49 35.44 -10.55
C ALA A 247 33.01 36.67 -11.26
N ARG A 248 34.33 36.84 -11.30
CA ARG A 248 34.95 38.05 -11.82
C ARG A 248 34.35 38.53 -13.14
N GLU A 249 34.06 37.58 -14.03
CA GLU A 249 33.56 37.86 -15.38
C GLU A 249 32.17 38.57 -15.41
N CYS A 250 31.45 38.46 -14.29
CA CYS A 250 30.11 38.98 -14.15
C CYS A 250 30.05 40.36 -13.48
N ARG A 251 31.15 41.10 -13.51
CA ARG A 251 31.09 42.48 -13.02
C ARG A 251 30.28 43.44 -13.90
N LEU A 252 29.48 44.30 -13.24
CA LEU A 252 28.65 45.32 -13.92
C LEU A 252 28.99 46.66 -13.31
N ALA A 253 28.36 47.75 -13.77
CA ALA A 253 28.15 48.97 -12.94
C ALA A 253 29.35 49.49 -12.14
N ALA B 2 -14.32 31.60 -29.56
CA ALA B 2 -14.75 30.47 -28.67
C ALA B 2 -13.52 29.68 -28.08
N ILE B 3 -13.60 29.27 -26.80
CA ILE B 3 -12.56 28.50 -26.07
C ILE B 3 -12.61 26.97 -26.30
N VAL B 4 -11.44 26.43 -26.63
CA VAL B 4 -11.33 25.09 -27.16
C VAL B 4 -10.75 24.17 -26.11
N PRO B 5 -11.47 23.11 -25.76
CA PRO B 5 -10.93 22.13 -24.85
C PRO B 5 -9.69 21.46 -25.43
N THR B 6 -8.81 21.01 -24.54
CA THR B 6 -7.72 20.14 -24.94
C THR B 6 -8.29 18.79 -25.52
N ARG B 7 -7.75 18.32 -26.66
CA ARG B 7 -8.15 16.99 -27.14
C ARG B 7 -7.60 15.88 -26.25
N GLU B 8 -8.34 14.77 -26.20
CA GLU B 8 -7.88 13.55 -25.58
C GLU B 8 -7.45 13.82 -24.16
N LEU B 9 -8.28 14.50 -23.42
CA LEU B 9 -7.85 14.95 -22.13
C LEU B 9 -7.28 13.79 -21.31
N GLU B 10 -8.05 12.71 -21.21
CA GLU B 10 -7.65 11.52 -20.48
C GLU B 10 -6.24 11.05 -20.90
N ASN B 11 -6.02 10.84 -22.20
CA ASN B 11 -4.73 10.41 -22.67
C ASN B 11 -3.60 11.45 -22.34
N VAL B 12 -3.84 12.75 -22.50
CA VAL B 12 -2.84 13.72 -22.06
C VAL B 12 -2.61 13.58 -20.57
N PHE B 13 -3.68 13.49 -19.78
CA PHE B 13 -3.59 13.46 -18.34
C PHE B 13 -2.63 12.31 -17.91
N LEU B 14 -3.01 11.10 -18.36
CA LEU B 14 -2.44 9.85 -17.92
C LEU B 14 -1.09 9.82 -18.50
N GLY B 15 -0.99 10.30 -19.73
CA GLY B 15 0.32 10.41 -20.35
C GLY B 15 1.22 11.23 -19.44
N ARG B 16 0.84 12.48 -19.13
CA ARG B 16 1.73 13.27 -18.28
C ARG B 16 1.98 12.60 -16.89
N CYS B 17 0.95 11.97 -16.33
CA CYS B 17 1.05 11.47 -14.96
C CYS B 17 2.11 10.40 -14.92
N LYS B 18 2.08 9.54 -15.95
CA LYS B 18 3.01 8.44 -16.07
C LYS B 18 4.45 8.85 -16.36
N ASP B 19 4.67 9.75 -17.30
CA ASP B 19 5.97 10.40 -17.49
C ASP B 19 6.50 10.98 -16.22
N TYR B 20 5.65 11.72 -15.51
CA TYR B 20 6.08 12.41 -14.32
C TYR B 20 6.49 11.40 -13.27
N GLU B 21 5.56 10.47 -13.02
CA GLU B 21 5.75 9.37 -12.08
C GLU B 21 7.14 8.74 -12.27
N ILE B 22 7.44 8.28 -13.47
CA ILE B 22 8.64 7.47 -13.62
C ILE B 22 9.92 8.29 -13.83
N THR B 23 9.84 9.52 -14.31
CA THR B 23 11.09 10.15 -14.75
C THR B 23 11.26 11.60 -14.31
N ARG B 24 10.18 12.27 -13.93
CA ARG B 24 10.33 13.69 -13.62
C ARG B 24 10.48 13.99 -12.14
N TYR B 25 11.43 14.88 -11.86
CA TYR B 25 11.67 15.46 -10.54
C TYR B 25 12.05 14.43 -9.49
N LEU B 26 12.57 13.29 -9.94
CA LEU B 26 12.75 12.15 -9.02
C LEU B 26 13.58 12.51 -7.79
N ASP B 27 14.57 13.36 -8.03
CA ASP B 27 15.54 13.73 -7.06
C ASP B 27 15.08 15.00 -6.36
N ILE B 28 14.00 15.60 -6.88
CA ILE B 28 13.46 16.85 -6.33
C ILE B 28 12.13 16.77 -5.59
N LEU B 29 11.24 15.87 -5.96
CA LEU B 29 9.96 15.85 -5.28
C LEU B 29 9.50 14.45 -5.18
N PRO B 30 8.79 14.15 -4.09
CA PRO B 30 8.32 12.76 -3.88
C PRO B 30 7.26 12.33 -4.83
N ARG B 31 7.19 11.04 -5.09
CA ARG B 31 6.04 10.42 -5.74
C ARG B 31 4.88 10.37 -4.76
N VAL B 32 3.69 10.12 -5.27
CA VAL B 32 2.45 10.06 -4.46
C VAL B 32 2.01 8.63 -4.50
N ARG B 33 1.01 8.31 -3.65
CA ARG B 33 0.62 6.95 -3.47
C ARG B 33 -0.26 6.46 -4.59
N SER B 34 -1.24 7.27 -4.96
CA SER B 34 -2.24 6.92 -5.99
C SER B 34 -1.59 6.71 -7.35
N ASP B 35 -2.04 5.67 -8.03
CA ASP B 35 -1.68 5.46 -9.41
C ASP B 35 -2.45 6.47 -10.29
N CYS B 36 -2.05 6.50 -11.54
CA CYS B 36 -2.48 7.49 -12.47
C CYS B 36 -3.95 7.32 -12.78
N SER B 37 -4.43 6.08 -12.82
CA SER B 37 -5.84 5.86 -13.06
C SER B 37 -6.75 6.23 -11.87
N ALA B 38 -6.33 5.99 -10.64
CA ALA B 38 -7.03 6.58 -9.50
C ALA B 38 -6.97 8.15 -9.51
N LEU B 39 -5.84 8.75 -9.88
CA LEU B 39 -5.80 10.20 -9.94
C LEU B 39 -6.78 10.76 -11.00
N TRP B 40 -6.80 10.10 -12.18
CA TRP B 40 -7.70 10.51 -13.23
C TRP B 40 -9.11 10.41 -12.62
N LYS B 41 -9.30 9.43 -11.75
CA LYS B 41 -10.64 9.17 -11.34
C LYS B 41 -11.12 10.30 -10.45
N ASP B 42 -10.32 10.72 -9.48
CA ASP B 42 -10.67 11.87 -8.62
C ASP B 42 -10.81 13.18 -9.39
N PHE B 43 -10.11 13.27 -10.51
CA PHE B 43 -10.11 14.52 -11.28
C PHE B 43 -11.32 14.60 -12.18
N PHE B 44 -11.63 13.48 -12.83
CA PHE B 44 -12.79 13.44 -13.69
C PHE B 44 -14.08 13.71 -12.93
N LYS B 45 -14.21 13.22 -11.69
CA LYS B 45 -15.52 13.31 -11.00
C LYS B 45 -15.75 14.71 -10.43
N ALA B 46 -14.71 15.56 -10.45
CA ALA B 46 -14.86 16.91 -9.94
C ALA B 46 -15.81 17.76 -10.80
N PHE B 47 -15.79 17.50 -12.11
CA PHE B 47 -16.51 18.31 -13.12
C PHE B 47 -17.44 17.61 -14.08
N SER B 48 -17.20 16.34 -14.35
CA SER B 48 -17.98 15.51 -15.27
C SER B 48 -19.47 15.40 -14.93
N PHE B 49 -20.27 15.33 -15.96
CA PHE B 49 -21.71 15.19 -15.82
C PHE B 49 -22.36 16.35 -15.13
N LYS B 50 -21.63 17.49 -15.17
CA LYS B 50 -22.16 18.77 -14.62
C LYS B 50 -22.21 19.79 -15.72
N ASN B 51 -23.02 20.84 -15.55
CA ASN B 51 -22.85 22.02 -16.39
C ASN B 51 -21.41 22.53 -16.23
N PRO B 52 -20.88 23.17 -17.28
CA PRO B 52 -19.49 23.61 -17.24
C PRO B 52 -19.26 24.56 -16.06
N CYS B 53 -20.28 25.29 -15.62
CA CYS B 53 -20.06 26.25 -14.50
C CYS B 53 -20.49 25.75 -13.15
N ASP B 54 -20.94 24.51 -13.05
CA ASP B 54 -21.42 24.02 -11.75
C ASP B 54 -20.28 23.38 -10.91
N LEU B 55 -19.46 24.24 -10.31
CA LEU B 55 -18.24 23.84 -9.64
C LEU B 55 -17.93 24.84 -8.54
N ASP B 56 -17.35 24.35 -7.46
CA ASP B 56 -16.95 25.20 -6.33
C ASP B 56 -15.59 24.73 -5.84
N LEU B 57 -15.09 25.43 -4.84
CA LEU B 57 -13.71 25.28 -4.32
C LEU B 57 -13.44 23.86 -3.76
N GLY B 58 -14.53 23.20 -3.38
CA GLY B 58 -14.46 21.85 -2.90
C GLY B 58 -14.51 20.79 -3.98
N SER B 59 -14.71 21.12 -5.27
CA SER B 59 -15.08 20.05 -6.23
C SER B 59 -13.95 19.07 -6.49
N TYR B 60 -12.73 19.63 -6.66
CA TYR B 60 -11.45 18.91 -6.84
C TYR B 60 -10.73 18.49 -5.56
N LYS B 61 -11.41 18.52 -4.43
CA LYS B 61 -10.72 18.30 -3.15
C LYS B 61 -10.07 16.92 -3.06
N ASP B 62 -10.81 15.87 -3.39
CA ASP B 62 -10.31 14.52 -3.39
C ASP B 62 -9.11 14.38 -4.29
N PHE B 63 -9.14 15.00 -5.47
CA PHE B 63 -8.02 15.01 -6.38
C PHE B 63 -6.75 15.60 -5.72
N PHE B 64 -6.78 16.88 -5.35
CA PHE B 64 -5.65 17.49 -4.62
C PHE B 64 -5.21 16.77 -3.34
N THR B 65 -6.13 16.04 -2.74
CA THR B 65 -5.73 15.27 -1.63
C THR B 65 -4.79 14.15 -2.07
N SER B 66 -5.13 13.43 -3.13
CA SER B 66 -4.31 12.39 -3.61
C SER B 66 -3.05 12.85 -4.36
N ALA B 67 -2.96 14.09 -4.77
CA ALA B 67 -1.95 14.51 -5.67
C ALA B 67 -0.88 15.32 -4.97
N GLN B 68 -1.23 15.77 -3.77
CA GLN B 68 -0.36 16.64 -3.00
C GLN B 68 0.88 15.85 -2.57
N GLN B 69 2.03 16.36 -2.97
CA GLN B 69 3.31 15.87 -2.57
C GLN B 69 3.71 16.69 -1.34
N GLN B 70 4.48 16.11 -0.42
CA GLN B 70 5.12 16.94 0.56
C GLN B 70 6.13 17.86 -0.19
N LEU B 71 6.44 19.05 0.32
CA LEU B 71 7.24 19.95 -0.45
C LEU B 71 8.46 20.29 0.34
N PRO B 72 9.60 20.43 -0.35
CA PRO B 72 10.91 20.63 0.28
C PRO B 72 11.02 21.94 1.05
N LYS B 73 11.45 21.85 2.31
CA LYS B 73 11.76 23.00 3.13
C LYS B 73 12.52 24.11 2.33
N ASN B 74 12.02 25.35 2.42
CA ASN B 74 12.73 26.56 1.96
C ASN B 74 12.77 26.74 0.48
N LYS B 75 12.04 25.90 -0.24
CA LYS B 75 12.18 25.87 -1.70
C LYS B 75 10.94 26.37 -2.41
N VAL B 76 9.81 26.51 -1.68
CA VAL B 76 8.54 26.82 -2.33
C VAL B 76 8.50 28.22 -2.85
N MET B 77 8.26 28.32 -4.15
CA MET B 77 8.11 29.63 -4.75
C MET B 77 6.66 29.89 -5.15
N PHE B 78 6.25 31.15 -4.93
CA PHE B 78 5.04 31.72 -5.51
C PHE B 78 5.40 32.78 -6.55
N TRP B 79 4.47 33.08 -7.45
CA TRP B 79 4.67 34.16 -8.45
C TRP B 79 3.37 34.80 -8.89
N SER B 80 3.43 36.10 -9.16
CA SER B 80 2.32 36.85 -9.72
C SER B 80 2.80 37.64 -10.90
N GLY B 81 2.15 37.47 -12.05
CA GLY B 81 2.35 38.37 -13.22
C GLY B 81 3.64 38.20 -14.04
N VAL B 82 4.52 37.31 -13.57
CA VAL B 82 5.87 37.13 -14.12
C VAL B 82 6.16 35.67 -14.45
N TYR B 83 5.28 35.02 -15.20
CA TYR B 83 5.39 33.54 -15.38
C TYR B 83 6.75 33.13 -15.91
N ASP B 84 7.12 33.61 -17.10
CA ASP B 84 8.39 33.16 -17.71
C ASP B 84 9.58 33.43 -16.79
N GLU B 85 9.67 34.62 -16.20
CA GLU B 85 10.80 34.95 -15.36
C GLU B 85 10.91 34.08 -14.10
N ALA B 86 9.81 33.98 -13.36
CA ALA B 86 9.78 33.16 -12.17
C ALA B 86 10.12 31.72 -12.55
N HIS B 87 9.73 31.27 -13.76
CA HIS B 87 10.02 29.87 -14.09
C HIS B 87 11.49 29.72 -14.52
N ASP B 88 11.99 30.68 -15.31
CA ASP B 88 13.41 30.64 -15.69
C ASP B 88 14.25 30.61 -14.41
N TYR B 89 13.94 31.48 -13.47
CA TYR B 89 14.67 31.57 -12.19
C TYR B 89 14.64 30.30 -11.35
N ALA B 90 13.44 29.81 -11.06
CA ALA B 90 13.19 28.56 -10.30
C ALA B 90 13.92 27.37 -10.85
N ASN B 91 13.96 27.37 -12.18
CA ASN B 91 14.73 26.43 -13.00
C ASN B 91 14.35 24.92 -12.92
N THR B 92 13.08 24.61 -13.17
CA THR B 92 12.59 23.20 -13.14
C THR B 92 12.93 22.55 -11.84
N GLY B 93 12.95 23.33 -10.76
CA GLY B 93 12.90 22.73 -9.44
C GLY B 93 14.24 22.63 -8.77
N ARG B 94 15.28 23.01 -9.49
CA ARG B 94 16.60 22.83 -8.96
C ARG B 94 17.02 24.00 -8.12
N LYS B 95 16.45 25.16 -8.31
CA LYS B 95 16.68 26.22 -7.36
C LYS B 95 15.44 26.47 -6.48
N TYR B 96 14.25 26.61 -7.09
CA TYR B 96 12.95 26.60 -6.36
C TYR B 96 11.92 25.69 -7.01
N ILE B 97 10.89 25.33 -6.26
CA ILE B 97 9.69 24.60 -6.77
C ILE B 97 8.57 25.61 -7.16
N THR B 98 7.89 25.40 -8.28
CA THR B 98 6.67 26.18 -8.52
C THR B 98 5.59 25.16 -8.53
N LEU B 99 4.36 25.65 -8.50
CA LEU B 99 3.20 24.78 -8.48
C LEU B 99 3.35 23.97 -9.75
N GLU B 100 3.91 24.57 -10.79
CA GLU B 100 3.87 23.89 -12.08
C GLU B 100 4.90 22.77 -12.13
N ASP B 101 5.74 22.68 -11.10
CA ASP B 101 6.66 21.56 -11.02
C ASP B 101 5.98 20.45 -10.28
N THR B 102 4.92 20.78 -9.58
CA THR B 102 4.23 19.72 -8.84
C THR B 102 3.39 18.82 -9.74
N LEU B 103 3.10 17.62 -9.29
CA LEU B 103 2.26 16.72 -10.08
C LEU B 103 0.96 17.30 -10.71
N PRO B 104 0.01 17.83 -9.91
CA PRO B 104 -1.22 18.33 -10.56
C PRO B 104 -0.94 19.54 -11.38
N GLY B 105 -0.02 20.40 -10.90
CA GLY B 105 0.49 21.52 -11.65
C GLY B 105 1.01 21.06 -13.02
N TYR B 106 1.88 20.08 -13.02
CA TYR B 106 2.47 19.57 -14.23
C TYR B 106 1.45 18.94 -15.21
N MET B 107 0.54 18.11 -14.68
CA MET B 107 -0.49 17.41 -15.48
C MET B 107 -1.50 18.39 -16.10
N LEU B 108 -1.86 19.46 -15.37
CA LEU B 108 -2.90 20.31 -15.87
C LEU B 108 -2.44 21.62 -16.48
N ASN B 109 -1.14 21.94 -16.40
CA ASN B 109 -0.62 23.18 -16.92
C ASN B 109 -1.07 23.43 -18.38
N SER B 110 -1.70 24.59 -18.63
CA SER B 110 -2.16 25.02 -19.96
C SER B 110 -3.39 24.27 -20.49
N LEU B 111 -3.88 23.26 -19.76
CA LEU B 111 -4.97 22.46 -20.31
C LEU B 111 -6.29 23.22 -20.14
N VAL B 112 -7.34 22.75 -20.82
CA VAL B 112 -8.64 23.41 -20.87
C VAL B 112 -9.67 22.32 -20.90
N TRP B 113 -10.66 22.35 -20.01
CA TRP B 113 -11.69 21.28 -19.99
C TRP B 113 -12.93 21.80 -19.32
N CYS B 114 -14.03 21.07 -19.47
CA CYS B 114 -15.26 21.45 -18.76
C CYS B 114 -16.25 20.33 -18.85
N GLY B 115 -17.15 20.27 -17.87
CA GLY B 115 -18.24 19.30 -17.84
C GLY B 115 -19.32 19.65 -18.86
N GLN B 116 -20.18 18.67 -19.10
CA GLN B 116 -21.54 18.83 -19.59
C GLN B 116 -22.33 17.73 -18.87
N ARG B 117 -23.63 17.94 -18.76
CA ARG B 117 -24.58 16.96 -18.28
C ARG B 117 -24.63 15.67 -19.12
N ALA B 118 -24.81 15.81 -20.43
CA ALA B 118 -24.95 14.66 -21.38
C ALA B 118 -23.66 13.89 -21.62
N ASN B 119 -23.77 12.59 -21.92
CA ASN B 119 -22.58 11.79 -22.29
C ASN B 119 -21.59 12.46 -23.25
N PRO B 120 -20.29 12.19 -23.09
CA PRO B 120 -19.64 11.39 -22.01
C PRO B 120 -19.33 12.16 -20.71
N GLY B 121 -20.02 13.26 -20.44
CA GLY B 121 -19.88 13.94 -19.16
C GLY B 121 -18.90 15.10 -19.22
N PHE B 122 -18.35 15.33 -20.42
CA PHE B 122 -17.47 16.46 -20.71
C PHE B 122 -17.52 16.94 -22.20
N ASN B 123 -17.14 18.21 -22.39
CA ASN B 123 -17.36 18.90 -23.65
C ASN B 123 -16.03 18.93 -24.39
N GLU B 124 -16.06 18.24 -25.54
CA GLU B 124 -14.93 18.01 -26.44
C GLU B 124 -14.92 19.07 -27.51
N LYS B 125 -16.03 19.82 -27.59
CA LYS B 125 -16.23 20.84 -28.62
C LYS B 125 -15.92 22.24 -28.08
N VAL B 126 -16.34 22.56 -26.85
CA VAL B 126 -16.28 23.95 -26.42
C VAL B 126 -16.39 24.18 -24.90
N CYS B 127 -15.75 25.21 -24.38
CA CYS B 127 -15.85 25.54 -22.96
C CYS B 127 -16.19 26.99 -22.92
N PRO B 128 -17.05 27.44 -21.98
CA PRO B 128 -17.41 28.89 -21.94
C PRO B 128 -16.26 29.68 -21.41
N ASP B 129 -16.28 30.97 -21.72
CA ASP B 129 -15.44 31.93 -21.08
C ASP B 129 -15.79 31.90 -19.59
N PHE B 130 -14.81 31.58 -18.75
CA PHE B 130 -15.12 31.40 -17.32
C PHE B 130 -15.44 32.71 -16.55
N LYS B 131 -15.32 33.86 -17.21
CA LYS B 131 -15.98 35.09 -16.67
C LYS B 131 -17.52 35.00 -16.62
N THR B 132 -18.08 34.00 -17.31
CA THR B 132 -19.51 33.77 -17.28
C THR B 132 -19.84 32.89 -16.14
N CYS B 133 -18.82 32.24 -15.59
CA CYS B 133 -19.02 31.32 -14.45
C CYS B 133 -18.80 32.03 -13.11
N PRO B 134 -19.59 31.68 -12.09
CA PRO B 134 -19.33 32.20 -10.71
C PRO B 134 -17.86 32.03 -10.37
N VAL B 135 -17.28 32.95 -9.63
CA VAL B 135 -15.87 32.92 -9.28
C VAL B 135 -15.41 31.61 -8.62
N GLN B 136 -16.29 31.02 -7.81
CA GLN B 136 -15.94 29.75 -7.23
C GLN B 136 -15.90 28.64 -8.29
N ALA B 137 -16.44 28.82 -9.49
CA ALA B 137 -16.24 27.73 -10.48
C ALA B 137 -15.05 27.97 -11.37
N ARG B 138 -14.82 29.24 -11.62
CA ARG B 138 -13.84 29.81 -12.49
C ARG B 138 -12.50 29.42 -11.95
N GLU B 139 -12.45 29.34 -10.63
CA GLU B 139 -11.20 29.23 -9.91
C GLU B 139 -11.09 27.96 -9.12
N SER B 140 -12.02 27.03 -9.29
CA SER B 140 -12.14 25.74 -8.58
C SER B 140 -10.91 24.90 -8.71
N PHE B 141 -10.42 24.77 -9.94
CA PHE B 141 -9.24 23.99 -10.10
C PHE B 141 -7.95 24.73 -9.61
N TRP B 142 -7.52 25.77 -10.30
CA TRP B 142 -6.28 26.42 -9.88
C TRP B 142 -6.31 27.05 -8.45
N GLY B 143 -7.46 27.46 -8.00
CA GLY B 143 -7.51 28.13 -6.68
C GLY B 143 -7.21 27.14 -5.60
N MET B 144 -7.94 26.01 -5.65
CA MET B 144 -7.65 24.83 -4.84
C MET B 144 -6.23 24.27 -5.04
N ALA B 145 -5.76 24.11 -6.27
CA ALA B 145 -4.28 23.83 -6.49
C ALA B 145 -3.38 24.79 -5.68
N SER B 146 -3.53 26.10 -5.84
CA SER B 146 -2.75 27.04 -4.99
C SER B 146 -2.92 26.86 -3.49
N SER B 147 -4.16 26.67 -3.01
CA SER B 147 -4.44 26.58 -1.58
C SER B 147 -3.71 25.40 -1.02
N SER B 148 -3.85 24.26 -1.69
CA SER B 148 -3.25 23.00 -1.25
C SER B 148 -1.69 23.08 -1.34
N TYR B 149 -1.17 23.57 -2.44
CA TYR B 149 0.29 23.80 -2.50
C TYR B 149 0.77 24.81 -1.39
N ALA B 150 0.07 25.90 -1.12
CA ALA B 150 0.53 26.89 -0.12
C ALA B 150 0.50 26.24 1.23
N HIS B 151 -0.52 25.37 1.38
CA HIS B 151 -0.78 24.75 2.66
C HIS B 151 0.35 23.76 3.06
N SER B 152 1.11 23.30 2.08
CA SER B 152 2.18 22.34 2.27
C SER B 152 3.53 22.99 2.38
N ALA B 153 3.60 24.30 2.21
CA ALA B 153 4.90 25.00 2.20
C ALA B 153 5.44 25.02 3.62
N GLU B 154 6.74 24.73 3.75
CA GLU B 154 7.43 24.78 5.05
C GLU B 154 8.71 25.63 4.97
N GLY B 155 9.13 26.22 6.09
CA GLY B 155 10.32 27.04 6.10
C GLY B 155 10.11 28.34 5.35
N GLU B 156 11.14 28.80 4.68
CA GLU B 156 11.04 30.05 3.91
C GLU B 156 10.21 29.89 2.64
N VAL B 157 9.44 30.90 2.26
CA VAL B 157 8.74 30.90 0.96
C VAL B 157 9.13 32.13 0.17
N THR B 158 9.19 31.96 -1.13
CA THR B 158 9.67 33.03 -1.98
C THR B 158 8.57 33.48 -2.87
N TYR B 159 8.50 34.80 -3.11
CA TYR B 159 7.36 35.28 -3.89
C TYR B 159 7.82 36.29 -4.91
N MET B 160 7.67 35.96 -6.17
CA MET B 160 8.23 36.83 -7.20
C MET B 160 7.10 37.65 -7.84
N VAL B 161 7.23 38.97 -7.86
CA VAL B 161 6.14 39.84 -8.40
C VAL B 161 6.59 40.80 -9.52
N ASP B 162 5.61 41.39 -10.21
CA ASP B 162 5.87 42.39 -11.24
C ASP B 162 5.80 43.77 -10.61
N GLY B 163 6.91 44.50 -10.74
CA GLY B 163 7.03 45.85 -10.21
C GLY B 163 6.91 46.95 -11.25
N SER B 164 6.57 46.59 -12.48
CA SER B 164 6.56 47.54 -13.61
C SER B 164 5.23 47.60 -14.35
N ASN B 165 4.19 47.07 -13.75
CA ASN B 165 2.94 47.06 -14.42
C ASN B 165 2.02 48.10 -13.79
N PRO B 166 1.79 49.22 -14.50
CA PRO B 166 0.99 50.33 -13.94
C PRO B 166 -0.54 50.05 -13.82
N LYS B 167 -1.01 48.91 -14.33
CA LYS B 167 -2.46 48.54 -14.22
C LYS B 167 -2.76 47.45 -13.17
N VAL B 168 -1.70 46.86 -12.61
CA VAL B 168 -1.79 45.69 -11.76
C VAL B 168 -0.65 45.81 -10.76
N PRO B 169 -0.96 46.19 -9.51
CA PRO B 169 0.10 46.31 -8.49
C PRO B 169 0.85 44.99 -8.12
N ALA B 170 2.12 45.14 -7.75
CA ALA B 170 2.97 44.04 -7.35
C ALA B 170 2.20 43.07 -6.45
N TYR B 171 1.55 43.63 -5.41
CA TYR B 171 0.75 42.80 -4.52
C TYR B 171 -0.74 43.19 -4.54
N ARG B 172 -1.58 42.21 -4.82
CA ARG B 172 -3.00 42.38 -4.94
C ARG B 172 -3.76 41.38 -4.05
N PRO B 173 -4.59 41.87 -3.11
CA PRO B 173 -5.49 40.97 -2.34
C PRO B 173 -6.26 39.96 -3.18
N ASP B 174 -6.63 40.32 -4.41
CA ASP B 174 -7.40 39.42 -5.30
C ASP B 174 -6.66 38.68 -6.42
N SER B 175 -5.35 38.62 -6.30
CA SER B 175 -4.58 37.76 -7.13
C SER B 175 -4.67 36.33 -6.55
N PHE B 176 -4.26 35.34 -7.33
CA PHE B 176 -4.14 34.01 -6.76
C PHE B 176 -3.32 33.95 -5.47
N PHE B 177 -2.21 34.65 -5.46
CA PHE B 177 -1.39 34.65 -4.30
C PHE B 177 -2.18 35.24 -3.17
N GLY B 178 -2.78 36.39 -3.44
CA GLY B 178 -3.57 37.10 -2.47
C GLY B 178 -4.77 36.30 -2.00
N LYS B 179 -5.38 35.55 -2.92
CA LYS B 179 -6.65 34.85 -2.55
C LYS B 179 -6.38 33.52 -1.87
N TYR B 180 -5.41 32.74 -2.40
CA TYR B 180 -5.28 31.35 -1.96
C TYR B 180 -4.02 30.95 -1.30
N GLU B 181 -2.97 31.76 -1.42
CA GLU B 181 -1.67 31.26 -1.06
C GLU B 181 -1.20 31.89 0.22
N LEU B 182 -0.98 33.21 0.22
CA LEU B 182 -0.61 33.89 1.44
C LEU B 182 -1.54 33.54 2.61
N PRO B 183 -2.86 33.75 2.50
CA PRO B 183 -3.65 33.36 3.68
C PRO B 183 -3.70 31.88 3.98
N ASN B 184 -3.18 31.01 3.13
CA ASN B 184 -3.12 29.58 3.51
C ASN B 184 -1.75 29.01 4.02
N LEU B 185 -0.74 29.89 4.07
CA LEU B 185 0.55 29.61 4.65
C LEU B 185 0.40 29.19 6.14
N THR B 186 0.95 28.03 6.54
CA THR B 186 0.77 27.59 7.92
C THR B 186 1.92 28.08 8.74
N ASN B 187 1.78 27.96 10.06
CA ASN B 187 2.87 28.30 10.99
C ASN B 187 4.17 27.52 10.82
N LYS B 188 4.25 26.67 9.78
CA LYS B 188 5.49 25.95 9.43
C LYS B 188 6.31 26.87 8.53
N VAL B 189 5.65 27.87 7.94
CA VAL B 189 6.36 28.87 7.18
C VAL B 189 7.06 29.81 8.15
N THR B 190 8.27 30.20 7.80
CA THR B 190 9.11 30.96 8.71
C THR B 190 9.27 32.40 8.23
N ARG B 191 9.40 32.56 6.92
CA ARG B 191 9.74 33.83 6.32
C ARG B 191 9.16 33.94 4.90
N VAL B 192 8.57 35.09 4.56
CA VAL B 192 8.20 35.37 3.17
C VAL B 192 9.28 36.30 2.57
N LYS B 193 9.84 35.87 1.45
CA LYS B 193 10.87 36.61 0.75
C LYS B 193 10.30 37.13 -0.57
N VAL B 194 10.23 38.45 -0.78
CA VAL B 194 9.73 38.97 -2.06
C VAL B 194 10.87 39.31 -2.99
N ILE B 195 10.71 38.99 -4.27
CA ILE B 195 11.60 39.47 -5.32
C ILE B 195 10.73 40.27 -6.26
N VAL B 196 11.07 41.55 -6.38
CA VAL B 196 10.37 42.46 -7.26
C VAL B 196 11.08 42.47 -8.60
N LEU B 197 10.32 42.20 -9.64
CA LEU B 197 10.79 42.37 -10.98
C LEU B 197 10.62 43.79 -11.54
N HIS B 198 11.72 44.39 -11.95
CA HIS B 198 11.60 45.60 -12.71
C HIS B 198 12.02 45.23 -14.10
N ARG B 199 11.04 45.10 -15.00
CA ARG B 199 11.33 44.74 -16.37
C ARG B 199 12.27 45.75 -16.95
N LEU B 200 13.23 45.28 -17.74
CA LEU B 200 14.34 46.15 -18.25
C LEU B 200 13.82 47.21 -19.21
N GLY B 201 14.29 48.46 -19.05
CA GLY B 201 13.93 49.57 -19.95
C GLY B 201 12.49 50.01 -19.73
N GLU B 202 11.86 49.50 -18.68
CA GLU B 202 10.51 49.92 -18.33
C GLU B 202 10.48 50.79 -17.07
N LYS B 203 9.47 51.63 -16.97
CA LYS B 203 9.29 52.51 -15.82
C LYS B 203 9.09 51.69 -14.54
N ILE B 204 9.93 51.96 -13.54
CA ILE B 204 9.82 51.31 -12.23
C ILE B 204 8.55 51.83 -11.49
N ILE B 205 7.60 50.93 -11.31
CA ILE B 205 6.27 51.29 -10.78
C ILE B 205 6.25 51.01 -9.27
N GLU B 206 6.61 49.79 -8.86
CA GLU B 206 6.52 49.38 -7.45
C GLU B 206 7.90 49.18 -6.87
N LYS B 207 8.10 49.61 -5.63
CA LYS B 207 9.37 49.42 -4.94
C LYS B 207 9.08 48.81 -3.60
N CYS B 208 10.08 48.28 -2.93
CA CYS B 208 9.80 47.75 -1.61
C CYS B 208 9.84 48.82 -0.51
N GLY B 209 8.93 48.66 0.45
CA GLY B 209 8.79 49.60 1.55
C GLY B 209 7.77 50.66 1.22
N ALA B 210 6.97 50.41 0.19
CA ALA B 210 6.02 51.39 -0.32
C ALA B 210 4.88 50.69 -1.02
N GLY B 211 3.76 51.38 -1.13
CA GLY B 211 2.61 50.89 -1.83
C GLY B 211 2.20 49.48 -1.41
N SER B 212 1.76 48.73 -2.42
CA SER B 212 1.19 47.38 -2.29
C SER B 212 2.14 46.37 -1.66
N LEU B 213 3.42 46.71 -1.63
CA LEU B 213 4.46 45.94 -0.94
C LEU B 213 4.65 46.33 0.56
N LEU B 214 4.30 47.55 0.96
CA LEU B 214 4.28 47.85 2.38
C LEU B 214 3.05 47.15 2.94
N ASP B 215 1.92 47.23 2.25
CA ASP B 215 0.74 46.42 2.60
C ASP B 215 1.21 44.99 2.82
N LEU B 216 1.90 44.42 1.82
CA LEU B 216 2.29 43.01 1.92
C LEU B 216 3.10 42.80 3.18
N GLU B 217 4.12 43.63 3.37
CA GLU B 217 4.93 43.61 4.60
C GLU B 217 4.00 43.48 5.83
N LYS B 218 3.13 44.46 6.01
CA LYS B 218 2.18 44.47 7.14
C LYS B 218 1.45 43.13 7.24
N LEU B 219 0.95 42.65 6.11
CA LEU B 219 0.24 41.39 6.08
C LEU B 219 1.06 40.23 6.55
N VAL B 220 2.30 40.17 6.09
CA VAL B 220 3.20 39.06 6.38
C VAL B 220 3.46 39.05 7.86
N LYS B 221 4.00 40.17 8.33
CA LYS B 221 4.26 40.44 9.73
C LYS B 221 3.06 40.14 10.65
N ALA B 222 1.83 40.33 10.19
CA ALA B 222 0.66 40.00 11.02
C ALA B 222 0.19 38.52 10.90
N LYS B 223 0.96 37.74 10.14
CA LYS B 223 0.74 36.30 10.02
C LYS B 223 1.90 35.70 10.78
N HIS B 224 2.62 36.62 11.39
CA HIS B 224 3.71 36.29 12.27
C HIS B 224 4.95 35.78 11.53
N PHE B 225 5.10 36.06 10.24
CA PHE B 225 6.32 35.62 9.57
C PHE B 225 7.37 36.73 9.51
N ALA B 226 8.61 36.36 9.22
CA ALA B 226 9.63 37.33 8.90
C ALA B 226 9.41 37.72 7.43
N PHE B 227 9.97 38.84 7.02
CA PHE B 227 9.75 39.35 5.69
C PHE B 227 11.02 40.00 5.24
N ASP B 228 11.43 39.66 4.02
CA ASP B 228 12.38 40.49 3.28
C ASP B 228 11.87 40.63 1.87
N CYS B 229 12.54 41.53 1.18
CA CYS B 229 12.14 41.97 -0.11
C CYS B 229 13.33 42.67 -0.74
N VAL B 230 13.47 42.48 -2.05
CA VAL B 230 14.69 42.77 -2.77
C VAL B 230 14.26 42.99 -4.22
N GLU B 231 14.96 43.88 -4.90
CA GLU B 231 14.55 44.37 -6.21
C GLU B 231 15.65 44.05 -7.20
N ASN B 232 15.31 43.29 -8.23
CA ASN B 232 16.30 42.80 -9.21
C ASN B 232 17.64 42.38 -8.61
N PRO B 233 17.62 41.28 -7.85
CA PRO B 233 18.88 40.70 -7.40
C PRO B 233 19.66 40.13 -8.59
N ARG B 234 21.00 40.23 -8.52
CA ARG B 234 21.81 39.98 -9.70
C ARG B 234 21.51 38.67 -10.43
N ALA B 235 21.31 37.60 -9.66
CA ALA B 235 20.86 36.29 -10.17
C ALA B 235 19.63 36.37 -11.07
N VAL B 236 18.72 37.27 -10.75
CA VAL B 236 17.53 37.40 -11.55
C VAL B 236 17.84 38.34 -12.69
N LEU B 237 18.29 39.56 -12.35
CA LEU B 237 18.84 40.49 -13.34
C LEU B 237 19.64 39.82 -14.46
N PHE B 238 20.53 38.89 -14.15
CA PHE B 238 21.33 38.26 -15.20
C PHE B 238 20.51 37.49 -16.27
N LEU B 239 19.44 36.82 -15.83
CA LEU B 239 18.50 36.14 -16.72
C LEU B 239 17.71 37.12 -17.57
N LEU B 240 17.25 38.19 -16.95
CA LEU B 240 16.62 39.22 -17.73
C LEU B 240 17.64 39.74 -18.75
N CYS B 241 18.89 39.94 -18.33
CA CYS B 241 19.91 40.45 -19.24
C CYS B 241 20.28 39.48 -20.37
N SER B 242 20.25 38.18 -20.08
CA SER B 242 20.46 37.18 -21.15
C SER B 242 19.50 37.41 -22.31
N ASP B 243 18.20 37.55 -22.01
CA ASP B 243 17.19 37.86 -23.01
C ASP B 243 17.27 39.23 -23.65
N ASN B 244 17.74 40.25 -22.92
CA ASN B 244 17.91 41.62 -23.45
C ASN B 244 19.28 42.28 -23.17
N PRO B 245 20.34 41.81 -23.83
CA PRO B 245 21.73 42.17 -23.47
C PRO B 245 22.07 43.65 -23.59
N ASN B 246 21.43 44.33 -24.53
CA ASN B 246 21.72 45.73 -24.78
C ASN B 246 21.09 46.65 -23.74
N ALA B 247 20.38 46.11 -22.74
CA ALA B 247 19.63 46.94 -21.77
C ALA B 247 20.54 47.78 -20.89
N ARG B 248 20.15 49.03 -20.63
CA ARG B 248 21.01 49.99 -19.91
C ARG B 248 21.30 49.44 -18.52
N GLU B 249 20.35 48.65 -18.02
CA GLU B 249 20.53 47.96 -16.74
C GLU B 249 21.63 46.89 -16.79
N CYS B 250 21.94 46.35 -17.97
CA CYS B 250 22.98 45.34 -18.16
C CYS B 250 24.38 45.93 -18.52
N ARG B 251 24.64 47.17 -18.08
CA ARG B 251 25.88 47.90 -18.40
C ARG B 251 27.03 47.19 -17.71
N LEU B 252 28.03 46.75 -18.47
CA LEU B 252 29.23 46.20 -17.84
C LEU B 252 30.13 47.38 -17.44
N ALA B 253 30.98 47.20 -16.42
CA ALA B 253 31.91 48.29 -15.97
C ALA B 253 32.68 48.95 -17.13
N ALA C 1 11.20 -33.06 29.48
CA ALA C 1 11.02 -34.41 30.13
C ALA C 1 9.56 -34.92 30.34
N ALA C 2 8.56 -34.04 30.43
CA ALA C 2 7.16 -34.50 30.59
C ALA C 2 6.08 -33.98 29.56
N ILE C 3 6.34 -32.87 28.86
CA ILE C 3 5.44 -32.37 27.74
C ILE C 3 4.01 -31.90 28.16
N VAL C 4 3.97 -30.61 28.50
CA VAL C 4 2.80 -29.94 29.08
C VAL C 4 1.91 -29.19 28.05
N PRO C 5 0.61 -29.57 27.97
CA PRO C 5 -0.30 -28.87 27.04
C PRO C 5 -0.45 -27.39 27.36
N THR C 6 -0.67 -26.60 26.30
CA THR C 6 -1.07 -25.20 26.39
C THR C 6 -2.35 -24.96 27.26
N ARG C 7 -2.26 -23.94 28.12
CA ARG C 7 -3.29 -23.53 29.03
C ARG C 7 -4.39 -22.83 28.28
N GLU C 8 -5.67 -23.13 28.63
CA GLU C 8 -6.84 -22.52 28.06
C GLU C 8 -6.84 -22.54 26.54
N LEU C 9 -6.81 -23.75 25.98
CA LEU C 9 -6.65 -23.93 24.59
C LEU C 9 -7.68 -23.10 23.82
N GLU C 10 -8.96 -23.29 24.18
CA GLU C 10 -10.05 -22.64 23.49
C GLU C 10 -9.89 -21.14 23.52
N ASN C 11 -9.67 -20.62 24.71
CA ASN C 11 -9.56 -19.19 24.90
C ASN C 11 -8.44 -18.65 24.01
N VAL C 12 -7.31 -19.34 23.96
CA VAL C 12 -6.16 -18.83 23.20
C VAL C 12 -6.43 -18.89 21.74
N PHE C 13 -7.15 -19.93 21.32
CA PHE C 13 -7.37 -20.24 19.93
C PHE C 13 -8.35 -19.16 19.36
N LEU C 14 -9.41 -18.95 20.15
CA LEU C 14 -10.45 -18.00 19.91
C LEU C 14 -9.92 -16.62 20.01
N GLY C 15 -8.98 -16.43 20.88
CA GLY C 15 -8.33 -15.12 21.00
C GLY C 15 -7.56 -14.77 19.72
N ARG C 16 -6.80 -15.72 19.19
CA ARG C 16 -5.96 -15.41 17.99
C ARG C 16 -6.84 -15.29 16.76
N CYS C 17 -7.81 -16.18 16.66
CA CYS C 17 -8.73 -16.16 15.55
C CYS C 17 -9.35 -14.78 15.41
N LYS C 18 -9.87 -14.29 16.53
CA LYS C 18 -10.54 -13.04 16.58
C LYS C 18 -9.56 -11.94 16.27
N ASP C 19 -8.42 -11.95 16.93
CA ASP C 19 -7.39 -10.94 16.61
C ASP C 19 -7.16 -10.92 15.14
N TYR C 20 -7.09 -12.13 14.56
CA TYR C 20 -6.58 -12.29 13.22
C TYR C 20 -7.57 -11.70 12.27
N GLU C 21 -8.80 -12.21 12.44
CA GLU C 21 -9.94 -11.88 11.67
C GLU C 21 -10.01 -10.38 11.56
N ILE C 22 -10.04 -9.69 12.69
CA ILE C 22 -10.27 -8.25 12.64
C ILE C 22 -9.02 -7.46 12.31
N THR C 23 -7.84 -7.95 12.63
CA THR C 23 -6.67 -7.03 12.49
C THR C 23 -5.44 -7.56 11.84
N ARG C 24 -5.35 -8.87 11.52
CA ARG C 24 -4.09 -9.36 10.92
C ARG C 24 -4.18 -9.75 9.46
N TYR C 25 -3.10 -9.44 8.75
CA TYR C 25 -2.97 -9.70 7.32
C TYR C 25 -4.09 -9.08 6.43
N LEU C 26 -4.68 -7.99 6.90
CA LEU C 26 -5.86 -7.42 6.18
C LEU C 26 -5.71 -7.30 4.64
N ASP C 27 -4.60 -6.71 4.16
CA ASP C 27 -4.34 -6.52 2.73
C ASP C 27 -3.57 -7.67 2.10
N ILE C 28 -3.20 -8.65 2.91
CA ILE C 28 -2.31 -9.65 2.43
C ILE C 28 -3.10 -10.94 2.17
N LEU C 29 -4.03 -11.25 3.05
CA LEU C 29 -4.69 -12.52 2.96
C LEU C 29 -6.15 -12.34 3.20
N PRO C 30 -6.96 -13.15 2.56
CA PRO C 30 -8.42 -12.95 2.69
C PRO C 30 -8.89 -13.38 4.04
N ARG C 31 -9.96 -12.77 4.50
CA ARG C 31 -10.76 -13.32 5.58
C ARG C 31 -11.41 -14.60 5.10
N VAL C 32 -11.94 -15.33 6.03
CA VAL C 32 -12.32 -16.68 5.72
C VAL C 32 -13.77 -16.60 6.07
N ARG C 33 -14.54 -17.58 5.60
CA ARG C 33 -15.97 -17.48 5.73
C ARG C 33 -16.56 -17.78 7.11
N SER C 34 -16.04 -18.78 7.77
CA SER C 34 -16.59 -19.27 9.05
C SER C 34 -16.17 -18.44 10.25
N ASP C 35 -17.07 -18.22 11.19
CA ASP C 35 -16.73 -17.51 12.46
C ASP C 35 -15.84 -18.34 13.33
N CYS C 36 -15.32 -17.72 14.37
CA CYS C 36 -14.29 -18.31 15.22
C CYS C 36 -14.82 -19.48 15.99
N SER C 37 -16.05 -19.39 16.46
CA SER C 37 -16.62 -20.51 17.19
C SER C 37 -16.96 -21.73 16.31
N ALA C 38 -17.36 -21.52 15.06
CA ALA C 38 -17.45 -22.59 14.07
C ALA C 38 -16.10 -23.26 13.80
N LEU C 39 -15.02 -22.46 13.73
CA LEU C 39 -13.69 -22.98 13.53
C LEU C 39 -13.27 -23.82 14.77
N TRP C 40 -13.50 -23.27 15.96
CA TRP C 40 -13.22 -24.04 17.16
C TRP C 40 -13.88 -25.41 17.05
N LYS C 41 -15.17 -25.49 16.67
CA LYS C 41 -15.87 -26.78 16.74
C LYS C 41 -15.28 -27.78 15.74
N ASP C 42 -14.96 -27.34 14.53
CA ASP C 42 -14.27 -28.24 13.62
C ASP C 42 -12.90 -28.67 14.11
N PHE C 43 -12.20 -27.80 14.84
CA PHE C 43 -10.84 -28.13 15.32
C PHE C 43 -10.89 -29.17 16.43
N PHE C 44 -11.89 -28.99 17.27
CA PHE C 44 -11.97 -29.72 18.49
C PHE C 44 -12.53 -31.12 18.26
N LYS C 45 -13.45 -31.28 17.33
CA LYS C 45 -14.04 -32.62 17.11
C LYS C 45 -12.98 -33.59 16.60
N ALA C 46 -11.89 -33.04 16.10
CA ALA C 46 -10.81 -33.80 15.52
C ALA C 46 -9.98 -34.59 16.54
N PHE C 47 -10.03 -34.23 17.82
CA PHE C 47 -9.18 -34.89 18.81
C PHE C 47 -9.86 -35.13 20.13
N SER C 48 -10.81 -34.28 20.51
CA SER C 48 -11.56 -34.48 21.73
C SER C 48 -12.05 -35.88 21.85
N PHE C 49 -12.00 -36.43 23.06
CA PHE C 49 -12.82 -37.61 23.47
C PHE C 49 -12.36 -38.93 22.87
N LYS C 50 -11.07 -38.91 22.53
CA LYS C 50 -10.32 -40.05 21.99
C LYS C 50 -8.98 -40.07 22.70
N ASN C 51 -8.31 -41.22 22.69
CA ASN C 51 -6.90 -41.29 23.08
C ASN C 51 -6.01 -40.26 22.38
N PRO C 52 -4.98 -39.81 23.08
CA PRO C 52 -4.15 -38.82 22.41
C PRO C 52 -3.58 -39.36 21.12
N CYS C 53 -3.53 -40.67 20.97
CA CYS C 53 -2.88 -41.18 19.75
C CYS C 53 -3.91 -41.51 18.68
N ASP C 54 -5.16 -41.35 19.07
CA ASP C 54 -6.31 -41.66 18.23
C ASP C 54 -6.63 -40.60 17.18
N LEU C 55 -5.72 -40.49 16.21
CA LEU C 55 -5.84 -39.55 15.14
C LEU C 55 -5.18 -40.14 13.90
N ASP C 56 -5.55 -39.62 12.75
CA ASP C 56 -4.96 -39.90 11.45
C ASP C 56 -5.06 -38.61 10.66
N LEU C 57 -4.84 -38.69 9.34
CA LEU C 57 -4.73 -37.50 8.46
C LEU C 57 -6.09 -36.97 7.98
N GLY C 58 -7.11 -37.81 8.03
CA GLY C 58 -8.48 -37.32 7.87
C GLY C 58 -8.94 -36.43 9.02
N SER C 59 -8.39 -36.60 10.22
CA SER C 59 -8.92 -36.01 11.46
C SER C 59 -9.27 -34.51 11.47
N TYR C 60 -8.41 -33.68 10.90
CA TYR C 60 -8.60 -32.22 10.91
C TYR C 60 -9.12 -31.70 9.56
N LYS C 61 -9.60 -32.62 8.72
CA LYS C 61 -10.04 -32.31 7.35
C LYS C 61 -11.02 -31.18 7.29
N ASP C 62 -12.03 -31.23 8.15
CA ASP C 62 -13.07 -30.25 8.17
C ASP C 62 -12.54 -28.96 8.73
N PHE C 63 -11.64 -29.05 9.66
CA PHE C 63 -11.06 -27.83 10.14
C PHE C 63 -10.38 -27.11 8.98
N PHE C 64 -9.59 -27.85 8.20
CA PHE C 64 -8.75 -27.18 7.17
C PHE C 64 -9.54 -26.73 5.94
N THR C 65 -10.70 -27.33 5.76
CA THR C 65 -11.50 -26.95 4.66
C THR C 65 -12.15 -25.64 5.03
N SER C 66 -12.53 -25.48 6.30
CA SER C 66 -13.13 -24.26 6.75
C SER C 66 -12.13 -23.11 6.87
N ALA C 67 -10.90 -23.41 7.28
CA ALA C 67 -9.90 -22.40 7.52
C ALA C 67 -9.12 -22.01 6.30
N GLN C 68 -9.20 -22.78 5.23
CA GLN C 68 -8.34 -22.54 4.07
C GLN C 68 -8.69 -21.21 3.44
N GLN C 69 -7.69 -20.37 3.30
CA GLN C 69 -7.80 -19.12 2.60
C GLN C 69 -7.27 -19.28 1.16
N GLN C 70 -7.89 -18.65 0.17
CA GLN C 70 -7.17 -18.53 -1.11
C GLN C 70 -5.88 -17.78 -0.85
N LEU C 71 -4.84 -18.18 -1.55
CA LEU C 71 -3.51 -17.69 -1.32
C LEU C 71 -3.01 -16.98 -2.56
N PRO C 72 -2.33 -15.83 -2.38
CA PRO C 72 -1.93 -14.97 -3.51
C PRO C 72 -0.93 -15.64 -4.46
N LYS C 73 -1.16 -15.50 -5.75
CA LYS C 73 -0.25 -15.99 -6.75
C LYS C 73 1.20 -15.52 -6.57
N ASN C 74 2.11 -16.47 -6.78
CA ASN C 74 3.58 -16.24 -6.72
C ASN C 74 4.16 -15.95 -5.36
N LYS C 75 3.37 -16.00 -4.29
CA LYS C 75 3.84 -15.58 -2.98
C LYS C 75 4.12 -16.64 -1.95
N VAL C 76 3.75 -17.88 -2.25
CA VAL C 76 3.79 -18.95 -1.29
C VAL C 76 5.22 -19.48 -1.02
N MET C 77 5.58 -19.55 0.26
CA MET C 77 6.88 -20.02 0.64
C MET C 77 6.72 -21.28 1.42
N PHE C 78 7.59 -22.22 1.14
CA PHE C 78 7.79 -23.41 1.92
C PHE C 78 9.18 -23.29 2.47
N TRP C 79 9.43 -24.00 3.58
CA TRP C 79 10.76 -23.95 4.19
C TRP C 79 11.06 -25.26 4.92
N SER C 80 12.34 -25.65 4.94
CA SER C 80 12.82 -26.78 5.74
C SER C 80 14.07 -26.44 6.51
N GLY C 81 13.98 -26.66 7.82
CA GLY C 81 15.14 -26.52 8.72
C GLY C 81 15.65 -25.09 8.88
N VAL C 82 14.88 -24.09 8.41
CA VAL C 82 15.28 -22.65 8.57
C VAL C 82 14.18 -21.73 9.03
N TYR C 83 13.36 -22.16 9.97
CA TYR C 83 12.23 -21.38 10.45
C TYR C 83 12.63 -19.91 10.66
N ASP C 84 13.61 -19.63 11.52
CA ASP C 84 13.93 -18.21 11.74
C ASP C 84 14.20 -17.38 10.51
N GLU C 85 14.99 -17.92 9.56
CA GLU C 85 15.42 -17.13 8.40
C GLU C 85 14.36 -16.95 7.34
N ALA C 86 13.75 -18.05 6.92
CA ALA C 86 12.59 -18.04 6.09
C ALA C 86 11.50 -17.03 6.56
N HIS C 87 11.20 -17.01 7.87
CA HIS C 87 10.24 -16.04 8.37
C HIS C 87 10.78 -14.59 8.41
N ASP C 88 12.03 -14.37 8.81
CA ASP C 88 12.60 -13.01 8.80
C ASP C 88 12.48 -12.51 7.34
N TYR C 89 12.81 -13.39 6.39
CA TYR C 89 12.86 -12.99 5.01
C TYR C 89 11.49 -12.80 4.40
N ALA C 90 10.56 -13.71 4.72
CA ALA C 90 9.16 -13.54 4.25
C ALA C 90 8.50 -12.32 4.88
N ASN C 91 9.10 -11.82 5.93
CA ASN C 91 8.74 -10.51 6.50
C ASN C 91 7.26 -10.32 6.70
N THR C 92 6.64 -11.29 7.37
CA THR C 92 5.25 -11.18 7.83
C THR C 92 4.29 -10.83 6.71
N GLY C 93 4.45 -11.59 5.62
CA GLY C 93 3.50 -11.58 4.55
C GLY C 93 3.76 -10.47 3.57
N ARG C 94 4.66 -9.54 3.91
CA ARG C 94 5.01 -8.47 2.97
C ARG C 94 5.64 -9.03 1.71
N LYS C 95 6.64 -9.89 1.86
CA LYS C 95 7.35 -10.39 0.69
C LYS C 95 6.86 -11.77 0.30
N TYR C 96 6.69 -12.66 1.28
CA TYR C 96 6.19 -14.02 1.04
C TYR C 96 5.15 -14.43 2.09
N ILE C 97 4.26 -15.34 1.75
CA ILE C 97 3.36 -15.96 2.72
C ILE C 97 4.02 -17.25 3.31
N THR C 98 4.12 -17.39 4.62
CA THR C 98 4.32 -18.74 5.09
C THR C 98 2.99 -19.35 5.64
N LEU C 99 3.06 -20.64 5.93
CA LEU C 99 1.99 -21.35 6.56
C LEU C 99 1.62 -20.68 7.89
N GLU C 100 2.61 -20.07 8.48
CA GLU C 100 2.40 -19.50 9.81
C GLU C 100 1.74 -18.12 9.77
N ASP C 101 1.61 -17.56 8.57
CA ASP C 101 0.84 -16.34 8.34
C ASP C 101 -0.63 -16.62 8.07
N THR C 102 -0.92 -17.84 7.59
CA THR C 102 -2.25 -18.27 7.34
C THR C 102 -3.03 -18.45 8.63
N LEU C 103 -4.36 -18.32 8.53
CA LEU C 103 -5.22 -18.40 9.71
C LEU C 103 -4.86 -19.60 10.58
N PRO C 104 -4.86 -20.85 9.99
CA PRO C 104 -4.71 -22.09 10.79
C PRO C 104 -3.37 -22.15 11.39
N GLY C 105 -2.38 -21.77 10.54
CA GLY C 105 -0.99 -21.67 10.92
C GLY C 105 -0.81 -20.77 12.09
N TYR C 106 -1.37 -19.57 12.02
CA TYR C 106 -1.29 -18.57 13.08
C TYR C 106 -1.97 -18.97 14.39
N MET C 107 -3.11 -19.64 14.29
CA MET C 107 -3.88 -19.95 15.46
C MET C 107 -3.18 -20.98 16.26
N LEU C 108 -2.63 -22.02 15.62
CA LEU C 108 -2.06 -23.12 16.36
C LEU C 108 -0.53 -23.06 16.49
N ASN C 109 0.10 -22.11 15.81
CA ASN C 109 1.58 -22.10 15.87
C ASN C 109 2.10 -22.27 17.30
N SER C 110 2.94 -23.29 17.57
CA SER C 110 3.63 -23.46 18.88
C SER C 110 2.80 -24.06 19.97
N LEU C 111 1.50 -24.19 19.74
CA LEU C 111 0.61 -24.72 20.72
C LEU C 111 0.78 -26.23 20.87
N VAL C 112 0.50 -26.74 22.07
CA VAL C 112 0.51 -28.14 22.37
C VAL C 112 -0.90 -28.49 23.00
N TRP C 113 -1.51 -29.60 22.54
CA TRP C 113 -2.79 -30.14 22.99
C TRP C 113 -2.86 -31.58 22.57
N CYS C 114 -3.78 -32.32 23.16
CA CYS C 114 -4.04 -33.72 22.81
C CYS C 114 -5.37 -34.13 23.46
N GLY C 115 -5.96 -35.17 22.91
CA GLY C 115 -7.20 -35.72 23.42
C GLY C 115 -7.07 -36.59 24.66
N GLN C 116 -8.17 -36.73 25.38
CA GLN C 116 -8.30 -37.80 26.34
C GLN C 116 -9.72 -38.27 26.25
N ARG C 117 -9.96 -39.54 26.55
CA ARG C 117 -11.32 -40.07 26.44
C ARG C 117 -12.32 -39.46 27.44
N ALA C 118 -11.89 -39.23 28.68
CA ALA C 118 -12.71 -38.63 29.74
C ALA C 118 -12.82 -37.09 29.71
N ASN C 119 -13.94 -36.56 30.21
CA ASN C 119 -14.22 -35.12 30.23
C ASN C 119 -13.07 -34.40 30.90
N PRO C 120 -12.69 -33.20 30.40
CA PRO C 120 -13.27 -32.35 29.36
C PRO C 120 -12.94 -32.71 27.93
N GLY C 121 -12.33 -33.88 27.70
CA GLY C 121 -12.15 -34.39 26.35
C GLY C 121 -10.77 -34.12 25.82
N PHE C 122 -10.00 -33.40 26.61
CA PHE C 122 -8.62 -33.14 26.25
C PHE C 122 -7.86 -33.13 27.57
N ASN C 123 -6.56 -33.39 27.51
CA ASN C 123 -5.73 -33.47 28.69
C ASN C 123 -5.28 -32.06 29.02
N GLU C 124 -5.07 -31.79 30.31
CA GLU C 124 -4.66 -30.46 30.75
C GLU C 124 -3.40 -30.59 31.56
N LYS C 125 -2.80 -31.77 31.54
CA LYS C 125 -1.64 -32.04 32.42
C LYS C 125 -0.42 -32.41 31.59
N VAL C 126 -0.63 -33.37 30.70
CA VAL C 126 0.48 -34.03 30.02
C VAL C 126 0.00 -34.53 28.70
N CYS C 127 0.88 -34.40 27.72
CA CYS C 127 0.68 -35.03 26.42
C CYS C 127 1.79 -36.03 26.23
N PRO C 128 1.54 -37.09 25.43
CA PRO C 128 2.60 -38.04 25.19
C PRO C 128 3.61 -37.47 24.23
N ASP C 129 4.85 -37.90 24.32
CA ASP C 129 5.76 -37.68 23.21
C ASP C 129 5.11 -38.29 21.98
N PHE C 130 4.99 -37.52 20.91
CA PHE C 130 4.23 -38.07 19.78
C PHE C 130 5.08 -39.11 18.98
N LYS C 131 6.34 -39.34 19.40
CA LYS C 131 7.12 -40.53 18.97
C LYS C 131 6.43 -41.82 19.43
N THR C 132 5.58 -41.71 20.43
CA THR C 132 4.83 -42.90 20.88
C THR C 132 3.63 -43.17 19.97
N CYS C 133 3.16 -42.16 19.26
CA CYS C 133 1.99 -42.25 18.42
C CYS C 133 2.28 -42.67 16.97
N PRO C 134 1.36 -43.42 16.33
CA PRO C 134 1.64 -43.77 14.91
C PRO C 134 1.83 -42.47 14.12
N VAL C 135 2.54 -42.50 13.00
CA VAL C 135 2.91 -41.28 12.25
C VAL C 135 1.69 -40.46 11.83
N GLN C 136 0.64 -41.16 11.42
CA GLN C 136 -0.54 -40.48 10.93
C GLN C 136 -1.15 -39.67 12.06
N ALA C 137 -0.94 -40.13 13.30
CA ALA C 137 -1.43 -39.40 14.47
C ALA C 137 -0.51 -38.24 14.76
N ARG C 138 0.81 -38.42 14.75
CA ARG C 138 1.73 -37.35 15.16
C ARG C 138 1.61 -36.24 14.17
N GLU C 139 1.33 -36.63 12.93
CA GLU C 139 1.42 -35.66 11.87
C GLU C 139 0.06 -35.23 11.36
N SER C 140 -1.03 -35.68 12.00
CA SER C 140 -2.39 -35.37 11.53
C SER C 140 -2.61 -33.88 11.39
N PHE C 141 -2.31 -33.11 12.44
CA PHE C 141 -2.50 -31.69 12.34
C PHE C 141 -1.52 -30.97 11.35
N TRP C 142 -0.23 -30.91 11.63
CA TRP C 142 0.60 -30.09 10.72
C TRP C 142 0.80 -30.68 9.31
N GLY C 143 0.73 -31.98 9.25
CA GLY C 143 0.86 -32.69 8.00
C GLY C 143 -0.22 -32.26 7.07
N MET C 144 -1.47 -32.44 7.49
CA MET C 144 -2.61 -31.90 6.75
C MET C 144 -2.64 -30.39 6.54
N ALA C 145 -2.20 -29.61 7.53
CA ALA C 145 -2.16 -28.17 7.33
C ALA C 145 -1.22 -27.88 6.16
N SER C 146 -0.07 -28.55 6.11
CA SER C 146 0.87 -28.40 5.00
C SER C 146 0.22 -28.79 3.68
N SER C 147 -0.56 -29.86 3.72
CA SER C 147 -1.09 -30.37 2.48
C SER C 147 -2.14 -29.42 1.99
N SER C 148 -2.98 -28.97 2.92
CA SER C 148 -4.04 -28.06 2.49
C SER C 148 -3.37 -26.79 1.91
N TYR C 149 -2.40 -26.24 2.61
CA TYR C 149 -1.73 -25.04 2.11
C TYR C 149 -1.02 -25.26 0.76
N ALA C 150 -0.39 -26.40 0.56
CA ALA C 150 0.38 -26.55 -0.67
C ALA C 150 -0.60 -26.70 -1.85
N HIS C 151 -1.75 -27.30 -1.57
CA HIS C 151 -2.77 -27.59 -2.56
C HIS C 151 -3.43 -26.29 -3.05
N SER C 152 -3.22 -25.19 -2.31
CA SER C 152 -3.82 -23.88 -2.58
C SER C 152 -2.81 -22.96 -3.25
N ALA C 153 -1.55 -23.34 -3.24
CA ALA C 153 -0.51 -22.53 -3.84
C ALA C 153 -0.79 -22.28 -5.31
N GLU C 154 -0.53 -21.07 -5.81
CA GLU C 154 -0.57 -20.89 -7.28
C GLU C 154 0.60 -20.12 -7.84
N GLY C 155 0.98 -20.45 -9.06
CA GLY C 155 2.06 -19.74 -9.72
C GLY C 155 3.44 -20.15 -9.24
N GLU C 156 4.31 -19.17 -9.01
CA GLU C 156 5.64 -19.48 -8.55
C GLU C 156 5.58 -19.73 -7.04
N VAL C 157 6.26 -20.77 -6.58
CA VAL C 157 6.45 -21.06 -5.17
C VAL C 157 7.95 -21.08 -4.86
N THR C 158 8.27 -20.78 -3.61
CA THR C 158 9.61 -20.63 -3.11
C THR C 158 9.90 -21.59 -1.95
N TYR C 159 11.12 -22.04 -1.88
CA TYR C 159 11.47 -23.10 -0.93
C TYR C 159 12.83 -22.75 -0.44
N MET C 160 12.89 -22.46 0.86
CA MET C 160 14.12 -22.15 1.50
C MET C 160 14.63 -23.37 2.24
N VAL C 161 15.91 -23.69 2.04
CA VAL C 161 16.48 -24.87 2.66
C VAL C 161 17.73 -24.52 3.42
N ASP C 162 18.14 -25.46 4.28
CA ASP C 162 19.41 -25.41 4.98
C ASP C 162 20.36 -26.27 4.17
N GLY C 163 21.40 -25.65 3.64
CA GLY C 163 22.35 -26.41 2.89
C GLY C 163 23.69 -26.40 3.57
N SER C 164 23.65 -26.40 4.90
CA SER C 164 24.79 -26.39 5.81
C SER C 164 24.71 -27.48 6.91
N ASN C 165 23.62 -28.26 6.90
CA ASN C 165 23.46 -29.38 7.82
C ASN C 165 24.11 -30.65 7.29
N PRO C 166 25.18 -31.13 7.98
CA PRO C 166 25.87 -32.33 7.52
C PRO C 166 25.07 -33.61 7.79
N LYS C 167 24.10 -33.50 8.71
CA LYS C 167 23.24 -34.59 9.14
C LYS C 167 21.88 -34.63 8.40
N VAL C 168 21.51 -33.53 7.74
CA VAL C 168 20.17 -33.41 7.17
C VAL C 168 20.33 -32.69 5.84
N PRO C 169 20.14 -33.42 4.72
CA PRO C 169 20.15 -32.82 3.39
C PRO C 169 19.10 -31.72 3.22
N ALA C 170 19.48 -30.72 2.44
CA ALA C 170 18.63 -29.63 1.95
C ALA C 170 17.20 -30.12 1.67
N TYR C 171 17.09 -31.05 0.72
CA TYR C 171 15.84 -31.66 0.35
C TYR C 171 15.72 -33.10 0.83
N ARG C 172 14.56 -33.44 1.40
CA ARG C 172 14.26 -34.85 1.71
C ARG C 172 12.79 -35.14 1.54
N PRO C 173 12.46 -36.32 0.98
CA PRO C 173 11.12 -36.91 0.82
C PRO C 173 10.46 -37.03 2.14
N ASP C 174 11.27 -37.35 3.14
CA ASP C 174 10.84 -37.54 4.52
C ASP C 174 10.52 -36.22 5.34
N SER C 175 10.83 -35.03 4.82
CA SER C 175 10.44 -33.80 5.54
C SER C 175 8.97 -33.50 5.29
N PHE C 176 8.45 -32.46 5.93
CA PHE C 176 7.04 -32.07 5.74
C PHE C 176 6.84 -31.53 4.33
N PHE C 177 7.88 -30.88 3.84
CA PHE C 177 7.91 -30.50 2.47
C PHE C 177 7.80 -31.74 1.60
N GLY C 178 8.62 -32.75 1.91
CA GLY C 178 8.79 -33.83 1.00
C GLY C 178 7.64 -34.82 1.01
N LYS C 179 6.90 -34.84 2.12
CA LYS C 179 5.78 -35.75 2.41
C LYS C 179 4.44 -35.12 2.06
N TYR C 180 4.36 -33.79 2.18
CA TYR C 180 3.05 -33.13 2.20
C TYR C 180 2.94 -31.92 1.29
N GLU C 181 4.07 -31.37 0.84
CA GLU C 181 3.97 -30.14 0.09
C GLU C 181 4.34 -30.32 -1.37
N LEU C 182 5.57 -30.67 -1.67
CA LEU C 182 5.93 -30.93 -3.02
C LEU C 182 4.94 -31.87 -3.76
N PRO C 183 4.48 -32.97 -3.12
CA PRO C 183 3.60 -33.80 -3.95
C PRO C 183 2.16 -33.32 -3.96
N ASN C 184 1.84 -32.25 -3.24
CA ASN C 184 0.46 -31.76 -3.33
C ASN C 184 0.36 -30.47 -4.18
N LEU C 185 1.50 -30.02 -4.70
CA LEU C 185 1.55 -28.84 -5.54
C LEU C 185 0.76 -29.14 -6.83
N THR C 186 -0.25 -28.34 -7.19
CA THR C 186 -1.09 -28.61 -8.37
C THR C 186 -0.57 -27.93 -9.64
N ASN C 187 -1.15 -28.27 -10.78
CA ASN C 187 -0.83 -27.63 -12.06
C ASN C 187 -1.17 -26.15 -12.16
N LYS C 188 -1.51 -25.50 -11.05
CA LYS C 188 -1.59 -24.04 -11.00
C LYS C 188 -0.23 -23.51 -10.59
N VAL C 189 0.61 -24.40 -10.05
CA VAL C 189 2.01 -24.07 -9.82
C VAL C 189 2.79 -24.13 -11.12
N THR C 190 3.69 -23.16 -11.28
CA THR C 190 4.37 -23.02 -12.56
C THR C 190 5.85 -23.21 -12.37
N ARG C 191 6.31 -22.98 -11.15
CA ARG C 191 7.73 -22.93 -10.91
C ARG C 191 8.00 -23.11 -9.40
N VAL C 192 9.06 -23.86 -9.10
CA VAL C 192 9.62 -23.99 -7.77
C VAL C 192 10.94 -23.22 -7.79
N LYS C 193 11.01 -22.12 -7.04
CA LYS C 193 12.26 -21.36 -6.91
C LYS C 193 12.95 -21.74 -5.56
N VAL C 194 14.12 -22.38 -5.61
CA VAL C 194 14.76 -22.81 -4.36
C VAL C 194 15.82 -21.82 -3.91
N ILE C 195 15.79 -21.50 -2.62
CA ILE C 195 16.83 -20.63 -2.04
C ILE C 195 17.54 -21.46 -1.00
N VAL C 196 18.83 -21.68 -1.23
CA VAL C 196 19.66 -22.47 -0.35
C VAL C 196 20.37 -21.54 0.63
N LEU C 197 20.27 -21.88 1.90
CA LEU C 197 20.81 -21.08 2.91
C LEU C 197 22.07 -21.77 3.40
N HIS C 198 23.22 -21.10 3.16
CA HIS C 198 24.51 -21.43 3.70
C HIS C 198 24.75 -20.63 4.98
N ARG C 199 24.67 -21.25 6.15
CA ARG C 199 24.85 -20.50 7.40
C ARG C 199 26.25 -19.94 7.49
N LEU C 200 26.34 -18.70 7.96
CA LEU C 200 27.61 -17.96 8.01
C LEU C 200 28.63 -18.65 8.92
N GLY C 201 29.87 -18.76 8.44
CA GLY C 201 30.98 -19.34 9.22
C GLY C 201 31.03 -20.88 9.17
N GLU C 202 30.21 -21.46 8.32
CA GLU C 202 30.01 -22.89 8.32
C GLU C 202 30.28 -23.57 7.01
N LYS C 203 30.64 -24.85 7.13
CA LYS C 203 31.07 -25.68 6.01
C LYS C 203 29.92 -25.79 5.02
N ILE C 204 30.18 -25.54 3.74
CA ILE C 204 29.12 -25.67 2.75
C ILE C 204 28.90 -27.16 2.38
N ILE C 205 27.71 -27.63 2.73
CA ILE C 205 27.42 -29.04 2.63
C ILE C 205 26.66 -29.41 1.35
N GLU C 206 25.69 -28.57 0.98
CA GLU C 206 24.78 -28.80 -0.15
C GLU C 206 24.93 -27.69 -1.12
N LYS C 207 24.94 -28.04 -2.39
CA LYS C 207 25.09 -27.05 -3.44
C LYS C 207 24.04 -27.24 -4.55
N CYS C 208 23.56 -26.14 -5.09
CA CYS C 208 22.70 -26.12 -6.28
C CYS C 208 23.26 -27.00 -7.43
N GLY C 209 22.39 -27.84 -7.99
CA GLY C 209 22.77 -28.68 -9.11
C GLY C 209 23.38 -30.00 -8.67
N ALA C 210 23.53 -30.18 -7.36
CA ALA C 210 24.14 -31.41 -6.83
C ALA C 210 23.29 -32.06 -5.75
N GLY C 211 23.61 -33.33 -5.47
CA GLY C 211 23.01 -34.06 -4.36
C GLY C 211 21.49 -34.01 -4.27
N SER C 212 20.99 -33.77 -3.06
CA SER C 212 19.55 -33.85 -2.78
C SER C 212 18.79 -32.79 -3.59
N LEU C 213 19.51 -31.72 -3.90
CA LEU C 213 19.00 -30.62 -4.67
C LEU C 213 18.85 -30.99 -6.13
N LEU C 214 19.75 -31.84 -6.59
CA LEU C 214 19.61 -32.41 -7.91
C LEU C 214 18.48 -33.40 -7.82
N ASP C 215 18.34 -34.11 -6.70
CA ASP C 215 17.21 -35.06 -6.62
C ASP C 215 15.90 -34.33 -6.74
N LEU C 216 15.88 -33.09 -6.23
CA LEU C 216 14.69 -32.26 -6.20
C LEU C 216 14.37 -31.59 -7.56
N GLU C 217 15.38 -30.89 -8.10
CA GLU C 217 15.35 -30.44 -9.49
C GLU C 217 14.60 -31.49 -10.32
N LYS C 218 14.96 -32.75 -10.13
CA LYS C 218 14.40 -33.83 -10.94
C LYS C 218 12.95 -34.05 -10.59
N LEU C 219 12.66 -34.10 -9.29
CA LEU C 219 11.29 -34.30 -8.82
C LEU C 219 10.43 -33.20 -9.35
N VAL C 220 11.03 -32.01 -9.47
CA VAL C 220 10.28 -30.82 -9.80
C VAL C 220 9.90 -30.85 -11.28
N LYS C 221 10.92 -30.85 -12.13
CA LYS C 221 10.74 -31.03 -13.56
C LYS C 221 9.88 -32.24 -13.91
N ALA C 222 9.99 -33.33 -13.17
CA ALA C 222 9.07 -34.48 -13.32
C ALA C 222 7.61 -34.16 -12.96
N LYS C 223 7.39 -33.14 -12.14
CA LYS C 223 6.01 -32.68 -11.89
C LYS C 223 5.55 -31.61 -12.91
N HIS C 224 6.42 -31.35 -13.90
CA HIS C 224 6.17 -30.36 -14.94
C HIS C 224 6.39 -28.88 -14.54
N PHE C 225 7.02 -28.62 -13.42
CA PHE C 225 7.32 -27.24 -13.02
C PHE C 225 8.68 -26.78 -13.53
N ALA C 226 8.77 -25.54 -13.97
CA ALA C 226 10.07 -24.88 -14.04
C ALA C 226 10.75 -24.90 -12.65
N PHE C 227 12.08 -24.79 -12.64
CA PHE C 227 12.86 -24.94 -11.43
C PHE C 227 14.04 -24.00 -11.48
N ASP C 228 14.25 -23.22 -10.42
CA ASP C 228 15.59 -22.63 -10.25
C ASP C 228 16.07 -22.68 -8.80
N CYS C 229 17.32 -22.25 -8.60
CA CYS C 229 18.02 -22.47 -7.37
C CYS C 229 19.13 -21.43 -7.18
N VAL C 230 19.08 -20.71 -6.04
CA VAL C 230 20.14 -19.78 -5.71
C VAL C 230 20.67 -20.08 -4.33
N GLU C 231 21.96 -19.78 -4.14
CA GLU C 231 22.63 -19.98 -2.88
C GLU C 231 22.87 -18.58 -2.31
N ASN C 232 22.54 -18.35 -1.04
CA ASN C 232 22.60 -17.01 -0.46
C ASN C 232 22.48 -15.82 -1.40
N PRO C 233 21.27 -15.54 -1.90
CA PRO C 233 21.03 -14.36 -2.73
C PRO C 233 21.14 -13.09 -1.89
N ARG C 234 21.66 -11.99 -2.47
CA ARG C 234 22.00 -10.78 -1.69
C ARG C 234 21.03 -10.38 -0.55
N ALA C 235 19.73 -10.41 -0.85
CA ALA C 235 18.64 -10.06 0.08
C ALA C 235 18.69 -10.91 1.37
N VAL C 236 18.87 -12.22 1.18
CA VAL C 236 18.96 -13.17 2.24
C VAL C 236 20.31 -13.06 2.96
N LEU C 237 21.40 -13.02 2.18
CA LEU C 237 22.71 -12.78 2.74
C LEU C 237 22.73 -11.60 3.75
N PHE C 238 22.21 -10.45 3.35
CA PHE C 238 22.26 -9.31 4.24
C PHE C 238 21.62 -9.58 5.61
N LEU C 239 20.52 -10.34 5.57
CA LEU C 239 19.71 -10.67 6.73
C LEU C 239 20.53 -11.52 7.70
N LEU C 240 21.22 -12.52 7.17
CA LEU C 240 22.18 -13.30 7.96
C LEU C 240 23.25 -12.39 8.48
N CYS C 241 23.78 -11.52 7.62
CA CYS C 241 24.81 -10.59 8.02
C CYS C 241 24.35 -9.63 9.12
N SER C 242 23.07 -9.29 9.17
CA SER C 242 22.59 -8.49 10.29
C SER C 242 22.83 -9.15 11.66
N ASP C 243 22.54 -10.44 11.80
CA ASP C 243 22.83 -11.14 13.05
C ASP C 243 24.27 -11.62 13.24
N ASN C 244 25.11 -11.51 12.20
CA ASN C 244 26.51 -11.81 12.36
C ASN C 244 27.38 -10.93 11.48
N PRO C 245 27.51 -9.67 11.89
CA PRO C 245 28.19 -8.62 11.11
C PRO C 245 29.61 -8.96 10.71
N ASN C 246 30.31 -9.68 11.55
CA ASN C 246 31.71 -9.88 11.38
C ASN C 246 32.03 -11.04 10.49
N ALA C 247 31.09 -11.99 10.41
CA ALA C 247 31.26 -13.16 9.58
C ALA C 247 31.97 -12.81 8.26
N ARG C 248 33.00 -13.58 7.90
CA ARG C 248 33.76 -13.30 6.70
C ARG C 248 32.88 -13.05 5.47
N GLU C 249 31.78 -13.79 5.37
CA GLU C 249 30.87 -13.69 4.21
C GLU C 249 30.22 -12.30 4.03
N CYS C 250 30.29 -11.47 5.07
CA CYS C 250 29.69 -10.13 5.13
C CYS C 250 30.69 -8.97 4.97
N ARG C 251 31.77 -9.21 4.26
CA ARG C 251 32.80 -8.20 4.33
C ARG C 251 32.53 -7.05 3.35
N LEU C 252 32.77 -5.84 3.85
CA LEU C 252 32.49 -4.61 3.10
C LEU C 252 33.48 -4.33 1.96
N ALA D 2 -13.23 12.04 8.96
CA ALA D 2 -13.61 10.60 9.20
C ALA D 2 -12.39 9.70 9.46
N ILE D 3 -12.54 8.83 10.47
CA ILE D 3 -11.60 7.77 10.84
C ILE D 3 -12.46 6.62 11.41
N VAL D 4 -12.18 5.38 10.99
CA VAL D 4 -13.04 4.24 11.36
C VAL D 4 -12.53 3.53 12.62
N PRO D 5 -13.37 3.44 13.67
CA PRO D 5 -12.92 2.65 14.84
C PRO D 5 -12.74 1.13 14.54
N THR D 6 -11.77 0.48 15.23
CA THR D 6 -11.67 -0.95 15.21
C THR D 6 -13.02 -1.57 15.64
N ARG D 7 -13.48 -2.58 14.91
CA ARG D 7 -14.75 -3.31 15.25
C ARG D 7 -14.54 -4.24 16.43
N GLU D 8 -15.60 -4.61 17.12
CA GLU D 8 -15.49 -5.51 18.30
C GLU D 8 -14.29 -5.18 19.21
N LEU D 9 -14.09 -3.90 19.53
CA LEU D 9 -12.91 -3.48 20.25
C LEU D 9 -12.67 -4.33 21.47
N GLU D 10 -13.73 -4.61 22.21
CA GLU D 10 -13.60 -5.48 23.41
C GLU D 10 -13.00 -6.87 23.10
N ASN D 11 -13.63 -7.67 22.25
CA ASN D 11 -13.11 -8.97 21.86
C ASN D 11 -11.70 -8.87 21.28
N VAL D 12 -11.43 -7.83 20.50
CA VAL D 12 -10.09 -7.74 19.92
C VAL D 12 -9.09 -7.54 21.05
N PHE D 13 -9.44 -6.67 22.01
CA PHE D 13 -8.60 -6.40 23.20
C PHE D 13 -8.37 -7.64 24.07
N LEU D 14 -9.48 -8.27 24.45
CA LEU D 14 -9.58 -9.55 25.14
C LEU D 14 -8.83 -10.68 24.44
N GLY D 15 -9.03 -10.79 23.15
CA GLY D 15 -8.34 -11.82 22.38
C GLY D 15 -6.83 -11.61 22.38
N ARG D 16 -6.39 -10.37 22.25
CA ARG D 16 -4.93 -10.12 22.22
C ARG D 16 -4.37 -10.32 23.63
N CYS D 17 -5.17 -9.97 24.63
CA CYS D 17 -4.66 -9.96 26.00
C CYS D 17 -4.42 -11.40 26.40
N LYS D 18 -5.45 -12.23 26.20
CA LYS D 18 -5.34 -13.67 26.41
C LYS D 18 -4.21 -14.30 25.59
N ASP D 19 -4.08 -13.97 24.29
CA ASP D 19 -3.01 -14.62 23.46
C ASP D 19 -1.70 -14.24 24.07
N TYR D 20 -1.54 -12.96 24.43
CA TYR D 20 -0.30 -12.46 25.03
C TYR D 20 -0.03 -13.20 26.33
N GLU D 21 -1.00 -13.25 27.22
CA GLU D 21 -0.73 -13.78 28.56
C GLU D 21 -0.24 -15.22 28.44
N ILE D 22 -0.92 -16.01 27.63
CA ILE D 22 -0.59 -17.44 27.58
C ILE D 22 0.59 -17.72 26.75
N THR D 23 0.85 -16.95 25.69
CA THR D 23 1.85 -17.44 24.71
C THR D 23 2.95 -16.51 24.22
N ARG D 24 3.03 -15.27 24.71
CA ARG D 24 3.87 -14.28 24.01
C ARG D 24 4.89 -13.73 24.95
N TYR D 25 6.10 -13.53 24.41
CA TYR D 25 7.25 -13.07 25.14
C TYR D 25 7.47 -13.86 26.48
N LEU D 26 7.17 -15.14 26.47
CA LEU D 26 7.19 -15.88 27.70
C LEU D 26 8.52 -15.74 28.42
N ASP D 27 9.63 -15.90 27.70
CA ASP D 27 10.94 -15.89 28.39
C ASP D 27 11.63 -14.54 28.28
N ILE D 28 10.82 -13.49 28.13
CA ILE D 28 11.33 -12.22 27.67
C ILE D 28 10.74 -11.08 28.47
N LEU D 29 9.47 -11.21 28.82
CA LEU D 29 8.77 -10.26 29.62
C LEU D 29 7.89 -11.03 30.57
N PRO D 30 7.62 -10.46 31.73
CA PRO D 30 6.86 -11.15 32.75
C PRO D 30 5.34 -10.94 32.60
N ARG D 31 4.55 -11.88 33.11
CA ARG D 31 3.10 -11.69 33.18
C ARG D 31 2.70 -10.54 34.11
N VAL D 32 1.61 -9.85 33.81
CA VAL D 32 1.00 -8.97 34.83
C VAL D 32 0.02 -9.80 35.67
N ARG D 33 -0.25 -9.33 36.87
CA ARG D 33 -1.11 -10.08 37.76
C ARG D 33 -2.63 -9.89 37.52
N SER D 34 -3.01 -8.76 36.93
CA SER D 34 -4.43 -8.48 36.64
C SER D 34 -4.86 -9.42 35.55
N ASP D 35 -6.08 -9.95 35.67
CA ASP D 35 -6.54 -10.73 34.55
C ASP D 35 -7.17 -9.84 33.46
N CYS D 36 -7.40 -10.45 32.29
CA CYS D 36 -7.73 -9.71 31.06
C CYS D 36 -8.93 -8.83 31.25
N SER D 37 -10.01 -9.43 31.76
CA SER D 37 -11.23 -8.70 32.01
C SER D 37 -11.02 -7.47 32.94
N ALA D 38 -10.26 -7.63 34.02
CA ALA D 38 -10.02 -6.46 34.88
C ALA D 38 -9.32 -5.39 34.06
N LEU D 39 -8.35 -5.76 33.21
CA LEU D 39 -7.59 -4.75 32.48
C LEU D 39 -8.50 -4.05 31.50
N TRP D 40 -9.45 -4.81 30.98
CA TRP D 40 -10.46 -4.23 30.12
C TRP D 40 -11.23 -3.21 30.89
N LYS D 41 -11.63 -3.54 32.12
CA LYS D 41 -12.42 -2.62 32.96
C LYS D 41 -11.63 -1.31 33.16
N ASP D 42 -10.34 -1.42 33.44
CA ASP D 42 -9.48 -0.26 33.58
C ASP D 42 -9.33 0.60 32.32
N PHE D 43 -9.22 -0.06 31.17
CA PHE D 43 -9.03 0.57 29.86
C PHE D 43 -10.32 1.29 29.47
N PHE D 44 -11.42 0.57 29.53
CA PHE D 44 -12.70 1.10 29.21
C PHE D 44 -13.05 2.31 30.07
N LYS D 45 -12.83 2.25 31.39
CA LYS D 45 -13.25 3.40 32.22
C LYS D 45 -12.52 4.72 31.86
N ALA D 46 -11.36 4.61 31.23
CA ALA D 46 -10.57 5.78 30.91
C ALA D 46 -11.17 6.74 29.87
N PHE D 47 -11.95 6.23 28.93
CA PHE D 47 -12.48 7.06 27.87
C PHE D 47 -14.01 6.89 27.68
N SER D 48 -14.61 5.86 28.27
CA SER D 48 -16.07 5.62 28.07
C SER D 48 -16.94 6.70 28.69
N PHE D 49 -18.11 6.92 28.10
CA PHE D 49 -19.09 7.91 28.58
C PHE D 49 -18.54 9.32 28.77
N LYS D 50 -17.58 9.68 27.90
CA LYS D 50 -17.01 11.02 27.78
C LYS D 50 -17.05 11.46 26.30
N ASN D 51 -17.19 12.77 26.05
CA ASN D 51 -16.79 13.34 24.76
C ASN D 51 -15.49 12.65 24.29
N PRO D 52 -15.43 12.30 22.99
CA PRO D 52 -14.25 11.69 22.39
C PRO D 52 -12.98 12.47 22.64
N CYS D 53 -13.12 13.77 22.84
CA CYS D 53 -12.00 14.66 23.10
C CYS D 53 -11.88 15.11 24.55
N ASP D 54 -12.59 14.45 25.47
CA ASP D 54 -12.46 14.75 26.90
C ASP D 54 -11.40 13.83 27.55
N LEU D 55 -10.12 14.07 27.26
CA LEU D 55 -9.08 13.15 27.71
C LEU D 55 -7.81 13.90 28.06
N ASP D 56 -7.19 13.49 29.17
CA ASP D 56 -5.91 14.05 29.62
C ASP D 56 -4.86 12.98 29.92
N LEU D 57 -3.66 13.46 30.19
CA LEU D 57 -2.56 12.58 30.48
C LEU D 57 -2.84 11.60 31.63
N GLY D 58 -3.89 11.81 32.41
CA GLY D 58 -4.22 10.85 33.45
C GLY D 58 -5.46 9.99 33.18
N SER D 59 -6.00 10.05 31.98
CA SER D 59 -7.25 9.35 31.81
C SER D 59 -6.98 7.85 31.97
N TYR D 60 -5.88 7.35 31.36
CA TYR D 60 -5.50 5.91 31.38
C TYR D 60 -4.52 5.45 32.50
N LYS D 61 -4.33 6.29 33.52
CA LYS D 61 -3.38 6.00 34.58
C LYS D 61 -3.67 4.63 35.24
N ASP D 62 -4.89 4.36 35.65
CA ASP D 62 -5.20 3.05 36.23
C ASP D 62 -4.94 1.86 35.25
N PHE D 63 -5.32 2.00 33.99
CA PHE D 63 -4.98 0.98 32.99
C PHE D 63 -3.49 0.61 33.07
N PHE D 64 -2.62 1.62 32.99
CA PHE D 64 -1.17 1.40 32.84
C PHE D 64 -0.51 0.88 34.09
N THR D 65 -0.85 1.50 35.23
CA THR D 65 -0.43 1.03 36.51
C THR D 65 -0.63 -0.45 36.49
N SER D 66 -1.85 -0.84 36.16
CA SER D 66 -2.23 -2.22 36.22
C SER D 66 -1.60 -3.14 35.14
N ALA D 67 -1.29 -2.54 33.99
CA ALA D 67 -0.73 -3.27 32.85
C ALA D 67 0.79 -3.22 32.79
N GLN D 68 1.44 -2.44 33.67
CA GLN D 68 2.88 -2.19 33.49
C GLN D 68 3.69 -3.42 33.93
N GLN D 69 4.72 -3.75 33.17
CA GLN D 69 5.54 -4.92 33.38
C GLN D 69 6.89 -4.36 33.69
N GLN D 70 7.62 -5.04 34.58
CA GLN D 70 9.05 -4.76 34.78
C GLN D 70 9.81 -5.16 33.52
N LEU D 71 10.76 -4.32 33.10
CA LEU D 71 11.39 -4.50 31.82
C LEU D 71 12.83 -4.84 31.97
N PRO D 72 13.28 -5.85 31.23
CA PRO D 72 14.61 -6.42 31.44
C PRO D 72 15.73 -5.41 31.11
N LYS D 73 16.73 -5.45 31.94
CA LYS D 73 17.86 -4.54 31.99
C LYS D 73 18.53 -4.48 30.62
N ASN D 74 18.74 -3.26 30.15
CA ASN D 74 19.58 -2.96 28.97
C ASN D 74 18.90 -3.30 27.66
N LYS D 75 17.64 -3.71 27.71
CA LYS D 75 16.97 -4.07 26.47
C LYS D 75 15.94 -3.02 25.89
N VAL D 76 15.75 -1.92 26.59
CA VAL D 76 14.63 -1.05 26.25
C VAL D 76 15.06 -0.23 25.09
N MET D 77 14.21 -0.20 24.07
CA MET D 77 14.43 0.65 22.93
C MET D 77 13.27 1.55 22.82
N PHE D 78 13.60 2.81 22.52
CA PHE D 78 12.68 3.83 22.01
C PHE D 78 13.06 4.14 20.57
N TRP D 79 12.09 4.71 19.84
CA TRP D 79 12.25 4.89 18.39
C TRP D 79 11.50 6.10 17.91
N SER D 80 11.95 6.65 16.78
CA SER D 80 11.32 7.82 16.23
C SER D 80 11.62 7.91 14.78
N GLY D 81 10.54 7.98 14.01
CA GLY D 81 10.55 8.19 12.60
C GLY D 81 10.81 6.93 11.85
N VAL D 82 11.01 5.82 12.59
CA VAL D 82 11.57 4.58 12.01
C VAL D 82 10.94 3.29 12.51
N TYR D 83 9.62 3.24 12.53
CA TYR D 83 8.90 2.09 13.06
C TYR D 83 9.35 0.78 12.45
N ASP D 84 9.31 0.63 11.13
CA ASP D 84 9.71 -0.68 10.52
C ASP D 84 11.14 -1.12 10.87
N GLU D 85 12.12 -0.24 10.69
CA GLU D 85 13.50 -0.63 10.96
C GLU D 85 13.78 -0.93 12.46
N ALA D 86 13.41 -0.01 13.34
CA ALA D 86 13.54 -0.26 14.77
C ALA D 86 12.84 -1.58 15.12
N HIS D 87 11.61 -1.80 14.65
CA HIS D 87 10.92 -3.10 14.93
C HIS D 87 11.61 -4.31 14.30
N ASP D 88 12.06 -4.19 13.07
CA ASP D 88 12.80 -5.30 12.46
C ASP D 88 14.10 -5.50 13.24
N TYR D 89 14.81 -4.41 13.52
CA TYR D 89 16.02 -4.50 14.30
C TYR D 89 15.85 -5.17 15.69
N ALA D 90 14.84 -4.75 16.45
CA ALA D 90 14.62 -5.28 17.81
C ALA D 90 14.19 -6.73 17.78
N ASN D 91 13.68 -7.12 16.63
CA ASN D 91 13.40 -8.52 16.35
C ASN D 91 12.50 -9.24 17.41
N THR D 92 11.29 -8.71 17.62
CA THR D 92 10.28 -9.30 18.47
C THR D 92 10.75 -9.57 19.91
N GLY D 93 11.52 -8.62 20.43
CA GLY D 93 11.94 -8.61 21.83
C GLY D 93 13.18 -9.45 22.08
N ARG D 94 13.70 -10.12 21.04
CA ARG D 94 14.91 -10.88 21.30
C ARG D 94 16.23 -10.07 21.26
N LYS D 95 16.31 -8.98 20.51
CA LYS D 95 17.45 -8.10 20.66
C LYS D 95 17.11 -6.96 21.65
N TYR D 96 16.06 -6.22 21.36
CA TYR D 96 15.58 -5.27 22.29
C TYR D 96 14.08 -5.46 22.37
N ILE D 97 13.51 -4.86 23.42
CA ILE D 97 12.08 -4.68 23.66
C ILE D 97 11.59 -3.36 23.05
N THR D 98 10.40 -3.32 22.51
CA THR D 98 9.78 -2.06 22.25
C THR D 98 8.44 -2.04 22.96
N LEU D 99 7.89 -0.84 22.97
CA LEU D 99 6.65 -0.61 23.60
C LEU D 99 5.58 -1.58 23.03
N GLU D 100 5.77 -1.92 21.76
CA GLU D 100 4.82 -2.69 20.98
C GLU D 100 4.85 -4.13 21.34
N ASP D 101 5.89 -4.50 22.08
CA ASP D 101 6.13 -5.83 22.61
C ASP D 101 5.58 -5.97 23.98
N THR D 102 5.32 -4.87 24.65
CA THR D 102 4.82 -4.93 26.02
C THR D 102 3.30 -5.14 25.99
N LEU D 103 2.73 -5.58 27.11
CA LEU D 103 1.32 -5.94 27.08
C LEU D 103 0.43 -4.83 26.53
N PRO D 104 0.49 -3.63 27.13
CA PRO D 104 -0.35 -2.55 26.65
C PRO D 104 -0.12 -2.18 25.21
N GLY D 105 1.14 -2.09 24.74
CA GLY D 105 1.38 -1.71 23.32
C GLY D 105 0.98 -2.77 22.33
N TYR D 106 1.21 -4.02 22.70
CA TYR D 106 0.72 -5.13 21.91
C TYR D 106 -0.83 -5.19 21.86
N MET D 107 -1.54 -4.96 22.98
CA MET D 107 -3.02 -5.08 22.86
C MET D 107 -3.63 -3.96 21.96
N LEU D 108 -2.99 -2.78 21.95
CA LEU D 108 -3.58 -1.60 21.36
C LEU D 108 -2.96 -1.12 20.09
N ASN D 109 -1.84 -1.73 19.70
CA ASN D 109 -1.15 -1.30 18.46
C ASN D 109 -2.09 -1.15 17.31
N SER D 110 -2.01 0.01 16.65
CA SER D 110 -2.89 0.33 15.54
C SER D 110 -4.41 0.21 15.75
N LEU D 111 -4.92 0.09 16.98
CA LEU D 111 -6.37 0.07 17.09
C LEU D 111 -6.86 1.54 17.11
N VAL D 112 -8.17 1.70 16.94
CA VAL D 112 -8.83 2.98 16.81
C VAL D 112 -10.16 2.88 17.61
N TRP D 113 -10.25 3.67 18.66
CA TRP D 113 -11.44 3.74 19.52
C TRP D 113 -11.58 5.18 20.03
N CYS D 114 -12.78 5.54 20.44
CA CYS D 114 -13.08 6.83 21.09
C CYS D 114 -14.33 6.65 21.93
N GLY D 115 -14.49 7.50 22.95
CA GLY D 115 -15.72 7.54 23.74
C GLY D 115 -16.77 8.46 23.16
N GLN D 116 -18.04 8.21 23.53
CA GLN D 116 -19.18 9.18 23.41
C GLN D 116 -19.93 9.17 24.75
N ARG D 117 -20.67 10.22 25.06
CA ARG D 117 -21.39 10.26 26.35
C ARG D 117 -22.62 9.35 26.38
N ALA D 118 -23.19 9.09 25.21
CA ALA D 118 -24.38 8.26 25.10
C ALA D 118 -24.07 6.77 25.20
N ASN D 119 -25.03 6.02 25.73
CA ASN D 119 -24.98 4.56 25.69
C ASN D 119 -24.65 4.09 24.28
N PRO D 120 -23.74 3.09 24.11
CA PRO D 120 -23.04 2.28 25.08
C PRO D 120 -21.68 2.87 25.51
N GLY D 121 -21.46 4.17 25.28
CA GLY D 121 -20.32 4.85 25.93
C GLY D 121 -19.06 4.93 25.11
N PHE D 122 -18.96 4.09 24.10
CA PHE D 122 -17.94 4.23 23.04
C PHE D 122 -18.62 4.39 21.71
N ASN D 123 -17.87 4.87 20.73
CA ASN D 123 -18.41 4.99 19.39
C ASN D 123 -17.92 3.91 18.43
N GLU D 124 -18.86 3.17 17.85
CA GLU D 124 -18.57 2.12 16.88
C GLU D 124 -18.62 2.61 15.42
N LYS D 125 -19.17 3.80 15.17
CA LYS D 125 -19.27 4.30 13.78
C LYS D 125 -18.10 5.20 13.34
N VAL D 126 -17.63 6.08 14.23
CA VAL D 126 -16.75 7.18 13.85
C VAL D 126 -16.03 7.81 15.02
N CYS D 127 -14.82 8.27 14.76
CA CYS D 127 -13.99 8.93 15.76
C CYS D 127 -13.43 10.19 15.13
N PRO D 128 -13.13 11.23 15.93
CA PRO D 128 -12.69 12.47 15.32
C PRO D 128 -11.32 12.35 14.72
N ASP D 129 -11.09 13.08 13.63
CA ASP D 129 -9.74 13.21 13.11
C ASP D 129 -8.88 13.76 14.22
N PHE D 130 -7.74 13.11 14.39
CA PHE D 130 -6.83 13.37 15.50
C PHE D 130 -6.42 14.85 15.65
N LYS D 131 -6.69 15.68 14.64
CA LYS D 131 -6.26 17.08 14.69
C LYS D 131 -7.27 18.10 15.18
N THR D 132 -8.55 17.74 15.23
CA THR D 132 -9.56 18.64 15.81
C THR D 132 -9.35 18.74 17.32
N CYS D 133 -8.79 17.66 17.86
CA CYS D 133 -8.70 17.36 19.30
C CYS D 133 -7.42 17.96 19.90
N PRO D 134 -7.48 18.45 21.16
CA PRO D 134 -6.28 19.03 21.80
C PRO D 134 -5.12 18.06 22.12
N VAL D 135 -3.89 18.56 21.98
CA VAL D 135 -2.69 17.73 22.13
C VAL D 135 -2.78 16.77 23.30
N GLN D 136 -3.18 17.27 24.46
CA GLN D 136 -3.18 16.46 25.65
C GLN D 136 -4.21 15.33 25.58
N ALA D 137 -5.30 15.54 24.84
CA ALA D 137 -6.30 14.48 24.72
C ALA D 137 -5.96 13.49 23.61
N ARG D 138 -5.27 13.99 22.58
CA ARG D 138 -4.86 13.25 21.39
C ARG D 138 -3.68 12.35 21.76
N GLU D 139 -2.86 12.80 22.71
CA GLU D 139 -1.69 12.06 23.14
C GLU D 139 -1.96 11.31 24.43
N SER D 140 -3.22 11.37 24.87
CA SER D 140 -3.58 10.80 26.15
C SER D 140 -3.29 9.29 26.28
N PHE D 141 -3.56 8.47 25.26
CA PHE D 141 -3.15 7.05 25.33
C PHE D 141 -1.68 6.71 25.02
N TRP D 142 -1.16 7.06 23.86
CA TRP D 142 0.24 6.68 23.62
C TRP D 142 1.22 7.47 24.49
N GLY D 143 0.86 8.72 24.83
CA GLY D 143 1.69 9.53 25.71
C GLY D 143 1.92 8.94 27.08
N MET D 144 0.84 8.49 27.73
CA MET D 144 0.95 7.80 29.01
C MET D 144 1.60 6.41 28.89
N ALA D 145 1.25 5.64 27.84
CA ALA D 145 2.00 4.39 27.55
C ALA D 145 3.51 4.66 27.53
N SER D 146 3.90 5.68 26.79
CA SER D 146 5.34 6.03 26.71
C SER D 146 5.93 6.40 28.04
N SER D 147 5.19 7.16 28.87
CA SER D 147 5.76 7.63 30.13
C SER D 147 5.94 6.42 30.98
N SER D 148 4.93 5.56 31.00
CA SER D 148 4.94 4.39 31.91
C SER D 148 6.07 3.41 31.60
N TYR D 149 6.24 3.15 30.32
CA TYR D 149 7.27 2.29 29.78
C TYR D 149 8.65 2.93 30.02
N ALA D 150 8.79 4.20 29.74
CA ALA D 150 10.06 4.90 30.01
C ALA D 150 10.36 4.85 31.49
N HIS D 151 9.31 4.95 32.30
CA HIS D 151 9.50 4.93 33.70
C HIS D 151 10.04 3.58 34.15
N SER D 152 9.79 2.54 33.36
CA SER D 152 10.14 1.20 33.80
C SER D 152 11.50 0.75 33.29
N ALA D 153 12.09 1.49 32.37
CA ALA D 153 13.36 1.08 31.74
C ALA D 153 14.48 1.11 32.75
N GLU D 154 15.34 0.09 32.67
CA GLU D 154 16.51 0.02 33.52
C GLU D 154 17.73 -0.21 32.66
N GLY D 155 18.84 0.32 33.16
CA GLY D 155 20.15 0.08 32.57
C GLY D 155 20.27 0.90 31.34
N GLU D 156 20.70 0.27 30.26
CA GLU D 156 21.08 1.06 29.10
C GLU D 156 19.90 1.01 28.16
N VAL D 157 19.40 2.18 27.79
CA VAL D 157 18.30 2.29 26.84
C VAL D 157 18.81 2.75 25.49
N THR D 158 18.13 2.31 24.46
CA THR D 158 18.51 2.63 23.09
C THR D 158 17.44 3.50 22.38
N TYR D 159 17.95 4.45 21.60
CA TYR D 159 17.07 5.35 20.94
C TYR D 159 17.39 5.41 19.45
N MET D 160 16.49 4.83 18.66
CA MET D 160 16.75 4.76 17.26
C MET D 160 15.97 5.88 16.57
N VAL D 161 16.68 6.59 15.68
CA VAL D 161 16.17 7.81 15.05
C VAL D 161 16.44 7.93 13.55
N ASP D 162 15.58 8.64 12.82
CA ASP D 162 15.78 8.99 11.39
C ASP D 162 16.76 10.20 11.28
N GLY D 163 17.89 10.00 10.59
CA GLY D 163 18.90 11.00 10.42
C GLY D 163 18.80 11.64 9.05
N SER D 164 17.76 11.28 8.30
CA SER D 164 17.62 11.72 6.89
C SER D 164 16.29 12.47 6.64
N ASN D 165 15.58 12.86 7.69
CA ASN D 165 14.43 13.72 7.50
C ASN D 165 14.76 15.22 7.56
N PRO D 166 14.83 15.91 6.39
CA PRO D 166 15.18 17.34 6.48
C PRO D 166 14.17 18.15 7.33
N LYS D 167 12.96 17.64 7.54
CA LYS D 167 11.91 18.46 8.18
C LYS D 167 11.75 18.22 9.69
N VAL D 168 12.50 17.25 10.20
CA VAL D 168 12.23 16.66 11.49
C VAL D 168 13.56 16.24 12.13
N PRO D 169 14.05 17.04 13.09
CA PRO D 169 15.24 16.68 13.85
C PRO D 169 15.23 15.26 14.47
N ALA D 170 16.36 14.59 14.37
CA ALA D 170 16.65 13.41 15.20
C ALA D 170 16.07 13.56 16.60
N TYR D 171 16.34 14.68 17.29
CA TYR D 171 15.72 14.90 18.58
C TYR D 171 14.87 16.17 18.67
N ARG D 172 13.65 16.03 19.20
CA ARG D 172 12.72 17.14 19.32
C ARG D 172 12.01 17.19 20.67
N PRO D 173 12.18 18.29 21.42
CA PRO D 173 11.59 18.48 22.74
C PRO D 173 10.09 18.09 22.80
N ASP D 174 9.47 17.99 21.63
CA ASP D 174 8.07 17.61 21.57
C ASP D 174 7.73 16.26 20.91
N SER D 175 8.70 15.44 20.57
CA SER D 175 8.26 14.16 20.09
C SER D 175 7.70 13.42 21.31
N PHE D 176 7.27 12.18 21.11
CA PHE D 176 7.00 11.31 22.24
C PHE D 176 8.27 11.06 23.03
N PHE D 177 9.36 10.78 22.33
CA PHE D 177 10.62 10.74 23.01
C PHE D 177 10.92 11.97 23.89
N GLY D 178 10.77 13.17 23.32
CA GLY D 178 11.22 14.37 24.03
C GLY D 178 10.33 14.76 25.18
N LYS D 179 9.09 14.33 25.12
CA LYS D 179 8.02 14.84 25.95
C LYS D 179 7.63 13.77 26.96
N TYR D 180 7.67 12.51 26.52
CA TYR D 180 7.16 11.44 27.39
C TYR D 180 8.17 10.41 27.90
N GLU D 181 9.14 10.08 27.05
CA GLU D 181 10.12 9.10 27.39
C GLU D 181 11.34 9.71 28.07
N LEU D 182 12.10 10.54 27.38
CA LEU D 182 13.32 11.09 28.01
C LEU D 182 13.03 11.65 29.41
N PRO D 183 11.95 12.43 29.60
CA PRO D 183 11.75 12.99 30.94
C PRO D 183 11.24 11.99 31.98
N ASN D 184 10.94 10.76 31.56
CA ASN D 184 10.47 9.78 32.51
C ASN D 184 11.47 8.68 32.84
N LEU D 185 12.63 8.81 32.21
CA LEU D 185 13.81 8.05 32.52
C LEU D 185 14.21 8.26 33.99
N THR D 186 14.32 7.17 34.76
CA THR D 186 14.68 7.28 36.17
C THR D 186 16.18 6.99 36.44
N ASN D 187 16.52 6.98 37.73
CA ASN D 187 17.86 6.62 38.22
C ASN D 187 18.23 5.15 37.95
N LYS D 188 17.21 4.32 37.64
CA LYS D 188 17.39 2.96 37.08
C LYS D 188 18.13 3.00 35.71
N VAL D 189 18.14 4.15 35.08
CA VAL D 189 18.71 4.18 33.75
C VAL D 189 20.14 4.62 33.90
N THR D 190 21.03 4.01 33.13
CA THR D 190 22.43 4.41 33.23
C THR D 190 23.01 4.95 31.96
N ARG D 191 22.37 4.72 30.82
CA ARG D 191 22.93 5.21 29.55
C ARG D 191 21.86 5.40 28.52
N VAL D 192 22.10 6.31 27.57
CA VAL D 192 21.25 6.44 26.42
C VAL D 192 22.15 6.18 25.22
N LYS D 193 21.81 5.16 24.44
CA LYS D 193 22.59 4.75 23.26
C LYS D 193 21.84 5.12 21.99
N VAL D 194 22.31 6.12 21.27
CA VAL D 194 21.56 6.56 20.09
C VAL D 194 22.03 5.85 18.85
N ILE D 195 21.05 5.38 18.11
CA ILE D 195 21.30 4.82 16.81
C ILE D 195 20.63 5.72 15.76
N VAL D 196 21.46 6.33 14.92
CA VAL D 196 20.99 7.21 13.89
C VAL D 196 20.89 6.43 12.60
N LEU D 197 19.70 6.45 12.00
CA LEU D 197 19.48 5.68 10.80
C LEU D 197 19.57 6.57 9.60
N HIS D 198 20.58 6.32 8.77
CA HIS D 198 20.67 7.00 7.50
C HIS D 198 20.08 6.16 6.40
N ARG D 199 18.85 6.51 6.01
CA ARG D 199 18.17 5.94 4.87
C ARG D 199 19.04 5.84 3.62
N LEU D 200 18.91 4.67 2.98
CA LEU D 200 19.72 4.31 1.83
C LEU D 200 19.39 5.19 0.67
N GLY D 201 20.38 5.87 0.14
CA GLY D 201 20.18 6.70 -1.03
C GLY D 201 19.44 8.01 -0.77
N GLU D 202 19.61 8.55 0.45
CA GLU D 202 19.11 9.86 0.83
C GLU D 202 20.21 10.75 1.43
N LYS D 203 20.05 12.05 1.34
CA LYS D 203 21.02 12.94 1.91
C LYS D 203 21.14 12.67 3.42
N ILE D 204 22.36 12.58 3.90
CA ILE D 204 22.53 12.48 5.32
C ILE D 204 22.20 13.85 5.93
N ILE D 205 21.23 13.87 6.84
CA ILE D 205 20.86 15.13 7.47
C ILE D 205 21.36 15.24 8.89
N GLU D 206 21.11 14.23 9.70
CA GLU D 206 21.49 14.33 11.12
C GLU D 206 22.73 13.51 11.45
N LYS D 207 23.66 14.20 12.08
CA LYS D 207 24.93 13.62 12.47
C LYS D 207 25.09 13.74 13.95
N CYS D 208 25.71 12.71 14.46
CA CYS D 208 26.12 12.55 15.82
C CYS D 208 27.12 13.68 16.21
N GLY D 209 26.98 14.23 17.41
CA GLY D 209 27.76 15.42 17.85
C GLY D 209 27.47 16.81 17.24
N ALA D 210 26.46 16.91 16.39
CA ALA D 210 26.06 18.17 15.79
C ALA D 210 24.55 18.28 15.89
N GLY D 211 24.01 19.49 15.75
CA GLY D 211 22.56 19.70 15.68
C GLY D 211 21.76 19.24 16.89
N SER D 212 20.66 18.54 16.63
CA SER D 212 19.72 18.14 17.68
C SER D 212 20.30 17.01 18.54
N LEU D 213 21.31 16.35 17.96
CA LEU D 213 21.94 15.21 18.60
C LEU D 213 22.85 15.75 19.71
N LEU D 214 23.57 16.83 19.41
CA LEU D 214 24.33 17.56 20.45
C LEU D 214 23.41 18.11 21.55
N ASP D 215 22.25 18.64 21.21
CA ASP D 215 21.25 19.04 22.21
C ASP D 215 20.87 17.88 23.12
N LEU D 216 20.58 16.72 22.49
CA LEU D 216 20.24 15.52 23.21
C LEU D 216 21.41 15.13 24.14
N GLU D 217 22.60 14.98 23.57
CA GLU D 217 23.78 14.67 24.34
C GLU D 217 23.90 15.50 25.62
N LYS D 218 23.78 16.82 25.52
CA LYS D 218 23.82 17.64 26.74
C LYS D 218 22.67 17.35 27.71
N LEU D 219 21.44 17.22 27.21
CA LEU D 219 20.30 16.94 28.09
C LEU D 219 20.53 15.65 28.85
N VAL D 220 21.11 14.66 28.16
CA VAL D 220 21.29 13.32 28.73
C VAL D 220 22.36 13.27 29.83
N LYS D 221 23.55 13.80 29.51
CA LYS D 221 24.60 13.99 30.48
C LYS D 221 24.17 14.83 31.73
N ALA D 222 23.47 15.95 31.52
CA ALA D 222 22.97 16.78 32.64
C ALA D 222 22.11 15.94 33.57
N LYS D 223 21.55 14.85 33.02
CA LYS D 223 20.73 13.93 33.79
C LYS D 223 21.52 12.75 34.33
N HIS D 224 22.85 12.88 34.25
CA HIS D 224 23.82 11.90 34.77
C HIS D 224 23.72 10.51 34.15
N PHE D 225 23.40 10.46 32.88
CA PHE D 225 23.49 9.20 32.16
C PHE D 225 24.70 9.27 31.25
N ALA D 226 25.40 8.16 31.11
CA ALA D 226 26.34 7.98 30.00
C ALA D 226 25.66 8.15 28.63
N PHE D 227 26.47 8.38 27.61
CA PHE D 227 25.93 8.63 26.29
C PHE D 227 26.84 8.13 25.18
N ASP D 228 26.34 7.26 24.33
CA ASP D 228 27.00 7.14 23.00
C ASP D 228 26.01 7.34 21.85
N CYS D 229 26.54 7.41 20.64
CA CYS D 229 25.70 7.56 19.49
C CYS D 229 26.45 7.03 18.28
N VAL D 230 25.79 6.14 17.56
CA VAL D 230 26.38 5.64 16.36
C VAL D 230 25.47 5.92 15.11
N GLU D 231 26.09 6.02 13.93
CA GLU D 231 25.34 6.18 12.68
C GLU D 231 25.47 4.96 11.78
N ASN D 232 24.33 4.41 11.42
CA ASN D 232 24.28 3.17 10.60
C ASN D 232 25.30 2.09 11.05
N PRO D 233 25.19 1.63 12.29
CA PRO D 233 26.09 0.54 12.58
C PRO D 233 25.80 -0.65 11.65
N ARG D 234 26.82 -1.47 11.44
CA ARG D 234 26.76 -2.60 10.51
C ARG D 234 25.47 -3.45 10.63
N ALA D 235 25.08 -3.85 11.84
CA ALA D 235 23.94 -4.76 12.03
C ALA D 235 22.67 -4.20 11.37
N VAL D 236 22.47 -2.88 11.56
CA VAL D 236 21.36 -2.10 11.03
C VAL D 236 21.51 -1.91 9.48
N LEU D 237 22.70 -1.47 9.02
CA LEU D 237 22.97 -1.29 7.59
C LEU D 237 22.60 -2.52 6.83
N PHE D 238 22.91 -3.67 7.37
CA PHE D 238 22.60 -4.93 6.66
C PHE D 238 21.15 -5.13 6.56
N LEU D 239 20.45 -4.66 7.58
CA LEU D 239 19.02 -4.82 7.65
C LEU D 239 18.40 -3.97 6.51
N LEU D 240 18.95 -2.78 6.28
CA LEU D 240 18.42 -1.89 5.27
C LEU D 240 18.73 -2.41 3.86
N CYS D 241 19.90 -3.00 3.72
CA CYS D 241 20.37 -3.49 2.45
C CYS D 241 19.57 -4.69 2.08
N SER D 242 19.05 -5.43 3.05
CA SER D 242 18.27 -6.57 2.67
C SER D 242 17.13 -6.13 1.83
N ASP D 243 16.52 -5.00 2.19
CA ASP D 243 15.33 -4.47 1.49
C ASP D 243 15.64 -3.76 0.14
N ASN D 244 16.92 -3.45 -0.10
CA ASN D 244 17.36 -2.68 -1.27
C ASN D 244 18.87 -2.94 -1.57
N PRO D 245 19.17 -4.17 -2.05
CA PRO D 245 20.53 -4.66 -2.06
C PRO D 245 21.45 -3.96 -3.08
N ASN D 246 20.88 -3.30 -4.07
CA ASN D 246 21.77 -2.63 -5.00
C ASN D 246 22.17 -1.24 -4.58
N ALA D 247 21.68 -0.81 -3.43
CA ALA D 247 22.08 0.48 -2.93
C ALA D 247 23.60 0.61 -2.94
N ARG D 248 24.11 1.75 -3.40
CA ARG D 248 25.56 2.06 -3.33
C ARG D 248 26.22 1.66 -1.98
N GLU D 249 25.52 1.88 -0.89
CA GLU D 249 26.09 1.65 0.41
C GLU D 249 26.08 0.19 0.84
N CYS D 250 25.39 -0.63 0.07
CA CYS D 250 25.29 -2.05 0.37
C CYS D 250 26.37 -2.78 -0.34
N ARG D 251 27.45 -2.07 -0.61
CA ARG D 251 28.50 -2.67 -1.43
C ARG D 251 29.48 -3.58 -0.70
N LEU D 252 29.68 -4.74 -1.33
CA LEU D 252 30.50 -5.83 -0.82
C LEU D 252 31.74 -6.11 -1.66
N ALA D 253 32.72 -6.70 -1.00
CA ALA D 253 33.79 -7.42 -1.64
C ALA D 253 33.30 -8.21 -2.89
N ILE E 3 -9.46 46.67 13.51
CA ILE E 3 -10.82 47.13 13.02
C ILE E 3 -11.96 46.72 13.99
N VAL E 4 -12.82 47.69 14.30
CA VAL E 4 -13.70 47.65 15.46
C VAL E 4 -15.04 46.98 15.20
N PRO E 5 -15.28 45.80 15.76
CA PRO E 5 -16.62 45.20 15.66
C PRO E 5 -17.77 46.11 16.15
N THR E 6 -18.93 45.87 15.62
CA THR E 6 -20.12 46.62 15.94
C THR E 6 -20.59 46.20 17.32
N ARG E 7 -20.82 47.18 18.19
CA ARG E 7 -21.35 46.93 19.52
C ARG E 7 -22.77 46.39 19.47
N GLU E 8 -23.09 45.57 20.47
CA GLU E 8 -24.43 45.02 20.67
C GLU E 8 -24.97 44.53 19.37
N LEU E 9 -24.15 43.77 18.67
CA LEU E 9 -24.48 43.21 17.39
C LEU E 9 -25.88 42.59 17.37
N GLU E 10 -26.18 41.69 18.32
CA GLU E 10 -27.51 41.07 18.31
C GLU E 10 -28.59 42.17 18.30
N ASN E 11 -28.50 43.09 19.26
CA ASN E 11 -29.41 44.26 19.36
C ASN E 11 -29.62 45.03 18.02
N VAL E 12 -28.55 45.56 17.45
CA VAL E 12 -28.65 46.28 16.16
C VAL E 12 -29.34 45.43 15.13
N PHE E 13 -28.83 44.23 14.89
CA PHE E 13 -29.47 43.31 13.91
C PHE E 13 -30.97 43.16 14.17
N LEU E 14 -31.37 43.02 15.45
CA LEU E 14 -32.77 42.80 15.80
C LEU E 14 -33.65 44.03 15.65
N GLY E 15 -33.06 45.22 15.81
CA GLY E 15 -33.82 46.44 15.69
C GLY E 15 -34.07 46.67 14.21
N ARG E 16 -32.99 46.62 13.44
CA ARG E 16 -33.01 46.80 12.03
C ARG E 16 -33.96 45.80 11.43
N CYS E 17 -33.93 44.57 11.89
CA CYS E 17 -34.84 43.59 11.34
C CYS E 17 -36.32 43.92 11.64
N LYS E 18 -36.60 44.36 12.86
CA LYS E 18 -37.98 44.61 13.25
C LYS E 18 -38.49 45.87 12.56
N ASP E 19 -37.59 46.84 12.46
CA ASP E 19 -37.85 48.11 11.86
C ASP E 19 -38.15 47.83 10.42
N TYR E 20 -37.19 47.32 9.65
CA TYR E 20 -37.50 46.86 8.29
C TYR E 20 -38.84 46.08 8.22
N GLU E 21 -38.96 45.07 9.06
CA GLU E 21 -40.17 44.23 9.05
C GLU E 21 -41.48 45.01 8.97
N ILE E 22 -41.65 45.98 9.86
CA ILE E 22 -42.96 46.61 10.02
C ILE E 22 -43.14 47.89 9.23
N THR E 23 -42.02 48.54 8.90
CA THR E 23 -42.11 49.88 8.33
C THR E 23 -41.25 50.17 7.11
N ARG E 24 -40.41 49.27 6.66
CA ARG E 24 -39.55 49.64 5.55
C ARG E 24 -39.92 48.91 4.28
N TYR E 25 -39.94 49.71 3.20
CA TYR E 25 -40.16 49.23 1.86
C TYR E 25 -41.47 48.50 1.73
N LEU E 26 -42.51 48.98 2.41
CA LEU E 26 -43.74 48.20 2.53
C LEU E 26 -44.40 47.79 1.22
N ASP E 27 -44.57 48.69 0.26
CA ASP E 27 -45.14 48.21 -0.98
C ASP E 27 -44.10 48.14 -2.10
N ILE E 28 -42.86 47.89 -1.73
CA ILE E 28 -41.76 47.85 -2.67
C ILE E 28 -41.17 46.45 -2.68
N LEU E 29 -40.88 45.89 -1.49
CA LEU E 29 -40.40 44.48 -1.33
C LEU E 29 -41.31 43.68 -0.39
N PRO E 30 -41.39 42.35 -0.59
CA PRO E 30 -42.29 41.58 0.22
C PRO E 30 -41.62 41.31 1.55
N ARG E 31 -42.47 40.86 2.47
CA ARG E 31 -42.06 40.51 3.81
C ARG E 31 -41.51 39.10 3.75
N VAL E 32 -40.66 38.79 4.71
CA VAL E 32 -39.93 37.57 4.74
C VAL E 32 -40.69 36.69 5.70
N ARG E 33 -40.90 35.43 5.30
CA ARG E 33 -41.66 34.45 6.07
C ARG E 33 -41.19 34.28 7.51
N SER E 34 -39.88 34.24 7.67
CA SER E 34 -39.24 33.97 8.98
C SER E 34 -39.33 35.19 9.92
N ASP E 35 -39.55 34.96 11.21
CA ASP E 35 -39.46 36.09 12.14
C ASP E 35 -38.00 36.48 12.35
N CYS E 36 -37.79 37.59 13.03
CA CYS E 36 -36.50 38.15 13.31
C CYS E 36 -35.56 37.28 14.15
N SER E 37 -36.11 36.57 15.14
CA SER E 37 -35.23 35.79 16.00
C SER E 37 -34.76 34.51 15.30
N ALA E 38 -35.55 34.00 14.37
CA ALA E 38 -35.10 32.87 13.57
C ALA E 38 -33.99 33.34 12.63
N LEU E 39 -34.08 34.57 12.17
CA LEU E 39 -33.05 35.07 11.25
C LEU E 39 -31.69 35.27 11.95
N TRP E 40 -31.79 35.67 13.22
CA TRP E 40 -30.62 35.90 14.02
C TRP E 40 -29.94 34.58 14.30
N LYS E 41 -30.74 33.65 14.82
CA LYS E 41 -30.34 32.26 14.90
C LYS E 41 -29.54 31.78 13.67
N ASP E 42 -30.05 31.98 12.46
CA ASP E 42 -29.35 31.49 11.25
C ASP E 42 -28.11 32.31 10.90
N PHE E 43 -28.19 33.64 11.07
CA PHE E 43 -27.07 34.53 10.94
C PHE E 43 -25.95 34.15 11.88
N PHE E 44 -26.27 34.02 13.17
CA PHE E 44 -25.29 33.73 14.21
C PHE E 44 -24.63 32.36 14.04
N LYS E 45 -25.47 31.33 13.93
CA LYS E 45 -25.09 30.00 13.46
C LYS E 45 -23.92 30.07 12.46
N ALA E 46 -23.99 30.97 11.49
CA ALA E 46 -23.01 30.95 10.41
C ALA E 46 -21.57 31.26 10.77
N PHE E 47 -21.34 32.11 11.78
CA PHE E 47 -19.98 32.52 12.09
C PHE E 47 -19.54 32.23 13.53
N SER E 48 -20.50 31.94 14.41
CA SER E 48 -20.19 31.73 15.82
C SER E 48 -19.31 30.52 16.13
N PHE E 49 -18.54 30.64 17.21
CA PHE E 49 -17.79 29.53 17.75
C PHE E 49 -16.92 28.94 16.67
N LYS E 50 -16.44 29.83 15.82
CA LYS E 50 -15.51 29.49 14.77
C LYS E 50 -14.46 30.60 14.81
N ASN E 51 -13.28 30.24 14.34
CA ASN E 51 -12.25 31.21 14.12
C ASN E 51 -12.77 32.12 13.04
N PRO E 52 -12.35 33.40 13.06
CA PRO E 52 -12.79 34.42 12.14
C PRO E 52 -12.54 34.09 10.68
N CYS E 53 -11.62 33.16 10.40
CA CYS E 53 -11.28 32.85 9.01
C CYS E 53 -11.78 31.51 8.57
N ASP E 54 -12.46 30.72 9.42
CA ASP E 54 -12.70 29.32 9.02
C ASP E 54 -14.00 29.15 8.24
N LEU E 55 -14.51 30.29 7.81
CA LEU E 55 -15.72 30.47 7.03
C LEU E 55 -15.55 30.19 5.52
N ASP E 56 -16.66 29.90 4.85
CA ASP E 56 -16.66 29.87 3.40
C ASP E 56 -17.99 30.32 2.77
N LEU E 57 -18.14 30.04 1.49
CA LEU E 57 -19.29 30.47 0.70
C LEU E 57 -20.66 29.85 1.09
N GLY E 58 -20.65 28.75 1.85
CA GLY E 58 -21.86 28.07 2.23
C GLY E 58 -22.16 28.43 3.69
N SER E 59 -21.34 29.33 4.27
CA SER E 59 -21.49 29.54 5.72
C SER E 59 -22.84 30.10 6.14
N TYR E 60 -23.22 31.19 5.49
CA TYR E 60 -24.50 31.87 5.66
C TYR E 60 -25.68 31.42 4.78
N LYS E 61 -25.58 30.24 4.16
CA LYS E 61 -26.62 29.73 3.25
C LYS E 61 -28.01 29.69 3.84
N ASP E 62 -28.12 29.02 4.99
CA ASP E 62 -29.38 29.00 5.66
C ASP E 62 -29.94 30.36 5.98
N PHE E 63 -29.07 31.36 6.22
CA PHE E 63 -29.51 32.73 6.50
C PHE E 63 -30.08 33.39 5.27
N PHE E 64 -29.38 33.26 4.15
CA PHE E 64 -29.88 33.77 2.88
C PHE E 64 -31.07 33.06 2.32
N THR E 65 -31.21 31.75 2.57
CA THR E 65 -32.44 31.08 2.22
C THR E 65 -33.63 31.73 2.97
N SER E 66 -33.52 31.85 4.29
CA SER E 66 -34.58 32.49 5.08
C SER E 66 -34.77 33.95 4.74
N ALA E 67 -33.70 34.67 4.34
CA ALA E 67 -33.77 36.14 4.27
C ALA E 67 -34.17 36.70 2.94
N GLN E 68 -34.38 35.80 1.97
CA GLN E 68 -34.39 36.20 0.56
C GLN E 68 -35.80 36.55 0.20
N GLN E 69 -35.89 37.66 -0.49
CA GLN E 69 -37.17 38.26 -0.82
C GLN E 69 -37.31 38.06 -2.32
N GLN E 70 -38.50 37.79 -2.82
CA GLN E 70 -38.69 37.99 -4.24
C GLN E 70 -38.36 39.43 -4.63
N LEU E 71 -37.81 39.60 -5.83
CA LEU E 71 -37.43 40.91 -6.30
C LEU E 71 -38.36 41.43 -7.39
N PRO E 72 -38.78 42.68 -7.29
CA PRO E 72 -39.71 43.14 -8.34
C PRO E 72 -39.15 43.11 -9.75
N LYS E 73 -39.82 42.44 -10.66
CA LYS E 73 -39.41 42.48 -12.10
C LYS E 73 -38.71 43.82 -12.56
N ASN E 74 -37.61 43.72 -13.27
CA ASN E 74 -37.01 44.87 -14.00
C ASN E 74 -36.49 45.96 -13.09
N LYS E 75 -36.70 45.81 -11.78
CA LYS E 75 -36.32 46.92 -10.87
C LYS E 75 -34.94 46.79 -10.27
N VAL E 76 -34.23 45.69 -10.58
CA VAL E 76 -33.02 45.36 -9.85
C VAL E 76 -31.82 46.09 -10.38
N MET E 77 -31.10 46.75 -9.49
CA MET E 77 -29.85 47.44 -9.89
C MET E 77 -28.56 46.83 -9.29
N PHE E 78 -27.51 46.68 -10.10
CA PHE E 78 -26.18 46.42 -9.56
C PHE E 78 -25.25 47.63 -9.72
N TRP E 79 -24.18 47.67 -8.95
CA TRP E 79 -23.34 48.81 -9.10
C TRP E 79 -21.88 48.46 -8.82
N SER E 80 -20.97 49.18 -9.40
CA SER E 80 -19.53 49.05 -9.04
C SER E 80 -18.84 50.40 -9.06
N GLY E 81 -18.23 50.79 -7.95
CA GLY E 81 -17.37 51.99 -7.89
C GLY E 81 -18.08 53.30 -7.72
N VAL E 82 -19.38 53.24 -7.47
CA VAL E 82 -20.23 54.41 -7.53
C VAL E 82 -21.27 54.30 -6.43
N TYR E 83 -20.84 54.04 -5.21
CA TYR E 83 -21.76 53.76 -4.13
C TYR E 83 -22.82 54.84 -4.07
N ASP E 84 -22.39 56.10 -3.96
CA ASP E 84 -23.32 57.18 -3.64
C ASP E 84 -24.26 57.57 -4.79
N GLU E 85 -23.72 57.62 -6.00
CA GLU E 85 -24.48 57.98 -7.18
C GLU E 85 -25.59 56.96 -7.46
N ALA E 86 -25.22 55.70 -7.56
CA ALA E 86 -26.17 54.61 -7.67
C ALA E 86 -27.33 54.66 -6.68
N HIS E 87 -27.04 54.87 -5.41
CA HIS E 87 -28.07 54.82 -4.41
C HIS E 87 -28.92 56.10 -4.40
N ASP E 88 -28.32 57.21 -4.84
CA ASP E 88 -29.12 58.41 -5.02
C ASP E 88 -30.14 58.19 -6.11
N TYR E 89 -29.65 57.76 -7.27
CA TYR E 89 -30.50 57.49 -8.40
C TYR E 89 -31.53 56.38 -8.10
N ALA E 90 -31.16 55.35 -7.34
CA ALA E 90 -32.07 54.27 -7.02
C ALA E 90 -33.21 54.81 -6.20
N ASN E 91 -32.92 55.92 -5.51
CA ASN E 91 -33.85 56.62 -4.66
C ASN E 91 -34.63 55.73 -3.67
N THR E 92 -33.93 55.13 -2.71
CA THR E 92 -34.62 54.31 -1.66
C THR E 92 -35.72 53.30 -2.19
N GLY E 93 -35.41 52.64 -3.30
CA GLY E 93 -36.30 51.65 -3.87
C GLY E 93 -37.44 52.19 -4.72
N ARG E 94 -37.60 53.52 -4.77
CA ARG E 94 -38.69 54.11 -5.59
C ARG E 94 -38.46 53.90 -7.09
N LYS E 95 -37.21 54.00 -7.54
CA LYS E 95 -36.84 53.82 -8.95
C LYS E 95 -36.22 52.42 -9.16
N TYR E 96 -35.09 52.18 -8.50
CA TYR E 96 -34.46 50.86 -8.46
C TYR E 96 -34.35 50.31 -7.02
N ILE E 97 -34.27 48.98 -6.96
CA ILE E 97 -33.77 48.20 -5.85
C ILE E 97 -32.25 48.05 -5.93
N THR E 98 -31.58 48.17 -4.76
CA THR E 98 -30.19 47.74 -4.55
C THR E 98 -30.09 46.65 -3.50
N LEU E 99 -28.98 45.97 -3.48
CA LEU E 99 -28.82 44.93 -2.48
C LEU E 99 -29.15 45.56 -1.15
N GLU E 100 -28.67 46.78 -0.93
CA GLU E 100 -28.81 47.54 0.33
C GLU E 100 -30.25 47.81 0.76
N ASP E 101 -31.19 47.68 -0.15
CA ASP E 101 -32.59 47.83 0.22
C ASP E 101 -33.18 46.50 0.58
N THR E 102 -32.51 45.41 0.27
CA THR E 102 -33.17 44.19 0.59
C THR E 102 -32.94 43.93 2.09
N LEU E 103 -33.72 43.01 2.65
CA LEU E 103 -33.63 42.68 4.06
C LEU E 103 -32.20 42.42 4.57
N PRO E 104 -31.52 41.40 4.05
CA PRO E 104 -30.19 41.15 4.59
C PRO E 104 -29.18 42.29 4.32
N GLY E 105 -29.37 43.09 3.26
CA GLY E 105 -28.39 44.15 2.92
C GLY E 105 -28.58 45.33 3.86
N TYR E 106 -29.81 45.48 4.31
CA TYR E 106 -30.24 46.57 5.18
C TYR E 106 -29.76 46.27 6.61
N MET E 107 -30.00 45.02 7.06
CA MET E 107 -29.55 44.60 8.42
C MET E 107 -28.07 44.73 8.60
N LEU E 108 -27.29 44.18 7.69
CA LEU E 108 -25.84 44.11 7.89
C LEU E 108 -25.04 45.24 7.30
N ASN E 109 -25.66 46.12 6.54
CA ASN E 109 -24.97 47.31 6.00
C ASN E 109 -24.04 47.99 7.01
N SER E 110 -22.80 48.17 6.59
CA SER E 110 -21.74 48.80 7.37
C SER E 110 -21.43 48.12 8.71
N LEU E 111 -21.88 46.88 8.91
CA LEU E 111 -21.67 46.30 10.22
C LEU E 111 -20.43 45.44 10.19
N VAL E 112 -19.83 45.19 11.34
CA VAL E 112 -18.59 44.43 11.36
C VAL E 112 -18.68 43.42 12.47
N TRP E 113 -18.47 42.14 12.14
CA TRP E 113 -18.56 41.08 13.11
C TRP E 113 -17.51 39.99 12.82
N CYS E 114 -17.10 39.26 13.84
CA CYS E 114 -16.05 38.27 13.72
C CYS E 114 -16.40 37.15 14.66
N GLY E 115 -16.36 35.92 14.17
CA GLY E 115 -16.27 34.79 15.07
C GLY E 115 -15.04 34.77 16.01
N GLN E 116 -15.14 33.97 17.07
CA GLN E 116 -13.96 33.48 17.84
C GLN E 116 -14.39 32.17 18.45
N ARG E 117 -13.41 31.31 18.79
CA ARG E 117 -13.71 29.97 19.30
C ARG E 117 -14.14 29.95 20.75
N ALA E 118 -13.61 30.88 21.54
CA ALA E 118 -13.92 31.01 22.97
C ALA E 118 -15.24 31.75 23.12
N ASN E 119 -15.98 31.47 24.20
CA ASN E 119 -17.24 32.17 24.45
C ASN E 119 -17.04 33.69 24.46
N PRO E 120 -18.04 34.47 24.02
CA PRO E 120 -19.37 34.09 23.54
C PRO E 120 -19.46 33.78 22.03
N GLY E 121 -18.36 33.30 21.44
CA GLY E 121 -18.40 32.76 20.08
C GLY E 121 -18.30 33.83 19.03
N PHE E 122 -18.18 35.07 19.48
CA PHE E 122 -17.95 36.24 18.63
C PHE E 122 -17.05 37.25 19.32
N ASN E 123 -16.23 37.93 18.55
CA ASN E 123 -15.24 38.85 19.08
C ASN E 123 -15.80 40.26 19.15
N GLU E 124 -15.77 40.86 20.32
CA GLU E 124 -16.32 42.22 20.48
C GLU E 124 -15.22 43.24 20.48
N LYS E 125 -13.99 42.86 20.21
CA LYS E 125 -12.90 43.78 20.51
C LYS E 125 -12.06 44.14 19.33
N VAL E 126 -11.83 43.19 18.43
CA VAL E 126 -11.04 43.50 17.25
C VAL E 126 -11.34 42.56 16.09
N CYS E 127 -11.12 43.06 14.86
CA CYS E 127 -11.08 42.19 13.71
C CYS E 127 -9.84 42.00 12.88
N PRO E 128 -9.68 40.78 12.33
CA PRO E 128 -8.53 40.59 11.47
C PRO E 128 -8.75 41.43 10.23
N ASP E 129 -7.67 42.01 9.69
CA ASP E 129 -7.74 42.58 8.35
C ASP E 129 -8.21 41.40 7.54
N PHE E 130 -9.31 41.53 6.81
CA PHE E 130 -9.76 40.36 6.09
C PHE E 130 -8.90 40.04 4.86
N LYS E 131 -7.97 40.91 4.46
CA LYS E 131 -6.93 40.37 3.57
C LYS E 131 -6.07 39.27 4.21
N THR E 132 -6.14 39.05 5.53
CA THR E 132 -5.40 37.90 6.12
C THR E 132 -6.14 36.54 6.00
N CYS E 133 -7.40 36.54 5.56
CA CYS E 133 -8.20 35.33 5.51
C CYS E 133 -8.30 34.84 4.07
N PRO E 134 -8.61 33.54 3.86
CA PRO E 134 -8.83 33.01 2.54
C PRO E 134 -9.98 33.76 1.93
N VAL E 135 -9.95 33.90 0.61
CA VAL E 135 -10.96 34.68 -0.10
C VAL E 135 -12.40 34.13 0.16
N GLN E 136 -12.54 32.82 0.23
CA GLN E 136 -13.88 32.27 0.40
C GLN E 136 -14.39 32.61 1.80
N ALA E 137 -13.48 32.90 2.74
CA ALA E 137 -13.86 33.40 4.07
C ALA E 137 -14.11 34.89 4.05
N ARG E 138 -13.23 35.65 3.38
CA ARG E 138 -13.43 37.09 3.32
C ARG E 138 -14.77 37.41 2.70
N GLU E 139 -15.27 36.52 1.87
CA GLU E 139 -16.38 36.95 1.02
C GLU E 139 -17.59 36.11 1.38
N SER E 140 -17.42 35.30 2.39
CA SER E 140 -18.43 34.37 2.79
C SER E 140 -19.79 35.03 2.93
N PHE E 141 -19.84 36.29 3.42
CA PHE E 141 -21.13 37.02 3.57
C PHE E 141 -21.58 37.85 2.39
N TRP E 142 -20.83 38.87 2.04
CA TRP E 142 -21.29 39.72 0.94
C TRP E 142 -21.29 38.97 -0.39
N GLY E 143 -20.34 38.03 -0.57
CA GLY E 143 -20.34 37.14 -1.73
C GLY E 143 -21.67 36.40 -1.78
N MET E 144 -22.05 35.72 -0.69
CA MET E 144 -23.30 34.94 -0.76
C MET E 144 -24.50 35.85 -0.96
N ALA E 145 -24.49 37.06 -0.35
CA ALA E 145 -25.53 38.05 -0.48
C ALA E 145 -25.83 38.53 -1.93
N SER E 146 -24.81 38.99 -2.62
CA SER E 146 -24.84 39.25 -4.05
C SER E 146 -25.33 38.07 -4.91
N SER E 147 -24.78 36.89 -4.70
CA SER E 147 -25.14 35.69 -5.49
C SER E 147 -26.62 35.39 -5.38
N SER E 148 -27.12 35.47 -4.15
CA SER E 148 -28.54 35.13 -3.89
C SER E 148 -29.46 36.20 -4.48
N TYR E 149 -29.09 37.46 -4.23
CA TYR E 149 -29.67 38.67 -4.85
C TYR E 149 -29.68 38.57 -6.37
N ALA E 150 -28.52 38.40 -6.98
CA ALA E 150 -28.44 38.25 -8.40
C ALA E 150 -29.30 37.07 -8.78
N HIS E 151 -29.24 35.98 -8.05
CA HIS E 151 -30.09 34.82 -8.40
C HIS E 151 -31.58 35.14 -8.41
N SER E 152 -32.01 36.19 -7.70
CA SER E 152 -33.47 36.46 -7.61
C SER E 152 -33.98 37.47 -8.64
N ALA E 153 -33.05 38.14 -9.32
CA ALA E 153 -33.37 39.16 -10.32
C ALA E 153 -34.23 38.59 -11.43
N GLU E 154 -35.20 39.38 -11.89
CA GLU E 154 -36.11 39.00 -12.97
C GLU E 154 -36.29 40.16 -13.91
N GLY E 155 -36.48 39.87 -15.20
CA GLY E 155 -36.60 40.91 -16.24
C GLY E 155 -35.28 41.66 -16.44
N GLU E 156 -35.38 42.91 -16.86
CA GLU E 156 -34.23 43.75 -17.10
C GLU E 156 -33.47 44.04 -15.83
N VAL E 157 -32.15 43.99 -15.90
CA VAL E 157 -31.35 44.43 -14.77
C VAL E 157 -30.61 45.63 -15.19
N THR E 158 -30.11 46.38 -14.19
CA THR E 158 -29.41 47.65 -14.45
C THR E 158 -28.09 47.66 -13.68
N TYR E 159 -27.02 47.97 -14.38
CA TYR E 159 -25.71 48.02 -13.77
C TYR E 159 -25.13 49.43 -13.89
N MET E 160 -24.91 50.13 -12.78
CA MET E 160 -24.24 51.41 -12.90
C MET E 160 -22.74 51.28 -12.63
N VAL E 161 -21.89 51.90 -13.46
CA VAL E 161 -20.43 51.83 -13.27
C VAL E 161 -19.65 53.14 -13.38
N ASP E 162 -18.45 53.15 -12.87
CA ASP E 162 -17.58 54.31 -13.01
C ASP E 162 -16.80 54.24 -14.30
N GLY E 163 -16.89 55.27 -15.12
CA GLY E 163 -16.12 55.31 -16.35
C GLY E 163 -15.00 56.32 -16.23
N SER E 164 -14.71 56.73 -15.01
CA SER E 164 -13.67 57.76 -14.79
C SER E 164 -12.46 57.30 -13.95
N ASN E 165 -12.43 56.01 -13.61
CA ASN E 165 -11.31 55.53 -12.78
C ASN E 165 -10.10 55.01 -13.57
N PRO E 166 -9.00 55.84 -13.67
CA PRO E 166 -7.89 55.44 -14.55
C PRO E 166 -7.28 54.09 -14.18
N LYS E 167 -7.39 53.73 -12.89
CA LYS E 167 -6.88 52.48 -12.33
C LYS E 167 -7.95 51.37 -12.11
N VAL E 168 -9.24 51.66 -12.28
CA VAL E 168 -10.26 50.60 -12.08
C VAL E 168 -11.23 50.54 -13.25
N PRO E 169 -11.15 49.51 -14.09
CA PRO E 169 -12.09 49.46 -15.20
C PRO E 169 -13.57 49.39 -14.78
N ALA E 170 -14.44 49.85 -15.67
CA ALA E 170 -15.78 49.97 -15.29
C ALA E 170 -16.38 48.58 -15.00
N TYR E 171 -16.05 47.62 -15.84
CA TYR E 171 -16.39 46.22 -15.54
C TYR E 171 -15.08 45.44 -15.27
N ARG E 172 -15.03 44.69 -14.18
CA ARG E 172 -13.91 43.82 -13.76
C ARG E 172 -14.50 42.46 -13.30
N PRO E 173 -14.03 41.35 -13.91
CA PRO E 173 -14.43 40.01 -13.54
C PRO E 173 -14.23 39.75 -12.04
N ASP E 174 -13.23 40.40 -11.42
CA ASP E 174 -13.15 40.28 -9.96
C ASP E 174 -13.79 41.26 -9.04
N SER E 175 -14.69 42.11 -9.55
CA SER E 175 -15.55 42.91 -8.70
C SER E 175 -16.66 41.98 -8.13
N PHE E 176 -17.37 42.45 -7.14
CA PHE E 176 -18.46 41.61 -6.65
C PHE E 176 -19.41 41.31 -7.79
N PHE E 177 -19.65 42.30 -8.64
CA PHE E 177 -20.49 42.11 -9.81
C PHE E 177 -20.05 40.95 -10.68
N GLY E 178 -18.79 41.01 -11.15
CA GLY E 178 -18.20 40.03 -12.05
C GLY E 178 -17.98 38.68 -11.45
N LYS E 179 -17.75 38.68 -10.13
CA LYS E 179 -17.69 37.44 -9.39
C LYS E 179 -19.05 36.82 -9.02
N TYR E 180 -19.97 37.58 -8.46
CA TYR E 180 -21.17 36.90 -7.86
C TYR E 180 -22.50 37.25 -8.45
N GLU E 181 -22.54 38.14 -9.41
CA GLU E 181 -23.76 38.75 -9.92
C GLU E 181 -23.92 38.42 -11.37
N LEU E 182 -23.20 39.08 -12.27
CA LEU E 182 -23.24 38.69 -13.65
C LEU E 182 -23.37 37.15 -13.81
N PRO E 183 -22.36 36.36 -13.37
CA PRO E 183 -22.54 34.92 -13.64
C PRO E 183 -23.77 34.27 -12.97
N ASN E 184 -24.39 34.91 -11.99
CA ASN E 184 -25.52 34.22 -11.29
C ASN E 184 -26.85 34.71 -11.78
N LEU E 185 -26.86 35.51 -12.83
CA LEU E 185 -28.11 35.93 -13.43
C LEU E 185 -28.72 34.74 -14.10
N THR E 186 -30.01 34.48 -13.83
CA THR E 186 -30.74 33.33 -14.39
C THR E 186 -31.50 33.62 -15.73
N ASN E 187 -32.07 32.57 -16.32
CA ASN E 187 -32.77 32.73 -17.57
C ASN E 187 -34.05 33.58 -17.40
N LYS E 188 -34.44 33.87 -16.15
CA LYS E 188 -35.60 34.77 -15.94
C LYS E 188 -35.16 36.23 -16.13
N VAL E 189 -33.84 36.48 -16.17
CA VAL E 189 -33.31 37.78 -16.61
C VAL E 189 -33.31 37.89 -18.16
N THR E 190 -33.70 39.07 -18.67
CA THR E 190 -33.87 39.29 -20.13
C THR E 190 -32.81 40.23 -20.76
N ARG E 191 -32.34 41.22 -20.03
CA ARG E 191 -31.51 42.28 -20.60
C ARG E 191 -30.73 43.01 -19.52
N VAL E 192 -29.56 43.48 -19.89
CA VAL E 192 -28.71 44.09 -18.90
C VAL E 192 -28.45 45.47 -19.37
N LYS E 193 -28.79 46.43 -18.53
CA LYS E 193 -28.72 47.84 -18.94
C LYS E 193 -27.65 48.55 -18.18
N VAL E 194 -26.55 48.93 -18.85
CA VAL E 194 -25.40 49.50 -18.17
C VAL E 194 -25.52 51.01 -18.17
N ILE E 195 -25.44 51.64 -17.00
CA ILE E 195 -25.38 53.09 -17.00
C ILE E 195 -23.93 53.44 -16.76
N VAL E 196 -23.33 54.25 -17.60
CA VAL E 196 -21.91 54.58 -17.47
C VAL E 196 -21.75 55.97 -16.94
N LEU E 197 -21.07 56.09 -15.83
CA LEU E 197 -20.92 57.36 -15.20
C LEU E 197 -19.62 58.06 -15.60
N HIS E 198 -19.69 59.21 -16.28
CA HIS E 198 -18.48 59.99 -16.52
C HIS E 198 -18.43 61.19 -15.56
N ARG E 199 -17.79 61.01 -14.41
CA ARG E 199 -17.65 62.10 -13.41
C ARG E 199 -17.31 63.49 -13.97
N LEU E 200 -18.10 64.47 -13.55
CA LEU E 200 -17.91 65.88 -13.97
C LEU E 200 -16.48 66.37 -13.87
N GLY E 201 -15.98 66.93 -14.96
CA GLY E 201 -14.73 67.66 -14.92
C GLY E 201 -13.53 66.75 -14.90
N GLU E 202 -13.74 65.50 -15.31
CA GLU E 202 -12.69 64.50 -15.39
C GLU E 202 -12.60 63.76 -16.70
N LYS E 203 -11.36 63.36 -17.04
CA LYS E 203 -11.07 62.69 -18.29
C LYS E 203 -11.86 61.40 -18.34
N ILE E 204 -12.45 61.14 -19.50
CA ILE E 204 -13.15 59.91 -19.78
C ILE E 204 -12.14 58.81 -20.15
N ILE E 205 -12.31 57.69 -19.46
CA ILE E 205 -11.44 56.52 -19.43
C ILE E 205 -12.14 55.39 -20.22
N GLU E 206 -13.44 55.18 -19.94
CA GLU E 206 -14.27 54.09 -20.51
C GLU E 206 -15.53 54.60 -21.22
N LYS E 207 -15.79 54.09 -22.43
CA LYS E 207 -16.98 54.46 -23.24
C LYS E 207 -17.78 53.19 -23.58
N CYS E 208 -19.09 53.28 -23.81
CA CYS E 208 -19.87 52.14 -24.32
C CYS E 208 -19.29 51.66 -25.65
N GLY E 209 -19.28 50.35 -25.89
CA GLY E 209 -18.69 49.79 -27.12
C GLY E 209 -17.16 49.60 -27.16
N ALA E 210 -16.46 49.87 -26.04
CA ALA E 210 -14.98 49.80 -25.99
C ALA E 210 -14.43 49.33 -24.64
N GLY E 211 -13.13 49.00 -24.61
CA GLY E 211 -12.49 48.45 -23.41
C GLY E 211 -13.34 47.40 -22.67
N SER E 212 -13.51 47.59 -21.37
CA SER E 212 -14.11 46.57 -20.53
C SER E 212 -15.61 46.51 -20.78
N LEU E 213 -16.17 47.63 -21.21
CA LEU E 213 -17.56 47.65 -21.62
C LEU E 213 -17.84 46.77 -22.81
N LEU E 214 -16.88 46.66 -23.73
CA LEU E 214 -17.10 45.82 -24.86
C LEU E 214 -17.15 44.39 -24.36
N ASP E 215 -16.27 44.07 -23.40
CA ASP E 215 -16.15 42.71 -22.88
C ASP E 215 -17.41 42.26 -22.15
N LEU E 216 -17.92 43.13 -21.31
CA LEU E 216 -19.17 42.91 -20.64
C LEU E 216 -20.27 42.57 -21.61
N GLU E 217 -20.38 43.35 -22.69
CA GLU E 217 -21.39 43.13 -23.73
C GLU E 217 -21.24 41.72 -24.25
N LYS E 218 -20.03 41.30 -24.57
CA LYS E 218 -19.89 39.92 -25.04
C LYS E 218 -20.36 38.90 -24.00
N LEU E 219 -20.06 39.13 -22.72
CA LEU E 219 -20.38 38.15 -21.67
C LEU E 219 -21.87 38.05 -21.49
N VAL E 220 -22.49 39.22 -21.47
CA VAL E 220 -23.95 39.38 -21.36
C VAL E 220 -24.62 38.66 -22.53
N LYS E 221 -24.04 38.81 -23.73
CA LYS E 221 -24.59 38.12 -24.88
C LYS E 221 -24.31 36.63 -24.92
N ALA E 222 -23.20 36.19 -24.34
CA ALA E 222 -22.99 34.75 -24.18
C ALA E 222 -24.03 34.15 -23.26
N LYS E 223 -24.52 34.96 -22.33
CA LYS E 223 -25.51 34.47 -21.39
C LYS E 223 -26.92 34.56 -21.97
N HIS E 224 -27.00 34.86 -23.25
CA HIS E 224 -28.28 34.93 -23.95
C HIS E 224 -29.15 36.07 -23.44
N PHE E 225 -28.51 37.10 -22.87
CA PHE E 225 -29.18 38.35 -22.50
C PHE E 225 -29.07 39.43 -23.53
N ALA E 226 -30.07 40.31 -23.59
CA ALA E 226 -29.92 41.50 -24.36
C ALA E 226 -29.11 42.52 -23.54
N PHE E 227 -28.42 43.41 -24.23
CA PHE E 227 -27.50 44.37 -23.63
C PHE E 227 -27.78 45.79 -24.11
N ASP E 228 -27.66 46.78 -23.20
CA ASP E 228 -27.53 48.19 -23.64
C ASP E 228 -26.74 49.04 -22.67
N CYS E 229 -26.27 50.16 -23.17
CA CYS E 229 -25.32 50.96 -22.44
C CYS E 229 -25.62 52.41 -22.77
N VAL E 230 -25.54 53.27 -21.76
CA VAL E 230 -25.79 54.72 -21.89
C VAL E 230 -24.79 55.50 -21.05
N GLU E 231 -24.30 56.61 -21.57
CA GLU E 231 -23.33 57.39 -20.83
C GLU E 231 -23.94 58.66 -20.25
N ASN E 232 -23.92 58.80 -18.91
CA ASN E 232 -24.54 59.95 -18.22
C ASN E 232 -25.94 60.28 -18.73
N PRO E 233 -26.86 59.32 -18.68
CA PRO E 233 -28.16 59.78 -19.17
C PRO E 233 -28.57 61.03 -18.37
N ARG E 234 -29.53 61.80 -18.90
CA ARG E 234 -29.90 63.07 -18.30
C ARG E 234 -30.26 62.98 -16.82
N ALA E 235 -31.22 62.14 -16.44
CA ALA E 235 -31.61 62.14 -15.03
C ALA E 235 -30.38 62.05 -14.09
N VAL E 236 -29.43 61.21 -14.46
CA VAL E 236 -28.22 60.97 -13.68
C VAL E 236 -27.25 62.17 -13.75
N LEU E 237 -27.04 62.70 -14.94
CA LEU E 237 -26.19 63.86 -15.06
C LEU E 237 -26.67 64.96 -14.09
N PHE E 238 -27.98 65.03 -13.89
CA PHE E 238 -28.53 66.12 -13.11
C PHE E 238 -28.26 65.91 -11.65
N LEU E 239 -28.09 64.67 -11.24
CA LEU E 239 -27.74 64.35 -9.87
C LEU E 239 -26.33 64.78 -9.57
N LEU E 240 -25.43 64.52 -10.52
CA LEU E 240 -24.06 64.97 -10.49
C LEU E 240 -24.02 66.46 -10.33
N CYS E 241 -24.65 67.13 -11.28
CA CYS E 241 -24.65 68.60 -11.31
C CYS E 241 -25.09 69.25 -9.99
N SER E 242 -25.88 68.57 -9.20
CA SER E 242 -26.36 69.22 -7.99
C SER E 242 -25.18 69.42 -7.01
N ASP E 243 -24.36 68.38 -6.87
CA ASP E 243 -23.14 68.42 -6.02
C ASP E 243 -21.97 69.25 -6.57
N ASN E 244 -22.05 69.54 -7.87
CA ASN E 244 -21.08 70.39 -8.51
C ASN E 244 -21.80 71.22 -9.60
N PRO E 245 -22.48 72.28 -9.18
CA PRO E 245 -23.24 73.13 -10.14
C PRO E 245 -22.40 73.89 -11.18
N ASN E 246 -21.16 74.22 -10.87
CA ASN E 246 -20.39 75.07 -11.77
C ASN E 246 -19.62 74.30 -12.81
N ALA E 247 -19.69 72.98 -12.72
CA ALA E 247 -19.15 72.13 -13.76
C ALA E 247 -19.67 72.54 -15.14
N ARG E 248 -18.82 72.35 -16.14
CA ARG E 248 -19.07 72.85 -17.49
C ARG E 248 -20.15 72.06 -18.19
N GLU E 249 -20.23 70.75 -17.96
CA GLU E 249 -21.31 69.92 -18.52
C GLU E 249 -22.67 70.30 -17.95
N CYS E 250 -22.67 71.15 -16.93
CA CYS E 250 -23.93 71.58 -16.29
C CYS E 250 -24.40 73.03 -16.67
N ARG E 251 -23.90 73.58 -17.79
CA ARG E 251 -24.30 74.90 -18.28
C ARG E 251 -25.76 74.91 -18.81
N LEU E 252 -26.60 75.76 -18.24
CA LEU E 252 -27.98 75.87 -18.71
C LEU E 252 -28.16 76.95 -19.79
N ALA E 253 -29.29 76.88 -20.50
CA ALA E 253 -29.65 77.91 -21.46
C ALA E 253 -30.43 79.04 -20.77
N ILE F 3 -57.82 55.81 10.75
CA ILE F 3 -56.49 55.31 10.32
C ILE F 3 -56.01 54.13 11.19
N VAL F 4 -55.15 53.26 10.64
CA VAL F 4 -54.65 52.08 11.38
C VAL F 4 -53.34 52.40 12.07
N PRO F 5 -53.25 52.13 13.38
CA PRO F 5 -51.99 52.46 14.04
C PRO F 5 -50.84 51.58 13.59
N THR F 6 -49.65 51.99 13.93
CA THR F 6 -48.47 51.18 13.65
C THR F 6 -48.46 49.94 14.57
N ARG F 7 -48.25 48.74 14.01
CA ARG F 7 -48.17 47.48 14.78
C ARG F 7 -46.92 47.40 15.63
N GLU F 8 -47.00 46.69 16.76
CA GLU F 8 -45.84 46.35 17.62
C GLU F 8 -45.00 47.61 17.88
N LEU F 9 -45.67 48.67 18.33
CA LEU F 9 -45.09 50.00 18.41
C LEU F 9 -43.86 50.05 19.26
N GLU F 10 -43.93 49.40 20.41
CA GLU F 10 -42.80 49.38 21.35
C GLU F 10 -41.57 48.75 20.73
N ASN F 11 -41.77 47.62 20.06
CA ASN F 11 -40.67 46.93 19.39
C ASN F 11 -40.05 47.81 18.32
N VAL F 12 -40.90 48.54 17.59
CA VAL F 12 -40.44 49.42 16.48
C VAL F 12 -39.68 50.64 17.04
N PHE F 13 -40.31 51.31 18.01
CA PHE F 13 -39.70 52.46 18.66
C PHE F 13 -38.29 52.07 19.09
N LEU F 14 -38.20 50.97 19.80
CA LEU F 14 -36.93 50.55 20.40
C LEU F 14 -35.97 50.08 19.33
N GLY F 15 -36.49 49.35 18.35
CA GLY F 15 -35.62 48.92 17.28
C GLY F 15 -34.88 50.11 16.73
N ARG F 16 -35.64 51.11 16.31
CA ARG F 16 -35.07 52.31 15.72
C ARG F 16 -34.11 52.96 16.68
N CYS F 17 -34.47 52.98 17.95
CA CYS F 17 -33.70 53.74 18.87
C CYS F 17 -32.28 53.18 18.89
N LYS F 18 -32.23 51.85 18.93
CA LYS F 18 -31.01 51.13 19.19
C LYS F 18 -30.15 51.18 17.94
N ASP F 19 -30.81 51.07 16.79
CA ASP F 19 -30.15 51.21 15.51
C ASP F 19 -29.63 52.64 15.44
N TYR F 20 -30.39 53.58 15.97
CA TYR F 20 -29.92 54.94 15.85
C TYR F 20 -28.71 55.08 16.73
N GLU F 21 -28.89 54.66 17.98
CA GLU F 21 -27.81 54.72 18.95
C GLU F 21 -26.54 54.23 18.31
N ILE F 22 -26.54 52.97 17.87
CA ILE F 22 -25.27 52.32 17.50
C ILE F 22 -24.64 52.79 16.21
N THR F 23 -25.45 53.25 15.26
CA THR F 23 -24.96 53.38 13.89
C THR F 23 -25.42 54.60 13.09
N ARG F 24 -26.37 55.38 13.56
CA ARG F 24 -26.86 56.44 12.66
C ARG F 24 -26.27 57.83 12.97
N TYR F 25 -25.90 58.56 11.91
CA TYR F 25 -25.42 59.94 12.01
C TYR F 25 -24.31 60.07 13.02
N LEU F 26 -23.38 59.12 12.95
CA LEU F 26 -22.38 58.93 14.00
C LEU F 26 -21.32 60.00 14.03
N ASP F 27 -20.96 60.53 12.87
CA ASP F 27 -19.98 61.59 12.84
C ASP F 27 -20.72 62.94 12.81
N ILE F 28 -22.05 62.86 12.85
CA ILE F 28 -22.88 64.04 12.57
C ILE F 28 -23.69 64.52 13.76
N LEU F 29 -24.44 63.61 14.37
CA LEU F 29 -25.17 63.96 15.57
C LEU F 29 -24.60 63.22 16.77
N PRO F 30 -24.48 63.91 17.91
CA PRO F 30 -24.18 63.31 19.21
C PRO F 30 -25.27 62.35 19.66
N ARG F 31 -24.99 61.54 20.68
CA ARG F 31 -25.98 60.60 21.21
C ARG F 31 -26.64 61.18 22.47
N VAL F 32 -27.87 60.78 22.77
CA VAL F 32 -28.48 61.20 24.04
C VAL F 32 -27.94 60.32 25.15
N ARG F 33 -27.95 60.85 26.37
CA ARG F 33 -27.68 60.07 27.58
C ARG F 33 -28.71 58.98 27.78
N SER F 34 -29.99 59.33 27.66
CA SER F 34 -31.08 58.41 27.98
C SER F 34 -31.03 57.21 27.05
N ASP F 35 -31.16 56.04 27.62
CA ASP F 35 -31.24 54.88 26.81
C ASP F 35 -32.68 54.62 26.42
N CYS F 36 -32.79 53.65 25.52
CA CYS F 36 -33.98 53.32 24.79
C CYS F 36 -35.19 52.93 25.66
N SER F 37 -34.99 52.10 26.68
CA SER F 37 -36.11 51.82 27.59
C SER F 37 -36.58 53.03 28.39
N ALA F 38 -35.66 53.97 28.69
CA ALA F 38 -36.02 55.18 29.47
C ALA F 38 -36.81 56.11 28.57
N LEU F 39 -36.35 56.19 27.31
CA LEU F 39 -37.00 57.00 26.27
C LEU F 39 -38.37 56.50 25.97
N TRP F 40 -38.52 55.19 25.90
CA TRP F 40 -39.83 54.59 25.71
C TRP F 40 -40.78 54.99 26.80
N LYS F 41 -40.40 54.73 28.04
CA LYS F 41 -41.17 55.14 29.23
C LYS F 41 -41.70 56.58 29.11
N ASP F 42 -40.77 57.52 28.89
CA ASP F 42 -41.02 58.99 28.77
C ASP F 42 -41.94 59.40 27.62
N PHE F 43 -42.13 58.48 26.68
CA PHE F 43 -42.92 58.69 25.50
C PHE F 43 -44.28 58.06 25.72
N PHE F 44 -44.34 56.80 26.15
CA PHE F 44 -45.61 56.07 26.33
C PHE F 44 -46.61 56.76 27.29
N LYS F 45 -46.12 57.35 28.37
CA LYS F 45 -46.99 57.92 29.42
C LYS F 45 -47.59 59.23 29.00
N ALA F 46 -47.07 59.80 27.93
CA ALA F 46 -47.56 61.07 27.40
C ALA F 46 -48.95 60.93 26.82
N PHE F 47 -49.22 59.78 26.23
CA PHE F 47 -50.51 59.57 25.60
C PHE F 47 -51.27 58.37 26.17
N SER F 48 -50.58 57.56 26.99
CA SER F 48 -51.10 56.27 27.40
C SER F 48 -52.19 56.37 28.46
N PHE F 49 -53.21 55.52 28.28
CA PHE F 49 -54.39 55.38 29.15
C PHE F 49 -55.33 56.58 29.14
N LYS F 50 -55.41 57.21 27.97
CA LYS F 50 -56.06 58.49 27.80
C LYS F 50 -56.78 58.55 26.44
N ASN F 51 -57.97 59.19 26.39
CA ASN F 51 -58.69 59.43 25.11
C ASN F 51 -57.76 59.96 24.04
N PRO F 52 -57.87 59.44 22.80
CA PRO F 52 -56.88 59.75 21.76
C PRO F 52 -56.65 61.24 21.56
N CYS F 53 -57.73 62.03 21.68
CA CYS F 53 -57.74 63.51 21.53
C CYS F 53 -57.76 64.20 22.91
N ASP F 54 -57.22 63.52 23.93
CA ASP F 54 -56.97 64.10 25.24
C ASP F 54 -55.44 64.30 25.39
N LEU F 55 -54.91 65.34 24.75
CA LEU F 55 -53.49 65.71 24.82
C LEU F 55 -53.29 67.19 24.55
N ASP F 56 -52.09 67.70 24.77
CA ASP F 56 -51.78 69.10 24.49
C ASP F 56 -50.29 69.33 24.28
N LEU F 57 -49.91 70.59 24.08
CA LEU F 57 -48.55 70.94 23.71
C LEU F 57 -47.52 70.46 24.74
N GLY F 58 -47.97 70.21 25.97
CA GLY F 58 -47.08 69.68 27.03
C GLY F 58 -46.98 68.16 27.16
N SER F 59 -47.84 67.41 26.48
CA SER F 59 -47.95 65.95 26.70
C SER F 59 -46.62 65.22 26.61
N TYR F 60 -45.82 65.61 25.62
CA TYR F 60 -44.52 64.99 25.36
C TYR F 60 -43.32 65.87 25.77
N LYS F 61 -43.43 66.60 26.90
CA LYS F 61 -42.34 67.51 27.29
C LYS F 61 -41.11 66.77 27.78
N ASP F 62 -41.33 65.76 28.60
CA ASP F 62 -40.21 65.06 29.19
C ASP F 62 -39.52 64.25 28.11
N PHE F 63 -40.28 63.44 27.39
CA PHE F 63 -39.70 62.70 26.28
C PHE F 63 -38.75 63.60 25.46
N PHE F 64 -39.21 64.80 25.09
CA PHE F 64 -38.36 65.73 24.34
C PHE F 64 -37.15 66.33 25.07
N THR F 65 -37.25 66.58 26.37
CA THR F 65 -36.06 67.03 27.10
C THR F 65 -35.06 65.94 26.98
N SER F 66 -35.57 64.73 27.23
CA SER F 66 -34.76 63.52 27.32
C SER F 66 -34.29 63.01 25.94
N ALA F 67 -34.88 63.53 24.85
CA ALA F 67 -34.53 63.08 23.49
C ALA F 67 -33.69 64.09 22.72
N GLN F 68 -33.65 65.33 23.17
CA GLN F 68 -33.04 66.42 22.39
C GLN F 68 -31.54 66.33 22.29
N GLN F 69 -31.05 66.15 21.07
CA GLN F 69 -29.63 66.29 20.77
C GLN F 69 -29.22 67.77 20.70
N GLN F 70 -27.98 68.09 21.09
CA GLN F 70 -27.35 69.34 20.66
C GLN F 70 -27.10 69.22 19.15
N LEU F 71 -27.25 70.31 18.41
CA LEU F 71 -27.22 70.28 16.93
C LEU F 71 -26.12 71.18 16.38
N PRO F 72 -25.57 70.84 15.20
CA PRO F 72 -24.38 71.56 14.73
C PRO F 72 -24.69 72.93 14.14
N LYS F 73 -23.78 73.87 14.34
CA LYS F 73 -23.97 75.26 13.92
C LYS F 73 -24.11 75.38 12.38
N ASN F 74 -25.05 76.21 11.93
CA ASN F 74 -25.30 76.58 10.51
C ASN F 74 -25.99 75.57 9.60
N LYS F 75 -26.43 74.44 10.13
CA LYS F 75 -26.79 73.30 9.30
C LYS F 75 -28.19 72.82 9.65
N VAL F 76 -28.86 73.51 10.55
CA VAL F 76 -30.22 73.14 10.88
C VAL F 76 -31.10 73.68 9.76
N MET F 77 -31.97 72.82 9.24
CA MET F 77 -32.94 73.20 8.24
C MET F 77 -34.37 72.91 8.68
N PHE F 78 -35.28 73.74 8.22
CA PHE F 78 -36.70 73.62 8.43
C PHE F 78 -37.29 73.55 7.07
N TRP F 79 -38.48 73.00 6.95
CA TRP F 79 -39.18 72.92 5.67
C TRP F 79 -40.70 73.02 5.84
N SER F 80 -41.42 73.47 4.81
CA SER F 80 -42.88 73.44 4.82
C SER F 80 -43.25 73.14 3.40
N GLY F 81 -44.09 72.10 3.20
CA GLY F 81 -44.68 71.82 1.89
C GLY F 81 -43.74 71.20 0.88
N VAL F 82 -42.51 70.90 1.32
CA VAL F 82 -41.43 70.43 0.42
C VAL F 82 -40.71 69.23 1.01
N TYR F 83 -41.48 68.25 1.47
CA TYR F 83 -40.89 67.11 2.18
C TYR F 83 -39.73 66.54 1.42
N ASP F 84 -40.00 66.08 0.20
CA ASP F 84 -39.06 65.29 -0.54
C ASP F 84 -37.87 66.12 -1.00
N GLU F 85 -38.13 67.18 -1.73
CA GLU F 85 -37.06 68.07 -2.19
C GLU F 85 -36.15 68.56 -1.07
N ALA F 86 -36.72 68.94 0.08
CA ALA F 86 -35.92 69.37 1.24
C ALA F 86 -35.00 68.27 1.74
N HIS F 87 -35.60 67.12 2.06
CA HIS F 87 -34.85 65.97 2.47
C HIS F 87 -33.84 65.45 1.44
N ASP F 88 -34.19 65.48 0.16
CA ASP F 88 -33.19 65.10 -0.81
C ASP F 88 -32.05 66.12 -0.78
N TYR F 89 -32.36 67.40 -0.64
CA TYR F 89 -31.28 68.35 -0.73
C TYR F 89 -30.39 68.24 0.49
N ALA F 90 -30.99 67.95 1.64
CA ALA F 90 -30.26 67.94 2.90
C ALA F 90 -29.34 66.74 3.00
N ASN F 91 -29.65 65.70 2.23
CA ASN F 91 -28.77 64.56 1.95
C ASN F 91 -28.46 63.75 3.22
N THR F 92 -29.52 63.28 3.88
CA THR F 92 -29.35 62.53 5.12
C THR F 92 -28.23 63.11 5.98
N GLY F 93 -28.31 64.38 6.32
CA GLY F 93 -27.39 65.00 7.25
C GLY F 93 -26.07 65.47 6.67
N ARG F 94 -25.84 65.21 5.38
CA ARG F 94 -24.55 65.50 4.75
C ARG F 94 -24.36 66.98 4.41
N LYS F 95 -25.45 67.66 4.11
CA LYS F 95 -25.40 69.07 3.78
C LYS F 95 -26.13 69.90 4.83
N TYR F 96 -27.19 69.32 5.39
CA TYR F 96 -28.03 70.00 6.40
C TYR F 96 -28.68 68.98 7.29
N ILE F 97 -29.05 69.40 8.49
CA ILE F 97 -29.81 68.56 9.38
C ILE F 97 -31.29 68.85 9.25
N THR F 98 -32.14 67.82 9.18
CA THR F 98 -33.60 68.02 9.42
C THR F 98 -34.09 67.39 10.70
N LEU F 99 -35.27 67.77 11.14
CA LEU F 99 -35.90 67.08 12.26
C LEU F 99 -35.93 65.55 12.05
N GLU F 100 -36.16 65.10 10.82
CA GLU F 100 -36.15 63.67 10.52
C GLU F 100 -34.79 62.96 10.71
N ASP F 101 -33.72 63.73 10.94
CA ASP F 101 -32.37 63.18 11.10
C ASP F 101 -32.06 63.08 12.59
N THR F 102 -32.73 63.92 13.40
CA THR F 102 -32.60 63.78 14.83
C THR F 102 -33.28 62.49 15.28
N LEU F 103 -32.99 62.11 16.51
CA LEU F 103 -33.43 60.83 17.01
C LEU F 103 -34.95 60.79 17.16
N PRO F 104 -35.52 61.78 17.86
CA PRO F 104 -36.98 61.70 17.99
C PRO F 104 -37.67 61.62 16.64
N GLY F 105 -37.15 62.33 15.64
CA GLY F 105 -37.81 62.39 14.35
C GLY F 105 -37.59 61.10 13.59
N TYR F 106 -36.40 60.54 13.73
CA TYR F 106 -36.04 59.27 13.10
C TYR F 106 -36.91 58.17 13.73
N MET F 107 -37.13 58.28 15.03
CA MET F 107 -37.85 57.23 15.71
C MET F 107 -39.34 57.22 15.30
N LEU F 108 -39.97 58.38 15.28
CA LEU F 108 -41.40 58.39 15.08
C LEU F 108 -41.83 58.71 13.65
N ASN F 109 -40.87 59.03 12.78
CA ASN F 109 -41.20 59.39 11.42
C ASN F 109 -42.26 58.47 10.88
N SER F 110 -43.39 59.06 10.51
CA SER F 110 -44.50 58.31 9.89
C SER F 110 -45.09 57.14 10.68
N LEU F 111 -44.83 57.08 11.95
CA LEU F 111 -45.50 56.07 12.76
C LEU F 111 -46.88 56.55 13.22
N VAL F 112 -47.91 55.71 13.17
CA VAL F 112 -49.23 56.10 13.65
C VAL F 112 -49.57 55.46 14.98
N TRP F 113 -49.83 56.28 16.01
CA TRP F 113 -50.18 55.79 17.34
C TRP F 113 -51.31 56.59 18.04
N CYS F 114 -51.88 56.04 19.13
CA CYS F 114 -52.87 56.75 19.97
C CYS F 114 -53.26 56.04 21.29
N GLY F 115 -53.86 56.78 22.22
CA GLY F 115 -54.27 56.22 23.53
C GLY F 115 -55.69 55.67 23.62
N GLN F 116 -55.92 54.73 24.54
CA GLN F 116 -57.27 54.40 25.02
C GLN F 116 -57.19 54.31 26.54
N ARG F 117 -58.33 54.30 27.23
CA ARG F 117 -58.31 54.27 28.69
C ARG F 117 -58.06 52.85 29.16
N ALA F 118 -58.81 51.91 28.58
CA ALA F 118 -58.77 50.51 29.04
C ALA F 118 -57.49 49.82 28.62
N ASN F 119 -56.98 48.95 29.49
CA ASN F 119 -55.82 48.12 29.17
C ASN F 119 -55.81 47.75 27.69
N PRO F 120 -54.67 47.94 26.98
CA PRO F 120 -53.30 48.30 27.39
C PRO F 120 -52.90 49.80 27.40
N GLY F 121 -53.86 50.70 27.40
CA GLY F 121 -53.55 52.13 27.33
C GLY F 121 -53.35 52.73 25.94
N PHE F 122 -53.40 51.90 24.88
CA PHE F 122 -53.17 52.37 23.51
C PHE F 122 -54.02 51.61 22.49
N ASN F 123 -54.46 52.30 21.45
CA ASN F 123 -55.34 51.69 20.47
C ASN F 123 -54.59 50.98 19.35
N GLU F 124 -54.93 49.71 19.12
CA GLU F 124 -54.22 48.84 18.20
C GLU F 124 -55.01 48.62 16.90
N LYS F 125 -56.30 48.88 16.96
CA LYS F 125 -57.17 48.68 15.81
C LYS F 125 -57.18 49.95 14.99
N VAL F 126 -57.43 51.07 15.67
CA VAL F 126 -57.79 52.30 15.00
C VAL F 126 -57.38 53.55 15.80
N CYS F 127 -57.03 54.61 15.08
CA CYS F 127 -56.84 55.95 15.63
C CYS F 127 -57.70 57.00 14.86
N PRO F 128 -58.18 58.05 15.56
CA PRO F 128 -59.07 58.98 14.85
C PRO F 128 -58.31 59.70 13.75
N ASP F 129 -59.05 60.11 12.71
CA ASP F 129 -58.51 60.91 11.58
C ASP F 129 -57.44 61.92 12.03
N PHE F 130 -57.62 62.40 13.27
CA PHE F 130 -56.85 63.45 13.96
C PHE F 130 -57.47 64.80 13.67
N LYS F 131 -57.78 65.00 12.39
CA LYS F 131 -58.73 66.01 11.97
C LYS F 131 -59.77 66.09 13.08
N THR F 132 -60.20 64.92 13.55
CA THR F 132 -61.27 64.78 14.57
C THR F 132 -60.92 65.35 15.96
N CYS F 133 -59.64 65.67 16.18
CA CYS F 133 -59.16 66.19 17.48
C CYS F 133 -59.03 67.71 17.52
N PRO F 134 -59.00 68.30 18.73
CA PRO F 134 -58.64 69.71 18.83
C PRO F 134 -57.28 69.93 18.15
N VAL F 135 -57.00 71.18 17.75
CA VAL F 135 -55.76 71.54 17.05
C VAL F 135 -54.51 71.40 17.92
N GLN F 136 -54.61 71.68 19.21
CA GLN F 136 -53.47 71.48 20.13
C GLN F 136 -53.07 69.99 20.24
N ALA F 137 -54.09 69.12 20.31
CA ALA F 137 -53.96 67.67 20.39
C ALA F 137 -53.30 67.05 19.17
N ARG F 138 -53.77 67.38 17.98
CA ARG F 138 -53.20 66.80 16.76
C ARG F 138 -51.75 67.27 16.54
N GLU F 139 -51.43 68.42 17.14
CA GLU F 139 -50.10 69.04 17.06
C GLU F 139 -49.20 68.70 18.27
N SER F 140 -49.78 68.05 19.27
CA SER F 140 -49.10 67.69 20.49
C SER F 140 -47.69 67.23 20.17
N PHE F 141 -47.57 66.13 19.42
CA PHE F 141 -46.28 65.49 19.20
C PHE F 141 -45.31 66.26 18.31
N TRP F 142 -45.70 66.45 17.05
CA TRP F 142 -44.77 66.98 16.09
C TRP F 142 -44.52 68.45 16.31
N GLY F 143 -45.43 69.12 17.02
CA GLY F 143 -45.28 70.53 17.31
C GLY F 143 -44.22 70.73 18.35
N MET F 144 -44.35 69.98 19.44
CA MET F 144 -43.35 69.97 20.50
C MET F 144 -42.00 69.56 19.91
N ALA F 145 -42.02 68.56 19.02
CA ALA F 145 -40.81 68.15 18.31
C ALA F 145 -40.15 69.34 17.64
N SER F 146 -40.94 70.17 17.00
CA SER F 146 -40.35 71.23 16.20
C SER F 146 -39.90 72.36 17.06
N SER F 147 -40.58 72.54 18.20
CA SER F 147 -40.30 73.58 19.15
C SER F 147 -39.02 73.27 19.85
N SER F 148 -38.83 72.02 20.21
CA SER F 148 -37.56 71.62 20.79
C SER F 148 -36.46 71.84 19.74
N TYR F 149 -36.63 71.23 18.56
CA TYR F 149 -35.67 71.30 17.45
C TYR F 149 -35.36 72.77 17.19
N ALA F 150 -36.42 73.56 17.09
CA ALA F 150 -36.22 74.98 16.92
C ALA F 150 -35.34 75.58 18.00
N HIS F 151 -35.77 75.42 19.25
CA HIS F 151 -35.05 75.94 20.41
C HIS F 151 -33.55 75.81 20.20
N SER F 152 -33.17 74.63 19.68
CA SER F 152 -31.78 74.16 19.77
C SER F 152 -30.87 74.65 18.67
N ALA F 153 -31.45 75.26 17.64
CA ALA F 153 -30.66 75.74 16.50
C ALA F 153 -29.74 76.91 16.90
N GLU F 154 -28.54 76.90 16.29
CA GLU F 154 -27.47 77.91 16.53
C GLU F 154 -26.90 78.30 15.17
N GLY F 155 -26.39 79.51 15.02
CA GLY F 155 -25.87 80.02 13.72
C GLY F 155 -26.88 80.40 12.64
N GLU F 156 -26.59 80.03 11.39
CA GLU F 156 -27.47 80.28 10.27
C GLU F 156 -28.44 79.12 10.14
N VAL F 157 -29.74 79.40 10.14
CA VAL F 157 -30.75 78.37 9.86
C VAL F 157 -31.23 78.49 8.40
N THR F 158 -31.85 77.44 7.88
CA THR F 158 -32.32 77.43 6.49
C THR F 158 -33.77 76.97 6.43
N TYR F 159 -34.59 77.74 5.73
CA TYR F 159 -35.98 77.42 5.59
C TYR F 159 -36.34 77.22 4.11
N MET F 160 -36.69 75.98 3.75
CA MET F 160 -37.14 75.67 2.40
C MET F 160 -38.67 75.55 2.33
N VAL F 161 -39.20 76.18 1.29
CA VAL F 161 -40.61 76.51 1.12
C VAL F 161 -41.08 76.33 -0.33
N ASP F 162 -42.39 76.25 -0.46
CA ASP F 162 -43.02 75.93 -1.71
C ASP F 162 -43.48 77.25 -2.24
N GLY F 163 -42.90 77.71 -3.33
CA GLY F 163 -43.33 78.98 -3.94
C GLY F 163 -44.23 78.83 -5.16
N SER F 164 -45.05 77.79 -5.13
CA SER F 164 -45.79 77.34 -6.30
C SER F 164 -47.05 76.64 -5.83
N ASN F 165 -47.49 76.99 -4.64
CA ASN F 165 -48.72 76.46 -4.18
C ASN F 165 -49.81 77.57 -3.99
N PRO F 166 -50.69 77.71 -4.99
CA PRO F 166 -51.75 78.73 -5.01
C PRO F 166 -52.70 78.68 -3.80
N LYS F 167 -52.74 77.56 -3.08
CA LYS F 167 -53.65 77.43 -1.93
C LYS F 167 -52.97 77.58 -0.54
N VAL F 168 -51.65 77.60 -0.52
CA VAL F 168 -50.90 77.60 0.71
C VAL F 168 -49.73 78.48 0.42
N PRO F 169 -49.71 79.68 1.00
CA PRO F 169 -48.58 80.59 0.80
C PRO F 169 -47.22 79.99 1.27
N ALA F 170 -46.14 80.43 0.64
CA ALA F 170 -44.78 80.04 1.06
C ALA F 170 -44.60 80.05 2.58
N TYR F 171 -45.09 81.13 3.21
CA TYR F 171 -45.04 81.31 4.66
C TYR F 171 -46.45 81.48 5.23
N ARG F 172 -46.69 81.08 6.49
CA ARG F 172 -47.99 81.19 7.15
C ARG F 172 -47.79 81.25 8.65
N PRO F 173 -48.54 82.10 9.36
CA PRO F 173 -48.44 82.07 10.82
C PRO F 173 -48.89 80.74 11.43
N ASP F 174 -49.97 80.15 10.90
CA ASP F 174 -50.50 78.89 11.48
C ASP F 174 -49.71 77.63 11.12
N SER F 175 -48.65 77.80 10.34
CA SER F 175 -47.79 76.69 9.95
C SER F 175 -46.79 76.36 11.04
N PHE F 176 -46.60 75.06 11.18
CA PHE F 176 -45.57 74.41 11.96
C PHE F 176 -44.22 75.19 11.99
N PHE F 177 -43.90 75.92 10.93
CA PHE F 177 -42.75 76.83 11.01
C PHE F 177 -43.08 78.06 11.83
N GLY F 178 -44.05 78.85 11.34
CA GLY F 178 -44.53 80.06 11.98
C GLY F 178 -45.03 79.88 13.40
N LYS F 179 -45.69 78.76 13.68
CA LYS F 179 -46.32 78.54 14.98
C LYS F 179 -45.36 77.94 16.00
N TYR F 180 -44.52 77.01 15.56
CA TYR F 180 -43.73 76.30 16.53
C TYR F 180 -42.23 76.52 16.38
N GLU F 181 -41.78 76.87 15.19
CA GLU F 181 -40.33 76.90 14.94
C GLU F 181 -39.78 78.32 15.07
N LEU F 182 -40.25 79.21 14.22
CA LEU F 182 -39.82 80.62 14.29
C LEU F 182 -39.99 81.31 15.64
N PRO F 183 -41.13 81.14 16.35
CA PRO F 183 -41.24 81.80 17.66
C PRO F 183 -40.16 81.38 18.67
N ASN F 184 -39.49 80.27 18.39
CA ASN F 184 -38.64 79.60 19.38
C ASN F 184 -37.15 79.68 19.15
N LEU F 185 -36.72 80.41 18.14
CA LEU F 185 -35.31 80.50 17.84
C LEU F 185 -34.69 81.47 18.83
N THR F 186 -33.70 80.99 19.57
CA THR F 186 -32.95 81.81 20.52
C THR F 186 -31.97 82.72 19.78
N ASN F 187 -31.45 83.72 20.47
CA ASN F 187 -30.51 84.67 19.86
C ASN F 187 -29.09 84.11 19.74
N LYS F 188 -29.01 82.79 19.70
CA LYS F 188 -27.80 82.08 19.27
C LYS F 188 -27.95 81.86 17.76
N VAL F 189 -29.15 82.12 17.24
CA VAL F 189 -29.42 82.09 15.80
C VAL F 189 -29.04 83.45 15.25
N THR F 190 -28.48 83.48 14.05
CA THR F 190 -27.91 84.70 13.47
C THR F 190 -28.57 85.07 12.14
N ARG F 191 -28.99 84.04 11.38
CA ARG F 191 -29.47 84.25 10.01
C ARG F 191 -30.50 83.21 9.59
N VAL F 192 -31.59 83.69 8.99
CA VAL F 192 -32.56 82.79 8.39
C VAL F 192 -32.34 82.86 6.89
N LYS F 193 -31.94 81.74 6.29
CA LYS F 193 -31.79 81.68 4.85
C LYS F 193 -33.02 80.96 4.37
N VAL F 194 -33.73 81.56 3.43
CA VAL F 194 -34.90 80.96 2.87
C VAL F 194 -34.52 80.50 1.48
N ILE F 195 -34.86 79.25 1.16
CA ILE F 195 -34.87 78.78 -0.21
C ILE F 195 -36.32 78.58 -0.67
N VAL F 196 -36.72 79.28 -1.73
CA VAL F 196 -38.00 79.14 -2.36
C VAL F 196 -37.91 78.15 -3.49
N LEU F 197 -38.83 77.18 -3.49
CA LEU F 197 -38.91 76.16 -4.52
C LEU F 197 -39.97 76.54 -5.52
N HIS F 198 -39.61 76.48 -6.79
CA HIS F 198 -40.54 76.68 -7.88
C HIS F 198 -40.62 75.40 -8.72
N ARG F 199 -41.59 74.54 -8.39
CA ARG F 199 -41.72 73.26 -9.06
C ARG F 199 -41.74 73.43 -10.57
N LEU F 200 -41.15 72.46 -11.29
CA LEU F 200 -41.01 72.60 -12.75
C LEU F 200 -42.35 72.60 -13.51
N GLY F 201 -42.43 73.45 -14.55
CA GLY F 201 -43.60 73.56 -15.47
C GLY F 201 -44.86 73.95 -14.71
N GLU F 202 -44.67 74.61 -13.58
CA GLU F 202 -45.77 75.02 -12.75
C GLU F 202 -45.65 76.50 -12.59
N LYS F 203 -46.76 77.14 -12.24
CA LYS F 203 -46.87 78.58 -12.28
C LYS F 203 -46.33 79.11 -10.95
N ILE F 204 -45.35 80.00 -11.05
CA ILE F 204 -44.78 80.70 -9.89
C ILE F 204 -45.83 81.49 -9.08
N ILE F 205 -45.92 81.21 -7.78
CA ILE F 205 -46.90 81.88 -6.92
C ILE F 205 -46.21 82.83 -5.95
N GLU F 206 -45.19 82.35 -5.26
CA GLU F 206 -44.52 83.18 -4.28
C GLU F 206 -43.12 83.44 -4.76
N LYS F 207 -42.77 84.72 -4.83
CA LYS F 207 -41.41 85.16 -5.09
C LYS F 207 -40.94 86.05 -3.97
N CYS F 208 -39.62 86.10 -3.79
CA CYS F 208 -39.02 86.93 -2.73
C CYS F 208 -39.16 88.46 -2.77
N GLY F 209 -39.14 89.06 -1.58
CA GLY F 209 -39.38 90.48 -1.40
C GLY F 209 -40.85 90.80 -1.62
N ALA F 210 -41.70 89.78 -1.47
CA ALA F 210 -43.14 89.93 -1.74
C ALA F 210 -43.99 88.90 -1.00
N GLY F 211 -45.29 89.14 -1.01
CA GLY F 211 -46.30 88.27 -0.44
C GLY F 211 -46.00 87.93 0.99
N SER F 212 -46.13 86.63 1.30
CA SER F 212 -45.96 86.12 2.65
C SER F 212 -44.50 86.11 3.05
N LEU F 213 -43.62 86.10 2.05
CA LEU F 213 -42.19 86.11 2.26
C LEU F 213 -41.69 87.46 2.75
N LEU F 214 -42.33 88.53 2.30
CA LEU F 214 -42.01 89.85 2.83
C LEU F 214 -42.40 89.88 4.31
N ASP F 215 -43.52 89.25 4.63
CA ASP F 215 -44.02 89.15 6.00
C ASP F 215 -42.99 88.44 6.88
N LEU F 216 -42.41 87.38 6.34
CA LEU F 216 -41.38 86.62 7.03
C LEU F 216 -40.13 87.47 7.21
N GLU F 217 -39.59 88.00 6.12
CA GLU F 217 -38.35 88.82 6.14
C GLU F 217 -38.43 89.97 7.15
N LYS F 218 -39.66 90.35 7.48
CA LYS F 218 -39.93 91.45 8.38
C LYS F 218 -40.08 90.94 9.82
N LEU F 219 -40.64 89.74 9.95
CA LEU F 219 -40.75 89.10 11.24
C LEU F 219 -39.37 88.65 11.70
N VAL F 220 -38.53 88.29 10.72
CA VAL F 220 -37.19 87.81 10.97
C VAL F 220 -36.34 88.93 11.54
N LYS F 221 -36.08 89.95 10.72
CA LYS F 221 -35.31 91.13 11.13
C LYS F 221 -35.80 91.78 12.44
N ALA F 222 -37.11 91.69 12.70
CA ALA F 222 -37.70 92.18 13.96
C ALA F 222 -37.30 91.32 15.18
N LYS F 223 -36.94 90.06 14.94
CA LYS F 223 -36.38 89.16 15.96
C LYS F 223 -34.83 89.30 15.95
N HIS F 224 -34.47 90.52 15.36
CA HIS F 224 -33.09 91.02 15.26
C HIS F 224 -32.18 90.19 14.32
N PHE F 225 -32.72 89.13 13.73
CA PHE F 225 -31.95 88.25 12.86
C PHE F 225 -31.64 88.81 11.47
N ALA F 226 -30.48 88.43 10.94
CA ALA F 226 -30.16 88.63 9.53
C ALA F 226 -31.06 87.76 8.66
N PHE F 227 -31.17 88.11 7.38
CA PHE F 227 -32.11 87.47 6.48
C PHE F 227 -31.74 87.53 5.01
N ASP F 228 -31.73 86.36 4.38
CA ASP F 228 -31.69 86.26 2.91
C ASP F 228 -32.63 85.18 2.32
N CYS F 229 -32.76 85.22 1.00
CA CYS F 229 -33.69 84.37 0.30
C CYS F 229 -33.24 84.11 -1.12
N VAL F 230 -33.47 82.91 -1.63
CA VAL F 230 -33.23 82.64 -3.05
C VAL F 230 -34.24 81.66 -3.65
N GLU F 231 -34.47 81.81 -4.96
CA GLU F 231 -35.43 80.99 -5.67
C GLU F 231 -34.68 80.16 -6.69
N ASN F 232 -35.06 78.89 -6.72
CA ASN F 232 -34.36 77.80 -7.44
C ASN F 232 -32.83 77.89 -7.66
N PRO F 233 -32.06 77.83 -6.56
CA PRO F 233 -30.61 77.76 -6.68
C PRO F 233 -30.25 76.52 -7.49
N ARG F 234 -29.18 76.57 -8.27
CA ARG F 234 -28.97 75.52 -9.24
C ARG F 234 -28.86 74.16 -8.60
N ALA F 235 -28.38 74.14 -7.36
CA ALA F 235 -28.18 72.91 -6.63
C ALA F 235 -29.52 72.21 -6.41
N VAL F 236 -30.50 72.99 -5.95
CA VAL F 236 -31.86 72.52 -5.77
C VAL F 236 -32.49 72.31 -7.16
N LEU F 237 -32.29 73.27 -8.07
CA LEU F 237 -32.80 73.11 -9.41
C LEU F 237 -32.41 71.76 -9.98
N PHE F 238 -31.11 71.46 -9.95
CA PHE F 238 -30.64 70.21 -10.52
C PHE F 238 -31.24 68.94 -9.88
N LEU F 239 -31.57 68.99 -8.59
CA LEU F 239 -32.26 67.88 -7.97
C LEU F 239 -33.64 67.69 -8.57
N LEU F 240 -34.29 68.82 -8.84
CA LEU F 240 -35.62 68.83 -9.42
C LEU F 240 -35.55 68.31 -10.83
N CYS F 241 -34.62 68.83 -11.61
CA CYS F 241 -34.52 68.37 -12.97
C CYS F 241 -34.10 66.92 -13.17
N SER F 242 -33.55 66.28 -12.13
CA SER F 242 -33.30 64.85 -12.20
C SER F 242 -34.59 64.04 -12.37
N ASP F 243 -35.64 64.41 -11.63
CA ASP F 243 -36.97 63.77 -11.72
C ASP F 243 -37.75 64.21 -12.95
N ASN F 244 -37.40 65.38 -13.48
CA ASN F 244 -38.15 65.89 -14.63
C ASN F 244 -37.21 66.54 -15.64
N PRO F 245 -36.35 65.70 -16.28
CA PRO F 245 -35.27 66.08 -17.20
C PRO F 245 -35.74 66.69 -18.51
N ASN F 246 -37.02 66.49 -18.84
CA ASN F 246 -37.54 67.11 -20.04
C ASN F 246 -38.16 68.47 -19.73
N ALA F 247 -38.08 68.89 -18.46
CA ALA F 247 -38.50 70.23 -18.10
C ALA F 247 -37.74 71.30 -18.85
N ARG F 248 -38.48 72.32 -19.22
CA ARG F 248 -38.03 73.36 -20.12
C ARG F 248 -37.03 74.21 -19.35
N GLU F 249 -37.27 74.33 -18.04
CA GLU F 249 -36.37 75.05 -17.15
C GLU F 249 -35.01 74.36 -17.06
N CYS F 250 -34.85 73.27 -17.82
CA CYS F 250 -33.53 72.64 -17.96
C CYS F 250 -33.13 72.22 -19.35
N ARG F 251 -33.62 72.91 -20.38
CA ARG F 251 -32.93 72.82 -21.64
C ARG F 251 -31.49 73.11 -21.23
N LEU F 252 -30.59 72.19 -21.59
CA LEU F 252 -29.15 72.33 -21.33
C LEU F 252 -28.53 72.96 -22.53
N ALA F 253 -27.59 73.89 -22.29
CA ALA F 253 -26.99 74.70 -23.36
C ALA F 253 -26.09 73.88 -24.28
N ILE G 3 11.26 -46.27 -13.28
CA ILE G 3 10.96 -47.50 -12.47
C ILE G 3 10.09 -48.46 -13.30
N VAL G 4 10.51 -49.72 -13.32
CA VAL G 4 9.96 -50.78 -14.17
C VAL G 4 9.06 -51.67 -13.31
N PRO G 5 7.75 -51.69 -13.57
CA PRO G 5 6.84 -52.56 -12.84
C PRO G 5 6.96 -54.04 -13.19
N THR G 6 6.47 -54.87 -12.29
CA THR G 6 6.66 -56.30 -12.39
C THR G 6 5.68 -56.86 -13.44
N ARG G 7 6.24 -57.53 -14.43
CA ARG G 7 5.45 -58.08 -15.52
C ARG G 7 4.55 -59.19 -14.96
N GLU G 8 3.51 -59.53 -15.71
CA GLU G 8 2.50 -60.51 -15.29
C GLU G 8 2.22 -60.46 -13.81
N LEU G 9 1.96 -59.28 -13.32
CA LEU G 9 1.72 -59.07 -11.90
C LEU G 9 0.70 -60.07 -11.32
N GLU G 10 -0.49 -60.19 -11.89
CA GLU G 10 -1.45 -61.13 -11.27
C GLU G 10 -0.91 -62.56 -11.11
N ASN G 11 -0.25 -63.09 -12.13
CA ASN G 11 0.20 -64.50 -12.08
C ASN G 11 1.27 -64.78 -11.01
N VAL G 12 2.03 -63.73 -10.66
CA VAL G 12 3.16 -63.87 -9.78
C VAL G 12 2.64 -63.88 -8.35
N PHE G 13 1.71 -62.98 -8.08
CA PHE G 13 0.98 -62.93 -6.83
C PHE G 13 0.29 -64.29 -6.67
N LEU G 14 -0.46 -64.71 -7.69
CA LEU G 14 -1.17 -66.00 -7.55
C LEU G 14 -0.22 -67.14 -7.30
N GLY G 15 0.93 -67.09 -7.97
CA GLY G 15 1.94 -68.12 -7.86
C GLY G 15 2.38 -68.23 -6.43
N ARG G 16 2.98 -67.14 -5.97
CA ARG G 16 3.54 -67.01 -4.65
C ARG G 16 2.53 -67.39 -3.58
N CYS G 17 1.32 -66.96 -3.74
CA CYS G 17 0.30 -67.19 -2.76
C CYS G 17 -0.01 -68.67 -2.69
N LYS G 18 -0.08 -69.34 -3.85
CA LYS G 18 -0.34 -70.76 -3.87
C LYS G 18 0.84 -71.51 -3.23
N ASP G 19 2.05 -71.19 -3.70
CA ASP G 19 3.25 -71.83 -3.23
C ASP G 19 3.28 -71.73 -1.72
N TYR G 20 3.08 -70.53 -1.22
CA TYR G 20 3.11 -70.29 0.22
C TYR G 20 1.99 -71.08 0.91
N GLU G 21 0.78 -71.04 0.36
CA GLU G 21 -0.38 -71.80 0.95
C GLU G 21 -0.10 -73.26 1.30
N ILE G 22 0.43 -73.99 0.35
CA ILE G 22 0.58 -75.44 0.43
C ILE G 22 1.88 -75.90 1.03
N THR G 23 2.94 -75.10 0.87
CA THR G 23 4.30 -75.52 1.22
C THR G 23 5.11 -74.57 2.11
N ARG G 24 4.77 -73.30 2.23
CA ARG G 24 5.72 -72.46 3.00
C ARG G 24 5.33 -72.21 4.46
N TYR G 25 6.35 -72.30 5.34
CA TYR G 25 6.20 -72.02 6.77
C TYR G 25 5.13 -72.86 7.45
N LEU G 26 4.90 -74.08 6.95
CA LEU G 26 3.75 -74.88 7.39
C LEU G 26 3.51 -75.01 8.89
N ASP G 27 4.56 -75.26 9.68
CA ASP G 27 4.35 -75.39 11.13
C ASP G 27 4.93 -74.20 11.93
N ILE G 28 5.13 -73.10 11.21
CA ILE G 28 5.69 -71.89 11.75
C ILE G 28 4.61 -70.79 11.78
N LEU G 29 3.94 -70.53 10.67
CA LEU G 29 2.82 -69.59 10.60
C LEU G 29 1.49 -70.29 10.17
N PRO G 30 0.32 -69.82 10.66
CA PRO G 30 -0.91 -70.53 10.32
C PRO G 30 -1.38 -70.17 8.92
N ARG G 31 -2.31 -70.95 8.41
CA ARG G 31 -2.86 -70.71 7.09
C ARG G 31 -3.82 -69.55 7.22
N VAL G 32 -3.91 -68.81 6.13
CA VAL G 32 -4.89 -67.73 5.98
C VAL G 32 -6.21 -68.33 5.52
N ARG G 33 -7.29 -67.86 6.13
CA ARG G 33 -8.64 -68.27 5.81
C ARG G 33 -9.14 -68.01 4.36
N SER G 34 -8.68 -66.92 3.76
CA SER G 34 -9.13 -66.53 2.41
C SER G 34 -8.46 -67.35 1.29
N ASP G 35 -9.10 -67.51 0.14
CA ASP G 35 -8.39 -68.14 -0.98
C ASP G 35 -7.48 -67.13 -1.71
N CYS G 36 -6.64 -67.63 -2.60
CA CYS G 36 -5.62 -66.80 -3.23
C CYS G 36 -6.28 -65.86 -4.22
N SER G 37 -7.32 -66.35 -4.83
CA SER G 37 -8.10 -65.59 -5.81
C SER G 37 -8.90 -64.42 -5.21
N ALA G 38 -9.22 -64.51 -3.92
CA ALA G 38 -9.99 -63.49 -3.25
C ALA G 38 -9.03 -62.42 -2.71
N LEU G 39 -7.79 -62.83 -2.49
CA LEU G 39 -6.77 -61.97 -1.95
C LEU G 39 -6.32 -61.07 -3.06
N TRP G 40 -6.19 -61.66 -4.23
CA TRP G 40 -5.99 -60.90 -5.43
C TRP G 40 -7.08 -59.84 -5.55
N LYS G 41 -8.34 -60.30 -5.49
CA LYS G 41 -9.46 -59.38 -5.59
C LYS G 41 -9.28 -58.22 -4.66
N ASP G 42 -8.98 -58.52 -3.41
CA ASP G 42 -8.73 -57.47 -2.40
C ASP G 42 -7.47 -56.67 -2.64
N PHE G 43 -6.46 -57.31 -3.20
CA PHE G 43 -5.21 -56.63 -3.40
C PHE G 43 -5.32 -55.74 -4.62
N PHE G 44 -5.92 -56.24 -5.70
CA PHE G 44 -6.10 -55.41 -6.90
C PHE G 44 -6.90 -54.15 -6.55
N LYS G 45 -8.09 -54.38 -6.02
CA LYS G 45 -9.13 -53.36 -5.73
C LYS G 45 -8.55 -52.09 -5.09
N ALA G 46 -7.44 -52.25 -4.42
CA ALA G 46 -6.91 -51.16 -3.65
C ALA G 46 -6.16 -50.16 -4.51
N PHE G 47 -5.60 -50.62 -5.62
CA PHE G 47 -4.82 -49.70 -6.42
C PHE G 47 -5.38 -49.52 -7.83
N SER G 48 -6.33 -50.35 -8.23
CA SER G 48 -6.73 -50.47 -9.64
C SER G 48 -7.60 -49.31 -10.11
N PHE G 49 -7.49 -48.97 -11.40
CA PHE G 49 -8.29 -47.90 -12.00
C PHE G 49 -8.27 -46.60 -11.21
N LYS G 50 -7.10 -46.20 -10.70
CA LYS G 50 -6.94 -44.98 -9.96
C LYS G 50 -5.56 -44.44 -10.26
N ASN G 51 -5.33 -43.14 -9.99
CA ASN G 51 -4.05 -42.52 -10.32
C ASN G 51 -3.02 -43.25 -9.52
N PRO G 52 -1.81 -43.41 -10.08
CA PRO G 52 -0.81 -44.09 -9.29
C PRO G 52 -0.59 -43.46 -7.90
N CYS G 53 -0.75 -42.14 -7.75
CA CYS G 53 -0.51 -41.39 -6.50
C CYS G 53 -1.79 -41.20 -5.68
N ASP G 54 -2.87 -41.85 -6.12
CA ASP G 54 -4.18 -41.66 -5.53
C ASP G 54 -4.47 -42.83 -4.61
N LEU G 55 -3.90 -42.78 -3.42
CA LEU G 55 -3.99 -43.89 -2.49
C LEU G 55 -3.75 -43.36 -1.11
N ASP G 56 -4.35 -43.96 -0.09
CA ASP G 56 -3.99 -43.53 1.29
C ASP G 56 -3.72 -44.75 2.15
N LEU G 57 -3.58 -44.55 3.44
CA LEU G 57 -3.25 -45.61 4.35
C LEU G 57 -4.42 -46.60 4.53
N GLY G 58 -5.63 -46.26 4.10
CA GLY G 58 -6.74 -47.16 4.30
C GLY G 58 -6.99 -47.99 3.06
N SER G 59 -6.21 -47.75 2.02
CA SER G 59 -6.40 -48.38 0.74
C SER G 59 -6.38 -49.90 0.75
N TYR G 60 -5.37 -50.48 1.39
CA TYR G 60 -5.21 -51.93 1.40
C TYR G 60 -5.85 -52.56 2.60
N LYS G 61 -6.68 -51.80 3.30
CA LYS G 61 -7.27 -52.33 4.54
C LYS G 61 -7.84 -53.71 4.38
N ASP G 62 -8.72 -53.94 3.42
CA ASP G 62 -9.39 -55.24 3.35
C ASP G 62 -8.44 -56.38 3.07
N PHE G 63 -7.35 -56.05 2.38
CA PHE G 63 -6.34 -57.03 2.01
C PHE G 63 -5.58 -57.47 3.23
N PHE G 64 -5.04 -56.54 3.93
CA PHE G 64 -4.36 -56.88 5.14
C PHE G 64 -5.28 -57.58 6.12
N THR G 65 -6.56 -57.25 6.09
CA THR G 65 -7.55 -57.93 6.95
C THR G 65 -7.76 -59.40 6.57
N SER G 66 -8.02 -59.71 5.31
CA SER G 66 -8.01 -61.14 4.93
C SER G 66 -6.61 -61.75 5.05
N ALA G 67 -5.52 -60.97 4.85
CA ALA G 67 -4.18 -61.63 4.85
C ALA G 67 -3.46 -61.83 6.20
N GLN G 68 -4.04 -61.37 7.30
CA GLN G 68 -3.28 -61.29 8.55
C GLN G 68 -3.33 -62.60 9.30
N GLN G 69 -2.16 -63.05 9.72
CA GLN G 69 -1.99 -64.32 10.42
C GLN G 69 -1.77 -64.00 11.91
N GLN G 70 -2.33 -64.82 12.81
CA GLN G 70 -1.86 -64.86 14.19
C GLN G 70 -0.33 -65.03 14.12
N LEU G 71 0.42 -64.21 14.85
CA LEU G 71 1.87 -64.38 14.89
C LEU G 71 2.30 -65.11 16.16
N PRO G 72 3.30 -66.00 16.07
CA PRO G 72 3.59 -66.84 17.24
C PRO G 72 4.32 -66.07 18.34
N LYS G 73 3.82 -66.26 19.57
CA LYS G 73 4.29 -65.52 20.72
C LYS G 73 5.84 -65.43 20.81
N ASN G 74 6.36 -64.22 21.05
CA ASN G 74 7.78 -64.01 21.31
C ASN G 74 8.74 -64.16 20.14
N LYS G 75 8.22 -64.34 18.94
CA LYS G 75 9.10 -64.67 17.82
C LYS G 75 9.29 -63.54 16.89
N VAL G 76 8.40 -62.55 16.97
CA VAL G 76 8.30 -61.53 15.95
C VAL G 76 9.53 -60.62 16.01
N MET G 77 10.12 -60.37 14.85
CA MET G 77 11.27 -59.48 14.79
C MET G 77 11.05 -58.28 13.84
N PHE G 78 11.55 -57.13 14.28
CA PHE G 78 11.57 -55.95 13.45
C PHE G 78 13.03 -55.62 13.16
N TRP G 79 13.30 -54.84 12.13
CA TRP G 79 14.67 -54.55 11.80
C TRP G 79 14.70 -53.21 11.09
N SER G 80 15.80 -52.48 11.26
CA SER G 80 15.96 -51.23 10.57
C SER G 80 17.40 -51.12 10.12
N GLY G 81 17.61 -51.15 8.81
CA GLY G 81 18.92 -50.91 8.26
C GLY G 81 19.84 -52.11 8.20
N VAL G 82 19.24 -53.30 8.38
CA VAL G 82 20.00 -54.53 8.46
C VAL G 82 19.25 -55.68 7.77
N TYR G 83 18.75 -55.43 6.55
CA TYR G 83 17.95 -56.43 5.85
C TYR G 83 18.66 -57.79 5.86
N ASP G 84 19.90 -57.81 5.36
CA ASP G 84 20.60 -59.08 5.20
C ASP G 84 20.96 -59.82 6.51
N GLU G 85 21.45 -59.06 7.48
CA GLU G 85 21.80 -59.58 8.77
C GLU G 85 20.62 -60.15 9.54
N ALA G 86 19.53 -59.42 9.52
CA ALA G 86 18.33 -59.80 10.23
C ALA G 86 17.68 -61.04 9.63
N HIS G 87 17.60 -61.11 8.31
CA HIS G 87 16.94 -62.25 7.67
C HIS G 87 17.82 -63.48 7.72
N ASP G 88 19.14 -63.32 7.61
CA ASP G 88 20.03 -64.46 7.93
C ASP G 88 19.78 -64.97 9.37
N TYR G 89 19.84 -64.07 10.35
CA TYR G 89 19.71 -64.47 11.74
C TYR G 89 18.34 -65.07 12.05
N ALA G 90 17.26 -64.44 11.59
CA ALA G 90 15.90 -64.94 11.83
C ALA G 90 15.72 -66.32 11.15
N ASN G 91 16.58 -66.59 10.17
CA ASN G 91 16.64 -67.84 9.46
C ASN G 91 15.26 -68.45 9.07
N THR G 92 14.50 -67.74 8.23
CA THR G 92 13.42 -68.39 7.48
C THR G 92 12.36 -68.91 8.44
N GLY G 93 12.13 -68.14 9.48
CA GLY G 93 11.00 -68.36 10.36
C GLY G 93 11.34 -69.28 11.51
N ARG G 94 12.56 -69.76 11.47
CA ARG G 94 13.02 -70.81 12.36
C ARG G 94 13.42 -70.29 13.72
N LYS G 95 14.04 -69.12 13.76
CA LYS G 95 14.36 -68.46 15.03
C LYS G 95 13.43 -67.27 15.27
N TYR G 96 13.27 -66.42 14.26
CA TYR G 96 12.27 -65.33 14.29
C TYR G 96 11.51 -65.22 12.96
N ILE G 97 10.28 -64.70 13.07
CA ILE G 97 9.43 -64.21 11.99
C ILE G 97 9.82 -62.77 11.65
N THR G 98 10.04 -62.53 10.36
CA THR G 98 10.09 -61.17 9.87
C THR G 98 8.79 -60.90 9.12
N LEU G 99 8.46 -59.65 8.88
CA LEU G 99 7.35 -59.35 7.96
C LEU G 99 7.45 -60.19 6.64
N GLU G 100 8.66 -60.24 6.07
CA GLU G 100 8.95 -60.90 4.80
C GLU G 100 8.58 -62.41 4.84
N ASP G 101 8.21 -62.91 6.01
CA ASP G 101 7.74 -64.28 6.14
C ASP G 101 6.23 -64.39 6.18
N THR G 102 5.57 -63.30 6.56
CA THR G 102 4.13 -63.40 6.62
C THR G 102 3.70 -63.49 5.18
N LEU G 103 2.48 -64.00 4.99
CA LEU G 103 1.85 -64.09 3.66
C LEU G 103 1.93 -62.80 2.88
N PRO G 104 1.46 -61.67 3.46
CA PRO G 104 1.50 -60.51 2.58
C PRO G 104 2.94 -60.12 2.20
N GLY G 105 3.91 -60.34 3.07
CA GLY G 105 5.27 -59.86 2.86
C GLY G 105 6.01 -60.74 1.90
N TYR G 106 5.64 -62.01 1.92
CA TYR G 106 6.24 -62.96 1.03
C TYR G 106 5.71 -62.69 -0.36
N MET G 107 4.41 -62.45 -0.49
CA MET G 107 3.79 -62.26 -1.80
C MET G 107 4.26 -61.02 -2.50
N LEU G 108 4.38 -59.91 -1.76
CA LEU G 108 4.74 -58.65 -2.43
C LEU G 108 6.23 -58.26 -2.42
N ASN G 109 7.10 -59.12 -1.91
CA ASN G 109 8.48 -58.70 -1.71
C ASN G 109 9.17 -58.34 -3.02
N SER G 110 9.80 -57.17 -3.04
CA SER G 110 10.53 -56.63 -4.20
C SER G 110 9.64 -56.39 -5.41
N LEU G 111 8.34 -56.68 -5.29
CA LEU G 111 7.46 -56.44 -6.41
C LEU G 111 7.18 -54.94 -6.57
N VAL G 112 6.89 -54.53 -7.80
CA VAL G 112 6.67 -53.14 -8.11
C VAL G 112 5.39 -53.07 -8.95
N TRP G 113 4.45 -52.22 -8.55
CA TRP G 113 3.14 -52.17 -9.21
C TRP G 113 2.48 -50.85 -8.88
N CYS G 114 1.35 -50.54 -9.54
CA CYS G 114 0.68 -49.23 -9.44
C CYS G 114 -0.48 -49.14 -10.39
N GLY G 115 -1.50 -48.37 -9.98
CA GLY G 115 -2.66 -48.02 -10.82
C GLY G 115 -2.47 -47.06 -12.00
N GLN G 116 -3.40 -47.15 -12.94
CA GLN G 116 -3.68 -46.07 -13.89
C GLN G 116 -5.19 -46.05 -14.02
N ARG G 117 -5.78 -44.93 -14.44
CA ARG G 117 -7.25 -44.82 -14.60
C ARG G 117 -7.82 -45.54 -15.81
N ALA G 118 -7.03 -45.59 -16.87
CA ALA G 118 -7.45 -46.20 -18.12
C ALA G 118 -7.28 -47.70 -18.06
N ASN G 119 -8.05 -48.44 -18.84
CA ASN G 119 -7.87 -49.89 -18.85
C ASN G 119 -6.41 -50.25 -19.21
N PRO G 120 -5.89 -51.37 -18.65
CA PRO G 120 -6.55 -52.30 -17.71
C PRO G 120 -6.53 -51.85 -16.25
N GLY G 121 -6.24 -50.57 -16.00
CA GLY G 121 -6.27 -50.04 -14.63
C GLY G 121 -5.17 -50.57 -13.71
N PHE G 122 -4.01 -50.82 -14.29
CA PHE G 122 -2.72 -50.93 -13.60
C PHE G 122 -1.67 -50.62 -14.68
N ASN G 123 -0.49 -50.12 -14.32
CA ASN G 123 0.46 -49.63 -15.34
C ASN G 123 1.56 -50.63 -15.52
N GLU G 124 1.67 -51.15 -16.73
CA GLU G 124 2.58 -52.21 -17.04
C GLU G 124 3.85 -51.61 -17.60
N LYS G 125 3.79 -50.39 -18.11
CA LYS G 125 4.96 -49.82 -18.78
C LYS G 125 5.89 -49.20 -17.76
N VAL G 126 5.35 -48.34 -16.91
CA VAL G 126 6.19 -47.53 -16.06
C VAL G 126 5.44 -47.21 -14.78
N CYS G 127 6.19 -46.79 -13.77
CA CYS G 127 5.61 -46.23 -12.56
C CYS G 127 6.37 -45.08 -11.94
N PRO G 128 5.65 -44.15 -11.31
CA PRO G 128 6.30 -42.89 -10.93
C PRO G 128 7.28 -43.09 -9.77
N ASP G 129 8.23 -42.17 -9.63
CA ASP G 129 9.05 -42.14 -8.43
C ASP G 129 8.08 -41.79 -7.30
N PHE G 130 7.91 -42.66 -6.32
CA PHE G 130 6.92 -42.33 -5.31
C PHE G 130 7.44 -41.20 -4.39
N LYS G 131 8.64 -40.67 -4.64
CA LYS G 131 9.00 -39.37 -4.07
C LYS G 131 8.06 -38.29 -4.64
N THR G 132 7.34 -38.60 -5.74
CA THR G 132 6.38 -37.66 -6.36
C THR G 132 4.96 -37.72 -5.77
N CYS G 133 4.67 -38.74 -4.99
CA CYS G 133 3.32 -38.87 -4.46
C CYS G 133 3.29 -38.41 -3.03
N PRO G 134 2.09 -38.08 -2.52
CA PRO G 134 1.89 -37.80 -1.10
C PRO G 134 2.37 -38.96 -0.23
N VAL G 135 2.86 -38.68 0.97
CA VAL G 135 3.47 -39.76 1.72
C VAL G 135 2.51 -40.89 2.07
N GLN G 136 1.21 -40.61 2.14
CA GLN G 136 0.25 -41.63 2.52
C GLN G 136 -0.10 -42.54 1.36
N ALA G 137 0.25 -42.09 0.14
CA ALA G 137 0.24 -42.93 -1.05
C ALA G 137 1.53 -43.74 -1.13
N ARG G 138 2.70 -43.09 -1.07
CA ARG G 138 3.98 -43.81 -1.08
C ARG G 138 4.00 -44.98 -0.09
N GLU G 139 3.35 -44.80 1.06
CA GLU G 139 3.53 -45.77 2.12
C GLU G 139 2.28 -46.56 2.36
N SER G 140 1.33 -46.44 1.46
CA SER G 140 0.06 -47.02 1.69
C SER G 140 0.12 -48.55 1.82
N PHE G 141 1.06 -49.23 1.12
CA PHE G 141 1.21 -50.72 1.21
C PHE G 141 2.07 -51.26 2.41
N TRP G 142 3.36 -50.91 2.38
CA TRP G 142 4.32 -51.38 3.36
C TRP G 142 4.05 -50.73 4.71
N GLY G 143 3.63 -49.46 4.69
CA GLY G 143 3.18 -48.77 5.88
C GLY G 143 2.08 -49.56 6.56
N MET G 144 1.09 -50.03 5.82
CA MET G 144 -0.07 -50.67 6.46
C MET G 144 0.32 -52.11 6.73
N ALA G 145 1.18 -52.70 5.89
CA ALA G 145 1.75 -54.00 6.19
C ALA G 145 2.41 -54.04 7.56
N SER G 146 3.26 -53.06 7.82
CA SER G 146 3.98 -53.01 9.07
C SER G 146 3.07 -52.78 10.23
N SER G 147 2.12 -51.87 10.11
CA SER G 147 1.19 -51.54 11.22
C SER G 147 0.46 -52.76 11.60
N SER G 148 0.00 -53.48 10.60
CA SER G 148 -0.81 -54.68 10.83
C SER G 148 0.00 -55.77 11.46
N TYR G 149 1.24 -55.95 10.96
CA TYR G 149 2.26 -56.90 11.43
C TYR G 149 2.47 -56.64 12.91
N ALA G 150 3.01 -55.45 13.22
CA ALA G 150 3.20 -54.98 14.57
C ALA G 150 1.94 -55.10 15.42
N HIS G 151 0.79 -54.75 14.89
CA HIS G 151 -0.47 -54.91 15.64
C HIS G 151 -0.73 -56.34 16.08
N SER G 152 -0.17 -57.31 15.37
CA SER G 152 -0.42 -58.73 15.65
C SER G 152 0.60 -59.39 16.63
N ALA G 153 1.64 -58.65 17.00
CA ALA G 153 2.75 -59.19 17.82
C ALA G 153 2.32 -59.50 19.26
N GLU G 154 2.88 -60.57 19.83
CA GLU G 154 2.54 -60.90 21.20
C GLU G 154 3.80 -61.30 21.88
N GLY G 155 3.88 -61.04 23.19
CA GLY G 155 4.99 -61.48 24.00
C GLY G 155 6.21 -60.60 23.84
N GLU G 156 7.35 -61.25 23.63
CA GLU G 156 8.58 -60.48 23.39
C GLU G 156 8.65 -60.25 21.94
N VAL G 157 9.20 -59.13 21.57
CA VAL G 157 9.42 -58.89 20.16
C VAL G 157 10.87 -58.49 20.05
N THR G 158 11.45 -58.49 18.85
CA THR G 158 12.89 -58.22 18.74
C THR G 158 13.20 -57.19 17.69
N TYR G 159 14.22 -56.39 17.92
CA TYR G 159 14.48 -55.27 17.02
C TYR G 159 15.95 -55.13 16.78
N MET G 160 16.34 -55.38 15.54
CA MET G 160 17.69 -55.44 15.16
C MET G 160 18.01 -54.16 14.49
N VAL G 161 19.11 -53.53 14.85
CA VAL G 161 19.43 -52.25 14.26
C VAL G 161 20.92 -52.14 13.97
N ASP G 162 21.26 -51.11 13.22
CA ASP G 162 22.61 -50.88 12.79
C ASP G 162 23.13 -49.78 13.68
N GLY G 163 24.14 -50.10 14.45
CA GLY G 163 24.74 -49.12 15.32
C GLY G 163 26.07 -48.64 14.81
N SER G 164 26.32 -48.83 13.51
CA SER G 164 27.59 -48.40 12.88
C SER G 164 27.37 -47.38 11.75
N ASN G 165 26.16 -46.88 11.58
CA ASN G 165 25.91 -45.96 10.46
C ASN G 165 25.98 -44.46 10.82
N PRO G 166 27.03 -43.73 10.36
CA PRO G 166 27.28 -42.36 10.82
C PRO G 166 26.24 -41.29 10.41
N LYS G 167 25.51 -41.54 9.33
CA LYS G 167 24.39 -40.68 8.91
C LYS G 167 22.98 -41.20 9.30
N VAL G 168 22.86 -42.35 9.96
CA VAL G 168 21.52 -42.90 10.31
C VAL G 168 21.55 -43.50 11.72
N PRO G 169 20.91 -42.86 12.70
CA PRO G 169 20.90 -43.53 14.03
C PRO G 169 20.23 -44.90 14.00
N ALA G 170 20.59 -45.70 14.97
CA ALA G 170 20.07 -47.00 15.15
C ALA G 170 18.56 -46.88 15.25
N TYR G 171 18.14 -45.96 16.08
CA TYR G 171 16.72 -45.67 16.15
C TYR G 171 16.34 -44.30 15.63
N ARG G 172 15.28 -44.26 14.85
CA ARG G 172 14.71 -42.98 14.48
C ARG G 172 13.20 -43.11 14.24
N PRO G 173 12.45 -42.11 14.71
CA PRO G 173 11.02 -42.15 14.69
C PRO G 173 10.52 -42.21 13.25
N ASP G 174 11.26 -41.66 12.26
CA ASP G 174 10.77 -41.85 10.88
C ASP G 174 11.18 -43.03 10.02
N SER G 175 11.84 -44.03 10.57
CA SER G 175 11.87 -45.32 9.91
C SER G 175 10.43 -45.87 9.97
N PHE G 176 10.23 -46.93 9.21
CA PHE G 176 9.00 -47.67 9.24
C PHE G 176 8.81 -48.19 10.62
N PHE G 177 9.87 -48.70 11.26
CA PHE G 177 9.73 -49.13 12.62
C PHE G 177 9.26 -47.97 13.48
N GLY G 178 9.91 -46.80 13.35
CA GLY G 178 9.53 -45.63 14.16
C GLY G 178 8.07 -45.18 13.95
N LYS G 179 7.57 -45.38 12.73
CA LYS G 179 6.29 -44.81 12.44
C LYS G 179 5.08 -45.77 12.38
N TYR G 180 5.31 -47.04 12.10
CA TYR G 180 4.19 -47.97 12.12
C TYR G 180 4.35 -49.19 13.00
N GLU G 181 5.56 -49.52 13.46
CA GLU G 181 5.70 -50.74 14.27
C GLU G 181 5.72 -50.35 15.74
N LEU G 182 6.78 -49.68 16.16
CA LEU G 182 6.83 -49.28 17.56
C LEU G 182 5.48 -48.84 18.09
N PRO G 183 4.87 -47.84 17.48
CA PRO G 183 3.78 -47.23 18.17
C PRO G 183 2.50 -48.00 17.97
N ASN G 184 2.53 -49.07 17.21
CA ASN G 184 1.32 -49.80 16.95
C ASN G 184 1.39 -51.09 17.76
N LEU G 185 2.43 -51.26 18.57
CA LEU G 185 2.46 -52.44 19.45
C LEU G 185 1.35 -52.36 20.48
N THR G 186 0.62 -53.45 20.66
CA THR G 186 -0.48 -53.47 21.64
C THR G 186 0.02 -53.91 23.03
N ASN G 187 -0.88 -53.95 24.01
CA ASN G 187 -0.52 -54.37 25.33
C ASN G 187 -0.42 -55.90 25.38
N LYS G 188 -0.55 -56.55 24.21
CA LYS G 188 -0.16 -57.97 24.14
C LYS G 188 1.40 -58.18 24.07
N VAL G 189 2.13 -57.09 23.91
CA VAL G 189 3.59 -57.10 23.99
C VAL G 189 4.00 -56.77 25.40
N THR G 190 5.04 -57.51 25.85
CA THR G 190 5.58 -57.51 27.20
C THR G 190 7.00 -56.89 27.23
N ARG G 191 7.76 -57.08 26.15
CA ARG G 191 9.16 -56.68 26.15
C ARG G 191 9.67 -56.43 24.74
N VAL G 192 10.48 -55.40 24.62
CA VAL G 192 11.15 -55.11 23.36
C VAL G 192 12.59 -55.41 23.61
N LYS G 193 13.12 -56.32 22.79
CA LYS G 193 14.53 -56.72 22.87
C LYS G 193 15.31 -56.14 21.68
N VAL G 194 16.19 -55.18 21.91
CA VAL G 194 17.00 -54.59 20.84
C VAL G 194 18.31 -55.33 20.63
N ILE G 195 18.66 -55.52 19.35
CA ILE G 195 19.91 -56.13 18.95
C ILE G 195 20.68 -55.20 18.04
N VAL G 196 21.78 -54.65 18.54
CA VAL G 196 22.55 -53.71 17.76
C VAL G 196 23.70 -54.36 17.03
N LEU G 197 23.78 -54.10 15.74
CA LEU G 197 24.94 -54.52 14.99
C LEU G 197 26.00 -53.50 15.12
N HIS G 198 27.21 -53.99 15.33
CA HIS G 198 28.41 -53.19 15.24
C HIS G 198 29.17 -53.85 14.13
N ARG G 199 29.04 -53.33 12.92
CA ARG G 199 29.61 -53.95 11.74
C ARG G 199 31.11 -54.07 12.01
N LEU G 200 31.73 -55.12 11.46
CA LEU G 200 33.14 -55.42 11.70
C LEU G 200 34.06 -54.44 11.01
N GLY G 201 35.14 -54.08 11.68
CA GLY G 201 36.22 -53.24 11.09
C GLY G 201 35.80 -51.78 10.88
N GLU G 202 34.71 -51.41 11.55
CA GLU G 202 34.08 -50.10 11.40
C GLU G 202 33.82 -49.47 12.76
N LYS G 203 33.96 -48.16 12.83
CA LYS G 203 33.80 -47.48 14.08
C LYS G 203 32.39 -47.67 14.65
N ILE G 204 32.29 -47.75 15.97
CA ILE G 204 31.01 -47.75 16.67
C ILE G 204 30.39 -46.35 16.73
N ILE G 205 29.13 -46.28 16.30
CA ILE G 205 28.39 -45.06 16.31
C ILE G 205 27.42 -45.04 17.52
N GLU G 206 26.64 -46.11 17.67
CA GLU G 206 25.57 -46.12 18.69
C GLU G 206 25.80 -47.21 19.72
N LYS G 207 25.75 -46.90 21.00
CA LYS G 207 25.92 -47.91 22.05
C LYS G 207 24.59 -48.05 22.76
N CYS G 208 24.34 -49.19 23.42
CA CYS G 208 23.10 -49.31 24.22
C CYS G 208 23.08 -48.24 25.33
N GLY G 209 21.93 -47.59 25.53
CA GLY G 209 21.81 -46.56 26.58
C GLY G 209 22.49 -45.23 26.31
N ALA G 210 22.92 -45.00 25.06
CA ALA G 210 23.34 -43.68 24.61
C ALA G 210 22.52 -43.24 23.37
N GLY G 211 22.46 -41.94 23.11
CA GLY G 211 21.76 -41.41 21.93
C GLY G 211 20.40 -42.06 21.68
N SER G 212 20.12 -42.38 20.41
CA SER G 212 18.82 -42.89 20.02
C SER G 212 18.40 -44.17 20.71
N LEU G 213 19.39 -44.92 21.16
CA LEU G 213 19.08 -46.14 21.85
C LEU G 213 18.46 -45.82 23.19
N LEU G 214 18.96 -44.78 23.87
CA LEU G 214 18.33 -44.28 25.06
C LEU G 214 16.96 -43.71 24.70
N ASP G 215 16.89 -42.88 23.67
CA ASP G 215 15.59 -42.38 23.30
C ASP G 215 14.62 -43.52 23.17
N LEU G 216 15.03 -44.60 22.49
CA LEU G 216 14.15 -45.74 22.23
C LEU G 216 13.73 -46.40 23.52
N GLU G 217 14.69 -46.54 24.43
CA GLU G 217 14.42 -47.14 25.70
C GLU G 217 13.24 -46.43 26.35
N LYS G 218 13.32 -45.10 26.43
CA LYS G 218 12.32 -44.30 27.14
C LYS G 218 10.96 -44.50 26.54
N LEU G 219 10.89 -44.50 25.20
CA LEU G 219 9.63 -44.70 24.52
C LEU G 219 9.11 -46.09 24.81
N VAL G 220 10.03 -47.03 24.96
CA VAL G 220 9.61 -48.39 25.22
C VAL G 220 9.06 -48.46 26.63
N LYS G 221 9.76 -47.82 27.54
CA LYS G 221 9.27 -47.81 28.93
C LYS G 221 7.97 -47.03 29.07
N ALA G 222 7.85 -45.97 28.28
CA ALA G 222 6.65 -45.11 28.27
C ALA G 222 5.44 -45.84 27.73
N LYS G 223 5.68 -46.82 26.86
CA LYS G 223 4.69 -47.71 26.32
C LYS G 223 4.27 -48.78 27.30
N HIS G 224 4.93 -48.80 28.46
CA HIS G 224 4.76 -49.83 29.47
C HIS G 224 5.29 -51.20 29.04
N PHE G 225 6.32 -51.20 28.20
CA PHE G 225 6.98 -52.46 27.84
C PHE G 225 8.23 -52.62 28.65
N ALA G 226 8.66 -53.86 28.91
CA ALA G 226 10.04 -54.07 29.41
C ALA G 226 11.03 -53.84 28.27
N PHE G 227 12.28 -53.61 28.62
CA PHE G 227 13.29 -53.28 27.63
C PHE G 227 14.57 -53.99 27.93
N ASP G 228 15.30 -54.40 26.89
CA ASP G 228 16.71 -54.80 27.01
C ASP G 228 17.43 -54.65 25.69
N CYS G 229 18.75 -54.81 25.70
CA CYS G 229 19.54 -54.37 24.56
C CYS G 229 20.84 -55.10 24.63
N VAL G 230 21.30 -55.65 23.50
CA VAL G 230 22.65 -56.26 23.36
C VAL G 230 23.36 -55.75 22.13
N GLU G 231 24.68 -55.72 22.19
CA GLU G 231 25.52 -55.37 21.07
C GLU G 231 26.28 -56.62 20.63
N ASN G 232 26.09 -57.03 19.37
CA ASN G 232 26.77 -58.20 18.82
C ASN G 232 26.72 -59.43 19.70
N PRO G 233 25.51 -59.90 20.07
CA PRO G 233 25.54 -61.19 20.76
C PRO G 233 26.32 -62.15 19.88
N ARG G 234 26.79 -63.21 20.54
CA ARG G 234 27.68 -64.19 19.94
C ARG G 234 27.11 -64.77 18.65
N ALA G 235 25.88 -65.26 18.72
CA ALA G 235 25.30 -65.94 17.59
C ALA G 235 25.36 -65.00 16.34
N VAL G 236 25.20 -63.71 16.58
CA VAL G 236 25.12 -62.73 15.50
C VAL G 236 26.50 -62.33 15.02
N LEU G 237 27.44 -62.26 15.94
CA LEU G 237 28.82 -62.08 15.56
C LEU G 237 29.31 -63.15 14.58
N PHE G 238 28.94 -64.39 14.79
CA PHE G 238 29.49 -65.42 13.94
C PHE G 238 28.86 -65.30 12.58
N LEU G 239 27.57 -65.01 12.54
CA LEU G 239 26.99 -64.65 11.26
C LEU G 239 27.85 -63.62 10.57
N LEU G 240 28.16 -62.52 11.27
CA LEU G 240 28.95 -61.44 10.69
C LEU G 240 30.28 -61.94 10.24
N CYS G 241 30.92 -62.72 11.12
CA CYS G 241 32.24 -63.27 10.88
C CYS G 241 32.30 -64.16 9.65
N SER G 242 31.24 -64.91 9.40
CA SER G 242 31.19 -65.79 8.23
C SER G 242 31.57 -64.99 6.98
N ASP G 243 31.05 -63.76 6.89
CA ASP G 243 31.23 -62.96 5.66
C ASP G 243 32.53 -62.19 5.61
N ASN G 244 33.16 -62.08 6.78
CA ASN G 244 34.42 -61.34 6.93
C ASN G 244 35.28 -62.05 7.98
N PRO G 245 35.82 -63.25 7.64
CA PRO G 245 36.53 -64.06 8.65
C PRO G 245 37.87 -63.49 9.13
N ASN G 246 38.64 -62.82 8.27
CA ASN G 246 39.96 -62.27 8.68
C ASN G 246 39.86 -61.04 9.59
N ALA G 247 38.63 -60.69 9.98
CA ALA G 247 38.39 -59.53 10.84
C ALA G 247 38.86 -59.77 12.26
N ARG G 248 39.43 -58.74 12.87
CA ARG G 248 39.90 -58.73 14.27
C ARG G 248 38.93 -59.27 15.31
N GLU G 249 37.64 -58.93 15.20
CA GLU G 249 36.69 -59.37 16.21
C GLU G 249 36.39 -60.85 16.08
N CYS G 250 36.80 -61.46 14.97
CA CYS G 250 36.59 -62.88 14.80
C CYS G 250 37.78 -63.80 15.23
N ARG G 251 38.86 -63.27 15.82
CA ARG G 251 40.07 -64.11 16.09
C ARG G 251 39.74 -65.34 16.92
N LEU G 252 40.11 -66.52 16.43
CA LEU G 252 39.94 -67.71 17.25
C LEU G 252 41.16 -67.88 18.16
N ALA G 253 41.51 -69.13 18.46
CA ALA G 253 42.66 -69.45 19.31
C ALA G 253 43.32 -70.74 18.83
N ILE H 3 3.86 -92.34 2.85
CA ILE H 3 4.06 -90.85 2.86
C ILE H 3 2.93 -90.06 2.09
N VAL H 4 2.43 -88.96 2.69
CA VAL H 4 1.34 -88.13 2.12
C VAL H 4 1.87 -87.23 0.99
N PRO H 5 1.25 -87.26 -0.20
CA PRO H 5 1.85 -86.47 -1.28
C PRO H 5 1.43 -85.00 -1.20
N THR H 6 2.21 -84.12 -1.80
CA THR H 6 1.87 -82.71 -1.90
C THR H 6 0.46 -82.53 -2.53
N ARG H 7 -0.38 -81.65 -1.94
CA ARG H 7 -1.66 -81.27 -2.53
C ARG H 7 -1.46 -80.29 -3.69
N GLU H 8 -2.45 -80.23 -4.58
CA GLU H 8 -2.51 -79.37 -5.78
C GLU H 8 -1.16 -79.15 -6.48
N LEU H 9 -0.61 -80.24 -6.99
CA LEU H 9 0.75 -80.26 -7.52
C LEU H 9 0.90 -79.47 -8.81
N GLU H 10 -0.07 -79.59 -9.71
CA GLU H 10 -0.04 -78.70 -10.85
C GLU H 10 0.02 -77.24 -10.40
N ASN H 11 -0.90 -76.84 -9.52
CA ASN H 11 -0.94 -75.49 -9.03
C ASN H 11 0.34 -75.09 -8.35
N VAL H 12 0.94 -76.02 -7.60
CA VAL H 12 2.12 -75.66 -6.83
C VAL H 12 3.29 -75.50 -7.77
N PHE H 13 3.34 -76.43 -8.71
CA PHE H 13 4.42 -76.51 -9.65
C PHE H 13 4.41 -75.32 -10.59
N LEU H 14 3.22 -74.91 -11.03
CA LEU H 14 3.10 -73.79 -11.97
C LEU H 14 3.39 -72.47 -11.25
N GLY H 15 2.80 -72.34 -10.05
CA GLY H 15 2.99 -71.18 -9.22
C GLY H 15 4.50 -71.00 -9.08
N ARG H 16 5.15 -72.09 -8.68
CA ARG H 16 6.56 -72.01 -8.43
C ARG H 16 7.23 -71.60 -9.71
N CYS H 17 6.79 -72.23 -10.80
CA CYS H 17 7.49 -72.05 -12.03
C CYS H 17 7.49 -70.59 -12.39
N LYS H 18 6.34 -69.95 -12.17
CA LYS H 18 6.14 -68.60 -12.63
C LYS H 18 6.85 -67.57 -11.73
N ASP H 19 6.93 -67.85 -10.45
CA ASP H 19 7.56 -66.94 -9.53
C ASP H 19 9.04 -66.93 -9.82
N TYR H 20 9.55 -68.12 -10.04
CA TYR H 20 10.95 -68.27 -10.41
C TYR H 20 11.15 -67.49 -11.70
N GLU H 21 10.27 -67.79 -12.66
CA GLU H 21 10.41 -67.25 -13.99
C GLU H 21 10.61 -65.77 -13.91
N ILE H 22 9.64 -65.09 -13.30
CA ILE H 22 9.64 -63.63 -13.27
C ILE H 22 10.56 -63.00 -12.22
N THR H 23 10.79 -63.63 -11.07
CA THR H 23 11.38 -62.85 -9.92
C THR H 23 12.69 -63.38 -9.33
N ARG H 24 12.95 -64.67 -9.58
CA ARG H 24 13.98 -65.38 -8.83
C ARG H 24 15.30 -65.56 -9.58
N TYR H 25 16.40 -65.25 -8.90
CA TYR H 25 17.76 -65.48 -9.39
C TYR H 25 18.00 -64.82 -10.74
N LEU H 26 17.61 -63.55 -10.84
CA LEU H 26 17.56 -62.87 -12.14
C LEU H 26 18.94 -62.55 -12.78
N ASP H 27 19.95 -62.26 -11.97
CA ASP H 27 21.27 -61.96 -12.55
C ASP H 27 22.25 -63.02 -12.19
N ILE H 28 21.71 -64.13 -11.66
CA ILE H 28 22.48 -65.24 -11.13
C ILE H 28 22.32 -66.49 -12.00
N LEU H 29 21.07 -66.82 -12.35
CA LEU H 29 20.76 -67.92 -13.27
C LEU H 29 19.81 -67.44 -14.40
N PRO H 30 20.12 -67.79 -15.67
CA PRO H 30 19.28 -67.28 -16.75
C PRO H 30 17.97 -68.06 -16.88
N ARG H 31 17.11 -67.64 -17.80
CA ARG H 31 15.76 -68.19 -17.92
C ARG H 31 15.71 -69.31 -18.99
N VAL H 32 14.69 -70.17 -18.94
CA VAL H 32 14.50 -71.19 -19.98
C VAL H 32 13.54 -70.73 -21.09
N ARG H 33 13.76 -71.22 -22.30
CA ARG H 33 12.87 -70.92 -23.41
C ARG H 33 11.48 -71.42 -23.04
N SER H 34 11.37 -72.67 -22.60
CA SER H 34 10.04 -73.28 -22.38
C SER H 34 9.19 -72.42 -21.50
N ASP H 35 7.89 -72.56 -21.64
CA ASP H 35 6.96 -71.89 -20.77
C ASP H 35 6.51 -72.93 -19.76
N CYS H 36 6.13 -72.42 -18.58
CA CYS H 36 5.68 -73.24 -17.48
C CYS H 36 4.63 -74.33 -17.85
N SER H 37 3.80 -74.08 -18.84
CA SER H 37 2.81 -75.08 -19.31
C SER H 37 3.56 -76.24 -19.91
N ALA H 38 4.65 -75.92 -20.62
CA ALA H 38 5.38 -76.92 -21.38
C ALA H 38 6.19 -77.77 -20.42
N LEU H 39 6.64 -77.16 -19.33
CA LEU H 39 7.42 -77.87 -18.35
C LEU H 39 6.50 -78.77 -17.58
N TRP H 40 5.32 -78.27 -17.25
CA TRP H 40 4.29 -79.15 -16.73
C TRP H 40 4.02 -80.37 -17.63
N LYS H 41 3.85 -80.20 -18.95
CA LYS H 41 3.60 -81.39 -19.81
C LYS H 41 4.71 -82.47 -19.77
N ASP H 42 5.98 -82.02 -19.80
CA ASP H 42 7.17 -82.90 -19.84
C ASP H 42 7.33 -83.64 -18.50
N PHE H 43 6.95 -82.94 -17.46
CA PHE H 43 6.96 -83.45 -16.12
C PHE H 43 5.84 -84.45 -15.90
N PHE H 44 4.59 -84.05 -16.07
CA PHE H 44 3.51 -84.95 -15.69
C PHE H 44 3.60 -86.30 -16.39
N LYS H 45 4.09 -86.31 -17.63
CA LYS H 45 4.12 -87.51 -18.47
C LYS H 45 5.15 -88.54 -18.01
N ALA H 46 6.07 -88.12 -17.14
CA ALA H 46 7.19 -88.95 -16.72
C ALA H 46 6.78 -90.02 -15.73
N PHE H 47 5.77 -89.70 -14.93
CA PHE H 47 5.26 -90.62 -13.91
C PHE H 47 3.76 -90.94 -14.02
N SER H 48 3.04 -90.22 -14.86
CA SER H 48 1.58 -90.33 -14.93
C SER H 48 1.03 -91.64 -15.51
N PHE H 49 -0.13 -92.04 -15.00
CA PHE H 49 -0.86 -93.22 -15.44
C PHE H 49 0.04 -94.45 -15.45
N LYS H 50 0.97 -94.53 -14.49
CA LYS H 50 1.94 -95.64 -14.38
C LYS H 50 2.09 -96.08 -12.91
N ASN H 51 2.35 -97.36 -12.68
CA ASN H 51 2.65 -97.82 -11.33
C ASN H 51 3.74 -96.98 -10.70
N PRO H 52 3.50 -96.49 -9.45
CA PRO H 52 4.42 -95.50 -8.84
C PRO H 52 5.88 -95.91 -8.89
N CYS H 53 6.13 -97.22 -8.87
CA CYS H 53 7.51 -97.78 -8.92
C CYS H 53 7.94 -98.23 -10.32
N ASP H 54 7.37 -97.55 -11.33
CA ASP H 54 7.57 -97.81 -12.74
C ASP H 54 8.31 -96.61 -13.33
N LEU H 55 9.55 -96.41 -12.89
CA LEU H 55 10.36 -95.27 -13.31
C LEU H 55 11.80 -95.69 -13.46
N ASP H 56 12.51 -95.16 -14.44
CA ASP H 56 13.95 -95.36 -14.48
C ASP H 56 14.63 -94.03 -14.64
N LEU H 57 15.96 -94.03 -14.61
CA LEU H 57 16.74 -92.83 -14.86
C LEU H 57 16.30 -92.05 -16.12
N GLY H 58 15.47 -92.69 -16.95
CA GLY H 58 15.08 -92.12 -18.24
C GLY H 58 13.75 -91.38 -18.31
N SER H 59 12.88 -91.60 -17.34
CA SER H 59 11.50 -91.09 -17.40
C SER H 59 11.44 -89.56 -17.44
N TYR H 60 12.21 -88.88 -16.60
CA TYR H 60 12.15 -87.44 -16.55
C TYR H 60 13.20 -86.82 -17.47
N LYS H 61 13.67 -87.57 -18.46
CA LYS H 61 14.79 -87.11 -19.30
C LYS H 61 14.48 -85.80 -20.02
N ASP H 62 13.29 -85.73 -20.60
CA ASP H 62 12.90 -84.60 -21.42
C ASP H 62 12.63 -83.39 -20.56
N PHE H 63 11.82 -83.56 -19.52
CA PHE H 63 11.64 -82.48 -18.57
C PHE H 63 13.00 -81.85 -18.22
N PHE H 64 13.99 -82.68 -17.89
CA PHE H 64 15.33 -82.17 -17.57
C PHE H 64 16.08 -81.56 -18.76
N THR H 65 15.98 -82.20 -19.92
CA THR H 65 16.42 -81.60 -21.19
C THR H 65 15.91 -80.15 -21.33
N SER H 66 14.66 -79.94 -20.90
CA SER H 66 13.91 -78.70 -21.06
C SER H 66 14.10 -77.67 -19.93
N ALA H 67 14.10 -78.15 -18.69
CA ALA H 67 14.20 -77.29 -17.52
C ALA H 67 15.62 -76.80 -17.35
N GLN H 68 16.51 -77.23 -18.24
CA GLN H 68 17.95 -77.07 -18.02
C GLN H 68 18.52 -75.75 -18.45
N GLN H 69 19.05 -75.06 -17.45
CA GLN H 69 19.62 -73.77 -17.59
C GLN H 69 21.11 -73.92 -17.65
N GLN H 70 21.76 -73.07 -18.45
CA GLN H 70 23.21 -72.91 -18.39
C GLN H 70 23.65 -72.48 -16.98
N LEU H 71 24.62 -73.18 -16.42
CA LEU H 71 25.09 -72.88 -15.07
C LEU H 71 26.34 -72.04 -15.14
N PRO H 72 26.51 -71.12 -14.16
CA PRO H 72 27.73 -70.27 -14.20
C PRO H 72 29.04 -71.04 -13.95
N LYS H 73 30.16 -70.43 -14.36
CA LYS H 73 31.45 -71.06 -14.24
C LYS H 73 31.95 -70.89 -12.81
N ASN H 74 32.49 -71.96 -12.22
CA ASN H 74 33.22 -71.90 -10.94
C ASN H 74 32.37 -71.74 -9.70
N LYS H 75 31.04 -71.82 -9.81
CA LYS H 75 30.18 -71.57 -8.66
C LYS H 75 29.11 -72.65 -8.44
N VAL H 76 29.33 -73.80 -9.06
CA VAL H 76 28.42 -74.93 -8.94
C VAL H 76 28.80 -75.79 -7.74
N MET H 77 27.81 -76.15 -6.95
CA MET H 77 28.05 -76.86 -5.70
C MET H 77 27.24 -78.12 -5.57
N PHE H 78 27.88 -79.21 -5.16
CA PHE H 78 27.21 -80.45 -4.82
C PHE H 78 27.39 -80.60 -3.35
N TRP H 79 26.55 -81.41 -2.70
CA TRP H 79 26.65 -81.67 -1.26
C TRP H 79 26.18 -83.10 -0.92
N SER H 80 26.58 -83.64 0.23
CA SER H 80 26.03 -84.87 0.73
C SER H 80 25.99 -84.83 2.25
N GLY H 81 24.85 -85.15 2.85
CA GLY H 81 24.75 -85.22 4.29
C GLY H 81 24.72 -83.90 5.04
N VAL H 82 24.87 -82.79 4.32
CA VAL H 82 25.04 -81.47 4.94
C VAL H 82 24.08 -80.44 4.34
N TYR H 83 22.82 -80.85 4.14
CA TYR H 83 21.83 -80.00 3.43
C TYR H 83 21.84 -78.53 3.87
N ASP H 84 21.62 -78.34 5.18
CA ASP H 84 21.43 -77.03 5.79
C ASP H 84 22.70 -76.20 5.68
N GLU H 85 23.82 -76.76 6.09
CA GLU H 85 25.08 -76.03 6.14
C GLU H 85 25.55 -75.70 4.72
N ALA H 86 25.36 -76.62 3.80
CA ALA H 86 25.59 -76.34 2.40
C ALA H 86 24.75 -75.17 1.86
N HIS H 87 23.48 -75.10 2.24
CA HIS H 87 22.59 -74.05 1.74
C HIS H 87 22.74 -72.72 2.41
N ASP H 88 23.09 -72.74 3.70
CA ASP H 88 23.41 -71.55 4.42
C ASP H 88 24.71 -71.00 3.79
N TYR H 89 25.68 -71.88 3.54
CA TYR H 89 26.92 -71.43 2.96
C TYR H 89 26.76 -70.94 1.50
N ALA H 90 26.01 -71.67 0.68
CA ALA H 90 25.74 -71.22 -0.70
C ALA H 90 25.02 -69.87 -0.78
N ASN H 91 24.24 -69.57 0.27
CA ASN H 91 23.52 -68.32 0.41
C ASN H 91 22.71 -67.97 -0.84
N THR H 92 21.73 -68.83 -1.13
CA THR H 92 20.80 -68.63 -2.22
C THR H 92 21.54 -68.03 -3.42
N GLY H 93 22.47 -68.78 -4.00
CA GLY H 93 23.12 -68.34 -5.22
C GLY H 93 24.19 -67.28 -5.15
N ARG H 94 24.26 -66.51 -4.07
CA ARG H 94 25.21 -65.39 -4.13
C ARG H 94 26.67 -65.81 -3.95
N LYS H 95 26.89 -66.91 -3.22
CA LYS H 95 28.22 -67.47 -3.09
C LYS H 95 28.34 -68.72 -3.99
N TYR H 96 27.35 -69.61 -3.90
CA TYR H 96 27.40 -70.82 -4.73
C TYR H 96 26.02 -71.20 -5.17
N ILE H 97 25.92 -71.96 -6.27
CA ILE H 97 24.65 -72.43 -6.83
C ILE H 97 24.44 -73.83 -6.32
N THR H 98 23.26 -74.18 -5.82
CA THR H 98 23.00 -75.60 -5.57
C THR H 98 21.96 -76.07 -6.57
N LEU H 99 21.71 -77.37 -6.61
CA LEU H 99 20.67 -77.90 -7.45
C LEU H 99 19.33 -77.22 -7.13
N GLU H 100 19.09 -76.98 -5.84
CA GLU H 100 17.83 -76.41 -5.33
C GLU H 100 17.62 -74.98 -5.81
N ASP H 101 18.70 -74.28 -6.13
CA ASP H 101 18.61 -72.93 -6.66
C ASP H 101 18.24 -72.89 -8.14
N THR H 102 18.23 -74.06 -8.80
CA THR H 102 17.92 -74.09 -10.23
C THR H 102 16.46 -74.35 -10.42
N LEU H 103 16.00 -74.09 -11.63
CA LEU H 103 14.57 -74.02 -11.87
C LEU H 103 13.85 -75.32 -11.47
N PRO H 104 14.26 -76.49 -12.03
CA PRO H 104 13.68 -77.81 -11.62
C PRO H 104 13.87 -78.10 -10.13
N GLY H 105 15.01 -77.71 -9.59
CA GLY H 105 15.29 -78.03 -8.19
C GLY H 105 14.28 -77.29 -7.34
N TYR H 106 14.21 -75.99 -7.58
CA TYR H 106 13.31 -75.08 -6.90
C TYR H 106 11.86 -75.52 -6.99
N MET H 107 11.46 -75.94 -8.17
CA MET H 107 10.08 -76.31 -8.38
C MET H 107 9.66 -77.52 -7.56
N LEU H 108 10.51 -78.54 -7.50
CA LEU H 108 10.13 -79.77 -6.83
C LEU H 108 10.68 -79.97 -5.44
N ASN H 109 11.60 -79.10 -5.05
CA ASN H 109 12.22 -79.25 -3.77
C ASN H 109 11.09 -79.44 -2.74
N SER H 110 11.16 -80.52 -1.98
CA SER H 110 10.20 -80.81 -0.91
C SER H 110 8.90 -81.47 -1.36
N LEU H 111 8.69 -81.55 -2.66
CA LEU H 111 7.39 -82.00 -3.07
C LEU H 111 7.34 -83.52 -3.07
N VAL H 112 6.15 -84.06 -2.83
CA VAL H 112 5.96 -85.50 -2.91
C VAL H 112 4.84 -85.74 -3.87
N TRP H 113 5.09 -86.63 -4.82
CA TRP H 113 4.11 -87.03 -5.84
C TRP H 113 4.36 -88.45 -6.33
N CYS H 114 3.41 -88.96 -7.10
CA CYS H 114 3.49 -90.31 -7.70
C CYS H 114 2.27 -90.59 -8.55
N GLY H 115 2.50 -91.25 -9.69
CA GLY H 115 1.42 -91.70 -10.54
C GLY H 115 0.70 -92.88 -9.92
N GLN H 116 -0.52 -93.11 -10.38
CA GLN H 116 -1.22 -94.38 -10.25
C GLN H 116 -1.69 -94.62 -11.68
N ARG H 117 -2.24 -95.79 -11.99
CA ARG H 117 -2.70 -96.02 -13.36
C ARG H 117 -4.14 -95.59 -13.58
N ALA H 118 -4.99 -95.71 -12.57
CA ALA H 118 -6.37 -95.26 -12.69
C ALA H 118 -6.41 -93.74 -12.74
N ASN H 119 -7.50 -93.18 -13.26
CA ASN H 119 -7.69 -91.73 -13.30
C ASN H 119 -7.48 -91.12 -11.89
N PRO H 120 -6.88 -89.91 -11.77
CA PRO H 120 -6.46 -88.92 -12.78
C PRO H 120 -5.05 -89.12 -13.36
N GLY H 121 -4.40 -90.24 -13.05
CA GLY H 121 -3.04 -90.44 -13.50
C GLY H 121 -2.06 -90.29 -12.37
N PHE H 122 -2.55 -89.87 -11.20
CA PHE H 122 -1.72 -89.77 -10.00
C PHE H 122 -2.50 -89.97 -8.72
N ASN H 123 -1.79 -90.36 -7.65
CA ASN H 123 -2.38 -90.58 -6.32
C ASN H 123 -2.32 -89.33 -5.42
N GLU H 124 -3.48 -88.96 -4.86
CA GLU H 124 -3.64 -87.75 -4.02
C GLU H 124 -3.76 -88.08 -2.51
N LYS H 125 -3.73 -89.37 -2.17
CA LYS H 125 -3.97 -89.79 -0.78
C LYS H 125 -2.75 -90.45 -0.13
N VAL H 126 -2.28 -91.53 -0.74
CA VAL H 126 -1.12 -92.25 -0.23
C VAL H 126 -0.11 -92.39 -1.36
N CYS H 127 1.13 -92.63 -1.01
CA CYS H 127 2.22 -92.57 -1.95
C CYS H 127 3.37 -93.30 -1.22
N PRO H 128 4.09 -94.21 -1.92
CA PRO H 128 4.80 -95.30 -1.23
C PRO H 128 6.02 -94.85 -0.44
N ASP H 129 6.38 -95.63 0.60
CA ASP H 129 7.51 -95.32 1.51
C ASP H 129 8.85 -95.12 0.77
N PHE H 130 8.89 -95.63 -0.47
CA PHE H 130 9.94 -95.41 -1.49
C PHE H 130 11.01 -96.50 -1.47
N LYS H 131 11.62 -96.70 -0.30
CA LYS H 131 12.44 -97.88 -0.04
C LYS H 131 11.67 -99.16 -0.46
N THR H 132 10.42 -98.97 -0.85
CA THR H 132 9.60 -100.03 -1.45
C THR H 132 9.86 -100.19 -2.97
N CYS H 133 10.14 -99.09 -3.66
CA CYS H 133 10.47 -99.12 -5.09
C CYS H 133 11.91 -99.59 -5.29
N PRO H 134 12.21 -100.16 -6.47
CA PRO H 134 13.60 -100.40 -6.81
C PRO H 134 14.39 -99.09 -6.73
N VAL H 135 15.71 -99.17 -6.70
CA VAL H 135 16.54 -97.99 -6.51
C VAL H 135 16.48 -97.04 -7.71
N GLN H 136 16.35 -97.57 -8.92
CA GLN H 136 16.39 -96.70 -10.07
C GLN H 136 15.05 -95.94 -10.30
N ALA H 137 13.98 -96.47 -9.68
CA ALA H 137 12.69 -95.79 -9.59
C ALA H 137 12.72 -94.84 -8.40
N ARG H 138 13.45 -95.20 -7.36
CA ARG H 138 13.51 -94.36 -6.19
C ARG H 138 14.28 -93.08 -6.53
N GLU H 139 15.22 -93.21 -7.44
CA GLU H 139 16.15 -92.15 -7.78
C GLU H 139 15.95 -91.63 -9.21
N SER H 140 14.77 -91.84 -9.78
CA SER H 140 14.45 -91.38 -11.16
C SER H 140 14.50 -89.88 -11.37
N PHE H 141 13.78 -89.18 -10.50
CA PHE H 141 13.74 -87.75 -10.55
C PHE H 141 15.05 -87.10 -10.16
N TRP H 142 15.39 -87.22 -8.88
CA TRP H 142 16.53 -86.50 -8.30
C TRP H 142 17.91 -86.94 -8.81
N GLY H 143 18.05 -88.23 -9.15
CA GLY H 143 19.21 -88.70 -9.89
C GLY H 143 19.35 -88.14 -11.29
N MET H 144 18.23 -87.94 -11.98
CA MET H 144 18.28 -87.37 -13.32
C MET H 144 18.46 -85.85 -13.23
N ALA H 145 17.85 -85.26 -12.21
CA ALA H 145 18.11 -83.87 -11.86
C ALA H 145 19.62 -83.69 -11.72
N SER H 146 20.21 -84.55 -10.88
CA SER H 146 21.65 -84.50 -10.62
C SER H 146 22.52 -84.71 -11.85
N SER H 147 22.23 -85.76 -12.62
CA SER H 147 22.92 -85.99 -13.88
C SER H 147 22.95 -84.69 -14.65
N SER H 148 21.77 -84.12 -14.88
CA SER H 148 21.65 -82.99 -15.77
C SER H 148 22.46 -81.84 -15.20
N TYR H 149 22.29 -81.60 -13.90
CA TYR H 149 22.85 -80.44 -13.25
C TYR H 149 24.36 -80.52 -13.42
N ALA H 150 24.92 -81.66 -13.05
CA ALA H 150 26.37 -81.84 -13.14
C ALA H 150 26.88 -81.77 -14.57
N HIS H 151 26.13 -82.36 -15.49
CA HIS H 151 26.51 -82.34 -16.89
C HIS H 151 26.89 -80.89 -17.21
N SER H 152 25.97 -79.97 -16.91
CA SER H 152 26.09 -78.57 -17.33
C SER H 152 27.11 -77.71 -16.58
N ALA H 153 27.81 -78.30 -15.61
CA ALA H 153 28.80 -77.55 -14.85
C ALA H 153 30.04 -77.24 -15.69
N GLU H 154 30.79 -76.20 -15.27
CA GLU H 154 32.00 -75.68 -15.93
C GLU H 154 33.03 -75.05 -14.92
N GLY H 155 34.33 -75.11 -15.25
CA GLY H 155 35.38 -74.55 -14.37
C GLY H 155 35.57 -75.36 -13.09
N GLU H 156 35.85 -74.70 -11.96
CA GLU H 156 35.91 -75.37 -10.65
C GLU H 156 34.49 -75.72 -10.17
N VAL H 157 34.34 -76.90 -9.59
CA VAL H 157 33.10 -77.23 -8.89
C VAL H 157 33.42 -77.41 -7.40
N THR H 158 32.40 -77.52 -6.56
CA THR H 158 32.59 -77.58 -5.10
C THR H 158 31.65 -78.62 -4.49
N TYR H 159 32.23 -79.43 -3.59
CA TYR H 159 31.53 -80.55 -3.01
C TYR H 159 31.65 -80.53 -1.50
N MET H 160 30.52 -80.30 -0.82
CA MET H 160 30.49 -80.33 0.65
C MET H 160 29.94 -81.65 1.16
N VAL H 161 30.61 -82.17 2.18
CA VAL H 161 30.41 -83.52 2.67
C VAL H 161 30.49 -83.49 4.18
N ASP H 162 29.93 -84.51 4.76
CA ASP H 162 29.78 -84.64 6.21
C ASP H 162 31.00 -85.43 6.63
N GLY H 163 31.81 -84.87 7.51
CA GLY H 163 32.99 -85.61 7.91
C GLY H 163 32.91 -86.17 9.29
N SER H 164 31.73 -86.07 9.89
CA SER H 164 31.51 -86.46 11.26
C SER H 164 30.40 -87.53 11.38
N ASN H 165 30.22 -88.33 10.34
CA ASN H 165 29.13 -89.27 10.37
C ASN H 165 29.60 -90.71 10.31
N PRO H 166 29.55 -91.41 11.47
CA PRO H 166 30.15 -92.76 11.59
C PRO H 166 29.41 -93.86 10.83
N LYS H 167 28.28 -93.53 10.19
CA LYS H 167 27.48 -94.52 9.45
C LYS H 167 27.56 -94.32 7.95
N VAL H 168 28.07 -93.18 7.57
CA VAL H 168 27.99 -92.76 6.19
C VAL H 168 29.35 -92.17 5.93
N PRO H 169 30.14 -92.83 5.08
CA PRO H 169 31.44 -92.18 4.76
C PRO H 169 31.18 -90.86 4.03
N ALA H 170 32.17 -89.97 4.03
CA ALA H 170 32.05 -88.63 3.42
C ALA H 170 31.77 -88.72 1.95
N TYR H 171 32.50 -89.62 1.30
CA TYR H 171 32.30 -89.88 -0.10
C TYR H 171 31.82 -91.31 -0.16
N ARG H 172 31.03 -91.65 -1.16
CA ARG H 172 30.48 -92.99 -1.30
C ARG H 172 30.09 -93.16 -2.77
N PRO H 173 30.37 -94.33 -3.37
CA PRO H 173 30.01 -94.35 -4.79
C PRO H 173 28.52 -94.62 -5.02
N ASP H 174 27.76 -94.86 -3.96
CA ASP H 174 26.29 -95.02 -4.09
C ASP H 174 25.47 -93.81 -3.57
N SER H 175 26.16 -92.70 -3.32
CA SER H 175 25.50 -91.41 -3.11
C SER H 175 24.99 -90.88 -4.44
N PHE H 176 24.18 -89.81 -4.36
CA PHE H 176 23.79 -89.10 -5.56
C PHE H 176 25.02 -88.45 -6.14
N PHE H 177 25.96 -88.04 -5.29
CA PHE H 177 27.17 -87.48 -5.86
C PHE H 177 27.91 -88.53 -6.67
N GLY H 178 28.02 -89.75 -6.15
CA GLY H 178 28.81 -90.81 -6.75
C GLY H 178 28.20 -91.56 -7.93
N LYS H 179 26.88 -91.78 -7.87
CA LYS H 179 26.17 -92.45 -8.97
C LYS H 179 25.88 -91.52 -10.14
N TYR H 180 25.65 -90.24 -9.86
CA TYR H 180 24.99 -89.36 -10.82
C TYR H 180 25.71 -88.06 -11.11
N GLU H 181 26.35 -87.49 -10.09
CA GLU H 181 26.99 -86.21 -10.29
C GLU H 181 28.39 -86.40 -10.84
N LEU H 182 29.32 -86.87 -9.99
CA LEU H 182 30.74 -87.08 -10.40
C LEU H 182 30.96 -87.74 -11.77
N PRO H 183 30.22 -88.83 -12.10
CA PRO H 183 30.42 -89.44 -13.44
C PRO H 183 30.11 -88.52 -14.64
N ASN H 184 29.43 -87.39 -14.40
CA ASN H 184 28.91 -86.56 -15.48
C ASN H 184 29.62 -85.25 -15.69
N LEU H 185 30.62 -85.00 -14.83
CA LEU H 185 31.46 -83.82 -14.95
C LEU H 185 32.32 -83.95 -16.22
N THR H 186 32.21 -82.95 -17.09
CA THR H 186 32.82 -82.92 -18.41
C THR H 186 34.21 -82.30 -18.36
N ASN H 187 35.04 -82.51 -19.39
CA ASN H 187 36.33 -81.81 -19.46
C ASN H 187 36.24 -80.27 -19.29
N LYS H 188 35.03 -79.72 -19.43
CA LYS H 188 34.82 -78.27 -19.26
C LYS H 188 34.86 -77.90 -17.78
N VAL H 189 34.75 -78.91 -16.93
CA VAL H 189 35.01 -78.82 -15.50
C VAL H 189 36.52 -79.00 -15.31
N THR H 190 37.15 -78.27 -14.39
CA THR H 190 38.64 -78.27 -14.27
C THR H 190 39.25 -78.69 -12.94
N ARG H 191 38.53 -78.44 -11.84
CA ARG H 191 38.94 -78.81 -10.47
C ARG H 191 37.72 -79.18 -9.65
N VAL H 192 37.90 -80.04 -8.64
CA VAL H 192 36.85 -80.36 -7.65
C VAL H 192 37.43 -79.90 -6.31
N LYS H 193 36.68 -79.12 -5.53
CA LYS H 193 37.15 -78.71 -4.20
C LYS H 193 36.22 -79.26 -3.16
N VAL H 194 36.78 -80.03 -2.25
CA VAL H 194 35.98 -80.64 -1.22
C VAL H 194 36.01 -79.76 0.00
N ILE H 195 34.84 -79.56 0.61
CA ILE H 195 34.80 -78.98 1.92
C ILE H 195 34.30 -80.09 2.86
N VAL H 196 35.09 -80.40 3.88
CA VAL H 196 34.67 -81.40 4.85
C VAL H 196 34.11 -80.72 6.07
N LEU H 197 32.84 -81.00 6.34
CA LEU H 197 32.21 -80.44 7.51
C LEU H 197 32.54 -81.28 8.74
N HIS H 198 32.95 -80.60 9.81
CA HIS H 198 33.11 -81.26 11.08
C HIS H 198 32.16 -80.70 12.14
N ARG H 199 31.08 -81.43 12.39
CA ARG H 199 30.05 -80.99 13.31
C ARG H 199 30.63 -80.70 14.69
N LEU H 200 30.27 -79.56 15.28
CA LEU H 200 30.90 -79.11 16.52
C LEU H 200 30.62 -80.01 17.70
N GLY H 201 31.64 -80.30 18.47
CA GLY H 201 31.48 -81.16 19.62
C GLY H 201 31.34 -82.62 19.24
N GLU H 202 31.19 -82.89 17.94
CA GLU H 202 31.09 -84.25 17.45
C GLU H 202 32.50 -84.73 17.05
N LYS H 203 32.68 -86.05 17.09
CA LYS H 203 33.98 -86.65 16.85
C LYS H 203 34.25 -86.67 15.37
N ILE H 204 35.48 -86.32 14.99
CA ILE H 204 35.89 -86.30 13.57
C ILE H 204 35.91 -87.74 13.05
N ILE H 205 35.40 -87.95 11.85
CA ILE H 205 35.31 -89.29 11.30
C ILE H 205 36.16 -89.40 10.04
N GLU H 206 36.09 -88.44 9.15
CA GLU H 206 36.83 -88.53 7.90
C GLU H 206 37.72 -87.30 7.76
N LYS H 207 38.80 -87.41 7.00
CA LYS H 207 39.78 -86.34 6.93
C LYS H 207 40.35 -86.23 5.54
N CYS H 208 40.88 -85.06 5.19
CA CYS H 208 41.34 -84.90 3.83
C CYS H 208 42.53 -85.81 3.66
N GLY H 209 42.66 -86.31 2.44
CA GLY H 209 43.75 -87.19 2.06
C GLY H 209 43.55 -88.62 2.48
N ALA H 210 42.44 -88.91 3.15
CA ALA H 210 42.25 -90.24 3.75
C ALA H 210 40.89 -90.93 3.53
N GLY H 211 40.88 -92.24 3.78
CA GLY H 211 39.74 -93.12 3.52
C GLY H 211 38.96 -92.78 2.25
N SER H 212 37.71 -92.37 2.43
CA SER H 212 36.84 -92.21 1.29
C SER H 212 37.24 -90.93 0.58
N LEU H 213 37.71 -89.97 1.37
CA LEU H 213 38.20 -88.74 0.80
C LEU H 213 39.49 -89.04 -0.03
N LEU H 214 40.30 -90.01 0.40
CA LEU H 214 41.37 -90.47 -0.47
C LEU H 214 40.83 -91.19 -1.70
N ASP H 215 39.91 -92.13 -1.49
CA ASP H 215 39.30 -92.86 -2.61
C ASP H 215 38.82 -91.88 -3.68
N LEU H 216 38.18 -90.82 -3.22
CA LEU H 216 37.59 -89.85 -4.11
C LEU H 216 38.69 -88.97 -4.72
N GLU H 217 39.64 -88.55 -3.89
CA GLU H 217 40.79 -87.77 -4.33
C GLU H 217 41.49 -88.42 -5.54
N LYS H 218 41.53 -89.75 -5.55
CA LYS H 218 42.11 -90.48 -6.67
C LYS H 218 41.15 -90.55 -7.87
N LEU H 219 39.86 -90.75 -7.58
CA LEU H 219 38.86 -90.95 -8.63
C LEU H 219 38.80 -89.68 -9.46
N VAL H 220 38.94 -88.53 -8.79
CA VAL H 220 39.08 -87.19 -9.38
C VAL H 220 40.28 -87.01 -10.33
N LYS H 221 41.48 -87.26 -9.83
CA LYS H 221 42.71 -87.09 -10.64
C LYS H 221 42.72 -87.99 -11.85
N ALA H 222 41.94 -89.08 -11.78
CA ALA H 222 41.86 -90.06 -12.87
C ALA H 222 41.00 -89.56 -14.04
N LYS H 223 40.04 -88.69 -13.72
CA LYS H 223 39.21 -88.02 -14.74
C LYS H 223 39.86 -86.71 -15.17
N HIS H 224 41.07 -86.48 -14.68
CA HIS H 224 41.99 -85.44 -15.14
C HIS H 224 41.79 -84.09 -14.45
N PHE H 225 40.91 -84.07 -13.46
CA PHE H 225 40.64 -82.82 -12.74
C PHE H 225 41.65 -82.56 -11.63
N ALA H 226 41.97 -81.28 -11.43
CA ALA H 226 42.72 -80.86 -10.26
C ALA H 226 41.84 -81.04 -9.03
N PHE H 227 42.45 -81.38 -7.92
CA PHE H 227 41.70 -81.67 -6.73
C PHE H 227 42.25 -80.86 -5.59
N ASP H 228 41.38 -80.55 -4.61
CA ASP H 228 41.80 -80.14 -3.25
C ASP H 228 40.67 -80.14 -2.20
N CYS H 229 41.02 -79.86 -0.95
CA CYS H 229 40.19 -80.32 0.15
C CYS H 229 40.59 -79.67 1.46
N VAL H 230 39.63 -79.03 2.11
CA VAL H 230 39.85 -78.52 3.46
C VAL H 230 38.68 -78.86 4.39
N GLU H 231 38.98 -78.84 5.67
CA GLU H 231 38.07 -79.17 6.76
C GLU H 231 37.74 -77.87 7.49
N ASN H 232 36.51 -77.76 7.99
CA ASN H 232 36.05 -76.57 8.70
C ASN H 232 36.79 -75.25 8.35
N PRO H 233 36.55 -74.73 7.12
CA PRO H 233 37.06 -73.41 6.79
C PRO H 233 36.36 -72.27 7.55
N ARG H 234 37.11 -71.23 7.86
CA ARG H 234 36.67 -70.13 8.71
C ARG H 234 35.26 -69.78 8.41
N ALA H 235 35.01 -69.54 7.14
CA ALA H 235 33.74 -69.09 6.71
C ALA H 235 32.70 -70.15 7.07
N VAL H 236 32.95 -71.40 6.67
CA VAL H 236 32.05 -72.43 7.08
C VAL H 236 31.96 -72.47 8.61
N LEU H 237 33.08 -72.44 9.30
CA LEU H 237 33.03 -72.67 10.74
C LEU H 237 32.12 -71.68 11.40
N PHE H 238 32.33 -70.40 11.09
CA PHE H 238 31.60 -69.37 11.79
C PHE H 238 30.10 -69.61 11.72
N LEU H 239 29.64 -70.12 10.59
CA LEU H 239 28.23 -70.44 10.46
C LEU H 239 27.82 -71.43 11.53
N LEU H 240 28.61 -72.49 11.65
CA LEU H 240 28.30 -73.54 12.59
C LEU H 240 28.26 -72.98 13.99
N CYS H 241 29.26 -72.16 14.28
CA CYS H 241 29.37 -71.47 15.56
C CYS H 241 28.16 -70.65 15.89
N SER H 242 27.52 -70.06 14.89
CA SER H 242 26.32 -69.29 15.11
C SER H 242 25.19 -70.09 15.75
N ASP H 243 24.99 -71.33 15.35
CA ASP H 243 23.98 -72.22 15.94
C ASP H 243 24.37 -72.79 17.32
N ASN H 244 25.68 -72.92 17.57
CA ASN H 244 26.19 -73.47 18.84
C ASN H 244 27.33 -72.56 19.32
N PRO H 245 27.01 -71.30 19.67
CA PRO H 245 28.08 -70.36 20.03
C PRO H 245 28.90 -70.86 21.20
N ASN H 246 28.29 -71.71 22.02
CA ASN H 246 28.96 -72.31 23.18
C ASN H 246 29.93 -73.47 22.89
N ALA H 247 30.08 -73.87 21.64
CA ALA H 247 31.05 -74.90 21.27
C ALA H 247 32.50 -74.47 21.51
N ARG H 248 33.36 -75.45 21.82
CA ARG H 248 34.73 -75.22 22.27
C ARG H 248 35.56 -74.77 21.07
N GLU H 249 35.30 -75.40 19.93
CA GLU H 249 35.87 -74.98 18.66
C GLU H 249 35.56 -73.50 18.33
N CYS H 250 34.82 -72.80 19.18
CA CYS H 250 34.36 -71.45 18.82
C CYS H 250 34.85 -70.32 19.71
N ARG H 251 35.54 -70.63 20.79
CA ARG H 251 35.86 -69.57 21.76
C ARG H 251 36.75 -68.53 21.11
N LEU H 252 36.30 -67.28 21.16
CA LEU H 252 37.04 -66.12 20.69
C LEU H 252 38.24 -65.83 21.60
N ALA H 253 39.35 -65.39 20.99
CA ALA H 253 40.63 -65.18 21.70
C ALA H 253 40.52 -64.41 23.02
BR1 AV1 I . 24.20 15.02 -19.22
O3 AV1 I . 28.99 15.52 -27.19
PA AV1 I . 28.94 14.92 -25.65
PN AV1 I . 28.37 14.77 -28.50
C1' AV1 I . 25.07 13.12 -21.85
N1A AV1 I . 20.12 11.55 -22.55
O1A AV1 I . 29.40 16.14 -24.73
C1D AV1 I . 22.44 15.25 -28.57
O1N AV1 I . 29.07 13.50 -28.79
C2' AV1 I . 25.56 11.67 -22.09
O2' AV1 I . 26.17 11.15 -20.90
C2A AV1 I . 21.19 11.21 -23.25
O2A AV1 I . 29.82 13.73 -25.46
C2D AV1 I . 22.58 16.57 -29.34
O2D AV1 I . 22.18 16.43 -30.73
O2N AV1 I . 28.47 15.81 -29.76
C3' AV1 I . 26.61 11.82 -23.21
O3' AV1 I . 27.92 11.42 -22.76
N3A AV1 I . 22.40 11.69 -22.95
C3D AV1 I . 24.08 16.87 -29.22
O3D AV1 I . 24.54 17.60 -30.36
C4' AV1 I . 26.61 13.32 -23.51
O4' AV1 I . 25.29 13.77 -23.12
C4A AV1 I . 22.57 12.55 -21.92
C4D AV1 I . 24.72 15.49 -29.18
O4D AV1 I . 23.69 14.54 -28.75
C5' AV1 I . 26.80 13.45 -25.02
O5' AV1 I . 27.37 14.72 -25.30
C5A AV1 I . 21.45 12.92 -21.17
C5D AV1 I . 25.83 15.60 -28.14
O5D AV1 I . 26.76 14.52 -28.26
C6A AV1 I . 20.22 12.40 -21.51
N6A AV1 I . 19.16 12.76 -20.78
N7A AV1 I . 21.85 13.76 -20.22
C8A AV1 I . 23.16 13.91 -20.37
N9A AV1 I . 23.62 13.19 -21.39
BR1 AV1 J . 2.07 34.33 -18.95
O3 AV1 J . -0.52 35.48 -10.78
PA AV1 J . -0.96 36.03 -12.28
PN AV1 J . -1.58 34.90 -9.63
C1' AV1 J . -0.58 32.69 -17.03
N1A AV1 J . 0.91 28.08 -19.02
O1A AV1 J . 0.39 36.23 -13.18
C1D AV1 J . -0.11 29.39 -8.42
O1N AV1 J . -2.99 35.44 -9.74
C2' AV1 J . -0.73 31.88 -15.71
O2' AV1 J . -1.68 30.84 -15.90
C2A AV1 J . -0.06 28.38 -18.17
O2A AV1 J . -1.73 37.30 -12.14
C2D AV1 J . 1.34 29.88 -8.46
O2D AV1 J . 2.01 29.35 -7.31
O2N AV1 J . -0.93 35.10 -8.12
C3' AV1 J . -1.23 32.91 -14.68
O3' AV1 J . -2.37 32.44 -13.94
N3A AV1 J . -0.28 29.63 -17.77
C3D AV1 J . 1.24 31.42 -8.38
O3D AV1 J . 1.68 31.96 -7.12
C4' AV1 J . -1.63 34.08 -15.57
O4' AV1 J . -0.50 34.09 -16.50
C4A AV1 J . 0.47 30.66 -18.22
C4D AV1 J . -0.25 31.72 -8.59
O4D AV1 J . -0.94 30.46 -8.86
C5' AV1 J . -1.89 35.29 -14.63
O5' AV1 J . -1.80 34.95 -13.18
C5A AV1 J . 1.49 30.37 -19.13
C5D AV1 J . -0.31 32.59 -9.86
O5D AV1 J . -1.55 33.31 -9.94
C6A AV1 J . 1.71 29.04 -19.52
N6A AV1 J . 2.68 28.72 -20.38
N7A AV1 J . 2.09 31.51 -19.42
C8A AV1 J . 1.46 32.50 -18.75
N9A AV1 J . 0.46 31.98 -17.99
BR1 AV1 K . 13.20 -23.99 14.58
O3 AV1 K . 10.89 -28.47 8.06
PA AV1 K . 11.90 -28.84 9.27
PN AV1 K . 9.74 -29.44 7.45
C1' AV1 K . 10.42 -26.30 14.15
N1A AV1 K . 7.08 -22.54 15.61
O1A AV1 K . 12.61 -27.44 9.52
C1D AV1 K . 5.18 -26.55 7.64
O1N AV1 K . 9.79 -30.86 7.92
C2' AV1 K . 9.14 -26.88 13.50
O2' AV1 K . 8.20 -27.25 14.52
C2A AV1 K . 6.85 -23.80 15.25
O2A AV1 K . 12.83 -29.93 8.88
C2D AV1 K . 5.60 -25.37 6.75
O2D AV1 K . 4.71 -25.27 5.63
O2N AV1 K . 9.79 -29.25 5.80
C3' AV1 K . 9.63 -28.11 12.70
O3' AV1 K . 8.99 -29.34 13.12
N3A AV1 K . 7.84 -24.62 14.90
C3D AV1 K . 7.00 -25.76 6.21
O3D AV1 K . 7.21 -25.39 4.82
C4' AV1 K . 11.13 -28.18 13.03
O4' AV1 K . 11.50 -26.77 13.28
C4A AV1 K . 9.13 -24.21 14.91
C4D AV1 K . 7.06 -27.28 6.41
O4D AV1 K . 5.72 -27.71 6.93
C5' AV1 K . 11.92 -28.89 11.87
O5' AV1 K . 11.13 -29.11 10.66
C5A AV1 K . 9.40 -22.89 15.30
C5D AV1 K . 8.14 -27.37 7.50
O5D AV1 K . 8.37 -28.70 7.94
C6A AV1 K . 8.35 -22.05 15.65
N6A AV1 K . 8.58 -20.79 16.03
N7A AV1 K . 10.73 -22.72 15.22
C8A AV1 K . 11.28 -23.87 14.82
N9A AV1 K . 10.30 -24.81 14.61
N1 CV1 L . 5.01 5.60 20.28
BR1 CV1 L . 0.36 2.91 16.86
C2 CV1 L . 4.78 6.66 19.39
N3 CV1 L . 3.86 6.57 18.45
C4 CV1 L . 3.10 5.48 18.28
C5 CV1 L . 3.26 4.39 19.12
C6 CV1 L . 4.21 4.44 20.13
N6 CV1 L . 4.35 3.38 20.92
N7 CV1 L . 2.40 3.45 18.75
C8 CV1 L . 1.72 3.93 17.72
N9 CV1 L . 2.13 5.16 17.42
PA CV1 L . 6.91 9.30 15.56
PB CV1 L . 7.49 10.11 18.29
C1' CV1 L . 1.65 6.06 16.29
O1A CV1 L . 7.86 8.20 15.73
O1B CV1 L . 8.89 10.05 17.85
C1D CV1 L . 6.06 5.69 21.34
C2' CV1 L . 1.38 7.54 16.64
O2' CV1 L . -0.03 7.83 16.45
O2A CV1 L . 7.29 10.44 14.69
O2B CV1 L . 7.01 11.32 18.96
C2D CV1 L . 7.21 4.66 21.15
O2D CV1 L . 7.53 4.02 22.40
C3' CV1 L . 2.29 8.38 15.69
O3' CV1 L . 1.52 9.03 14.66
O3A CV1 L . 6.48 9.88 17.02
C3D CV1 L . 8.41 5.45 20.63
O3D CV1 L . 9.57 5.23 21.45
C4' CV1 L . 3.28 7.40 15.03
O4' CV1 L . 2.75 6.04 15.27
C4D CV1 L . 8.01 6.94 20.70
O4D CV1 L . 6.71 7.00 21.36
C5' CV1 L . 4.77 7.57 15.54
O5' CV1 L . 5.46 8.72 14.98
C5D CV1 L . 7.99 7.63 19.29
O5D CV1 L . 7.15 8.82 19.24
BR1 AV1 M . -15.84 52.18 -0.09
O3 AV1 M . -18.16 47.24 -6.39
PA AV1 M . -16.97 48.09 -5.75
PN AV1 M . -18.32 45.64 -6.35
C1' AV1 M . -17.79 49.54 0.09
N1A AV1 M . -21.74 51.94 2.45
O1A AV1 M . -17.50 49.56 -5.88
C1D AV1 M . -22.88 44.36 -3.93
O1N AV1 M . -17.01 44.90 -6.09
C2' AV1 M . -19.02 49.05 -0.66
O2' AV1 M . -19.53 47.86 -0.04
C2A AV1 M . -21.65 50.66 2.09
O2A AV1 M . -15.70 47.82 -6.51
C2D AV1 M . -23.97 45.14 -4.68
O2D AV1 M . -24.98 44.23 -5.06
O2N AV1 M . -18.99 45.18 -7.74
C3' AV1 M . -18.52 48.83 -2.09
O3' AV1 M . -19.03 47.62 -2.64
N3A AV1 M . -20.56 50.20 1.48
C3D AV1 M . -23.25 45.68 -5.93
O3D AV1 M . -23.90 45.32 -7.13
C4' AV1 M . -17.01 48.75 -1.91
O4' AV1 M . -16.75 49.77 -0.94
C4A AV1 M . -19.50 51.01 1.23
C4D AV1 M . -21.86 45.03 -5.91
O4D AV1 M . -22.07 43.85 -5.05
C5' AV1 M . -16.43 48.94 -3.33
O5' AV1 M . -16.97 47.89 -4.19
C5A AV1 M . -19.57 52.34 1.59
C5D AV1 M . -20.78 46.08 -5.41
O5D AV1 M . -19.49 45.49 -5.21
C6A AV1 M . -20.73 52.80 2.22
N6A AV1 M . -20.85 54.06 2.59
N7A AV1 M . -18.40 52.91 1.23
C8A AV1 M . -17.63 51.96 0.64
N9A AV1 M . -18.31 50.81 0.64
BR1 AV1 N . -47.40 65.18 3.87
O3 AV1 N . -45.47 72.06 6.10
PA AV1 N . -46.71 71.17 5.63
PN AV1 N . -45.21 72.28 7.67
C1' AV1 N . -46.33 65.20 7.27
N1A AV1 N . -42.72 61.51 5.99
O1A AV1 N . -46.28 70.58 4.19
C1D AV1 N . -41.47 69.54 10.95
O1N AV1 N . -46.15 71.47 8.47
C2' AV1 N . -45.37 65.62 8.43
O2' AV1 N . -45.83 65.13 9.70
C2A AV1 N . -42.98 62.09 7.15
O2A AV1 N . -47.91 72.02 5.53
C2D AV1 N . -40.23 70.08 10.24
O2D AV1 N . -39.36 70.71 11.18
O2N AV1 N . -45.24 73.87 7.97
C3' AV1 N . -45.33 67.16 8.42
O3' AV1 N . -45.38 67.72 9.75
N3A AV1 N . -43.93 63.00 7.31
C3D AV1 N . -40.83 71.12 9.31
O3D AV1 N . -40.01 72.30 9.31
C4' AV1 N . -46.54 67.60 7.57
O4' AV1 N . -46.98 66.44 6.79
C4A AV1 N . -44.68 63.40 6.26
C4D AV1 N . -42.22 71.42 9.88
O4D AV1 N . -42.29 70.71 11.12
C5' AV1 N . -46.11 68.73 6.58
O5' AV1 N . -46.93 69.92 6.64
C5A AV1 N . -44.43 62.81 5.02
C5D AV1 N . -43.34 70.91 8.99
O5D AV1 N . -43.68 71.90 8.01
C6A AV1 N . -43.43 61.86 4.91
N6A AV1 N . -43.18 61.28 3.74
N7A AV1 N . -45.28 63.33 4.15
C8A AV1 N . -46.04 64.21 4.81
N9A AV1 N . -45.69 64.29 6.12
BR1 AV1 O . 18.31 -53.26 0.97
O3 AV1 O . 14.30 -49.79 8.31
PA AV1 O . 15.05 -49.40 6.98
PN AV1 O . 12.75 -49.46 8.42
C1' AV1 O . 15.61 -52.00 2.36
N1A AV1 O . 12.72 -56.10 0.89
O1A AV1 O . 16.35 -50.31 6.90
C1D AV1 O . 9.40 -53.48 7.65
O1N AV1 O . 12.45 -48.18 7.67
C2' AV1 O . 14.82 -50.83 1.72
O2' AV1 O . 15.01 -50.66 0.32
C2A AV1 O . 12.32 -55.03 1.58
O2A AV1 O . 15.32 -47.92 7.09
C2D AV1 O . 9.85 -54.55 8.66
O2D AV1 O . 8.85 -54.80 9.62
O2N AV1 O . 12.39 -49.43 10.02
C3' AV1 O . 15.50 -49.71 2.53
O3' AV1 O . 16.86 -49.48 2.15
N3A AV1 O . 13.16 -54.05 1.90
C3D AV1 O . 10.99 -53.86 9.39
O3D AV1 O . 10.83 -54.03 10.79
C4' AV1 O . 15.45 -50.35 3.92
O4' AV1 O . 15.17 -51.79 3.74
C4A AV1 O . 14.46 -54.14 1.52
C4D AV1 O . 10.85 -52.36 9.04
O4D AV1 O . 9.56 -52.27 8.46
C5' AV1 O . 14.29 -49.58 4.55
O5' AV1 O . 14.10 -49.98 5.87
C5A AV1 O . 14.90 -55.26 0.78
C5D AV1 O . 12.01 -52.07 8.10
O5D AV1 O . 11.96 -50.75 7.68
C6A AV1 O . 13.99 -56.25 0.46
N6A AV1 O . 14.39 -57.32 -0.22
N7A AV1 O . 16.18 -55.13 0.52
C8A AV1 O . 16.54 -53.97 1.06
N9A AV1 O . 15.51 -53.35 1.68
BR1 AV1 P . 17.34 -84.23 4.74
O3 AV1 P . 23.45 -86.89 0.10
PA AV1 P . 22.29 -87.49 1.06
PN AV1 P . 23.46 -87.34 -1.45
C1' AV1 P . 16.89 -84.99 1.16
N1A AV1 P . 14.76 -80.18 0.74
O1A AV1 P . 22.29 -86.51 2.34
C1D AV1 P . 21.26 -83.60 -5.29
O1N AV1 P . 22.97 -88.74 -1.57
C2' AV1 P . 17.49 -84.70 -0.25
O2' AV1 P . 16.52 -84.89 -1.30
C2A AV1 P . 14.95 -81.13 -0.16
O2A AV1 P . 22.55 -88.91 1.43
C2D AV1 P . 22.11 -82.40 -4.80
O2D AV1 P . 22.61 -81.68 -5.92
O2N AV1 P . 24.96 -87.19 -2.07
C3' AV1 P . 18.68 -85.68 -0.42
O3' AV1 P . 18.76 -86.21 -1.75
N3A AV1 P . 15.51 -82.30 0.13
C3D AV1 P . 23.26 -83.05 -4.04
O3D AV1 P . 24.52 -82.77 -4.70
C4' AV1 P . 18.35 -86.78 0.60
O4' AV1 P . 17.83 -85.98 1.74
C4A AV1 P . 15.91 -82.57 1.39
C4D AV1 P . 22.94 -84.55 -4.01
O4D AV1 P . 21.54 -84.70 -4.38
C5' AV1 P . 19.57 -87.71 0.93
O5' AV1 P . 20.83 -87.30 0.30
C5A AV1 P . 15.72 -81.58 2.35
C5D AV1 P . 23.01 -84.96 -2.54
O5D AV1 P . 22.53 -86.27 -2.28
C6A AV1 P . 15.13 -80.37 2.01
N6A AV1 P . 14.94 -79.44 2.92
N7A AV1 P . 16.17 -82.05 3.49
C8A AV1 P . 16.63 -83.28 3.26
N9A AV1 P . 16.49 -83.65 1.95
#